data_4ZGV
#
_entry.id   4ZGV
#
_cell.length_a   137.274
_cell.length_b   79.886
_cell.length_c   137.905
_cell.angle_alpha   90.00
_cell.angle_beta   90.71
_cell.angle_gamma   90.00
#
_symmetry.space_group_name_H-M   'P 1 21 1'
#
loop_
_entity.id
_entity.type
_entity.pdbx_description
1 polymer 'Ferredoxin receptor'
2 non-polymer 'LAURYL DIMETHYLAMINE-N-OXIDE'
3 non-polymer 'octyl beta-D-glucopyranoside'
4 water water
#
_entity_poly.entity_id   1
_entity_poly.type   'polypeptide(L)'
_entity_poly.pdbx_seq_one_letter_code
;MGSSHHHHHHSSGLVPRGSHMQQNDTSADENQQKNNAESEEEQQGDSSSGNSEDTILVRSTPTSQSMGMQIINAEQIKKM
PTGNGSVTELLKNNPNVQFSNTASSSNIPGELAPENVSFHGEKFYNNNFMVDGLSNNNNINPGANNGELNQQPDGYSPAD
LPAGGPQSFWINSELIESLEVFDSNISAKYGDFTGGVVDAKTMDPKLDKSSGKISYRTTRDSWTKYHISEVISEEFYSGT
NLYYQPKFKKHFYSATFNQPLSDKAGFIFAYNRQQSDIPYYHEYLQQWDDQERINETYLLKGTYLTDSGDIIRMTGMYSP
HESKFYKKDVKNGGFTNSGGGYRFNMEWEHNASWGKMTSLAGYQYTEDKTEHEADSYQTWRRFSSGFVSNVIDWSSSGGA
NGQNSNIGGYGSFATNTSSFSLKQDYELNPVSWYGINHQIDFGWETDFYTSRYRRFSDVYTGGVLVVPTGASAGSVVCQS
GDELCIPGEQYSRTRILYPERNVQVSNVNYAAYLQNSMSYGRLEVTPGVRVSYDDFLENLNIAPRFSASYDVFGDRSTRL
FGGANRYYAGNILAYKMRQGIGSNIQESRISPTAPWTTPTLRTGTNYNVSDLNTPYSDELSLGLSQRVMSTVWTAKWVNR
QGKEQFGRETTTIDGQSYRVMNNKGHTEGNTFSLEVEPISPHRFSFAEVNWKLGASVTKNKSNSIYYYDSANQDEQRVIF
DDKLMYRGDIDAMNFNTPWRAFLNVNTYFPAVRLSWDQRVGYTAGYKGYTTSSIQVQCPGGSSACNGDPSFVGGATEYFP
TQYDDFISYDWRFSYSQPVYKTQTLDITLDVLNVLDNVVETNQTGTSNKPIVIYKPGRQFWLGVAYTW
;
_entity_poly.pdbx_strand_id   A,B
#
loop_
_chem_comp.id
_chem_comp.type
_chem_comp.name
_chem_comp.formula
BOG D-saccharide 'octyl beta-D-glucopyranoside' 'C14 H28 O6'
LDA non-polymer 'LAURYL DIMETHYLAMINE-N-OXIDE' 'C14 H31 N O'
#
# COMPACT_ATOMS: atom_id res chain seq x y z
N SER A 60 -10.94 -1.16 16.83
CA SER A 60 -9.89 -1.14 17.90
C SER A 60 -10.00 -2.33 18.90
N THR A 61 -8.87 -2.76 19.46
CA THR A 61 -8.83 -3.97 20.31
C THR A 61 -9.56 -3.74 21.66
N PRO A 62 -10.09 -4.81 22.29
CA PRO A 62 -10.93 -4.61 23.47
C PRO A 62 -10.12 -4.18 24.68
N THR A 63 -10.76 -3.40 25.56
CA THR A 63 -10.06 -2.81 26.73
C THR A 63 -9.64 -3.87 27.75
N SER A 64 -10.41 -4.94 27.87
CA SER A 64 -10.07 -6.01 28.82
C SER A 64 -8.83 -6.84 28.44
N GLN A 65 -8.50 -6.89 27.16
CA GLN A 65 -7.34 -7.61 26.67
C GLN A 65 -6.06 -6.80 26.69
N SER A 66 -6.17 -5.49 26.45
CA SER A 66 -5.00 -4.61 26.50
C SER A 66 -4.49 -4.56 27.93
N MET A 67 -5.42 -4.49 28.88
CA MET A 67 -5.07 -4.62 30.30
C MET A 67 -4.01 -5.69 30.59
N GLY A 68 -4.06 -6.79 29.82
CA GLY A 68 -3.10 -7.87 30.00
C GLY A 68 -2.05 -8.06 28.91
N MET A 69 -1.74 -7.01 28.14
CA MET A 69 -0.63 -7.13 27.19
C MET A 69 0.32 -5.97 27.26
N GLN A 70 1.53 -6.19 26.77
CA GLN A 70 2.54 -5.14 26.63
C GLN A 70 2.84 -4.86 25.16
N ILE A 71 3.16 -3.59 24.86
CA ILE A 71 3.55 -3.19 23.54
C ILE A 71 4.79 -2.31 23.64
N ILE A 72 5.85 -2.77 23.01
CA ILE A 72 7.15 -2.10 23.02
C ILE A 72 7.55 -1.76 21.57
N ASN A 73 7.40 -0.50 21.20
CA ASN A 73 7.78 -0.07 19.86
C ASN A 73 9.26 0.27 19.81
N ALA A 74 9.81 0.41 18.61
CA ALA A 74 11.27 0.41 18.41
C ALA A 74 11.97 1.54 19.15
N GLU A 75 11.29 2.69 19.22
CA GLU A 75 11.83 3.86 19.90
C GLU A 75 11.81 3.68 21.42
N GLN A 76 10.89 2.86 21.94
CA GLN A 76 10.91 2.49 23.38
C GLN A 76 12.02 1.48 23.67
N ILE A 77 12.35 0.67 22.66
CA ILE A 77 13.41 -0.34 22.78
C ILE A 77 14.73 0.34 22.94
N LYS A 78 15.06 1.22 22.00
CA LYS A 78 16.33 1.93 22.01
C LYS A 78 16.65 2.62 23.36
N LYS A 79 15.61 2.95 24.13
CA LYS A 79 15.78 3.66 25.41
C LYS A 79 15.77 2.77 26.67
N MET A 80 15.99 1.47 26.52
CA MET A 80 16.22 0.63 27.69
C MET A 80 17.64 0.02 27.57
N PRO A 81 18.44 0.03 28.66
CA PRO A 81 19.85 -0.38 28.56
C PRO A 81 20.00 -1.87 28.48
N THR A 82 20.84 -2.35 27.58
CA THR A 82 20.86 -3.76 27.22
C THR A 82 22.27 -4.33 27.04
N GLY A 83 22.38 -5.65 27.24
CA GLY A 83 23.61 -6.39 26.95
C GLY A 83 23.52 -6.95 25.55
N ASN A 84 23.66 -8.26 25.41
CA ASN A 84 23.18 -8.93 24.20
C ASN A 84 21.77 -8.45 24.00
N GLY A 85 21.48 -7.82 22.87
CA GLY A 85 20.08 -7.53 22.55
C GLY A 85 19.47 -8.87 22.19
N SER A 86 18.40 -9.26 22.88
CA SER A 86 17.68 -10.49 22.52
C SER A 86 16.30 -10.30 23.00
N VAL A 87 15.41 -11.16 22.55
CA VAL A 87 13.98 -10.90 22.73
C VAL A 87 13.61 -10.98 24.19
N THR A 88 13.95 -12.09 24.82
CA THR A 88 13.57 -12.32 26.22
C THR A 88 14.11 -11.26 27.17
N GLU A 89 15.28 -10.71 26.86
CA GLU A 89 15.84 -9.58 27.60
C GLU A 89 14.86 -8.40 27.72
N LEU A 90 14.08 -8.15 26.68
CA LEU A 90 13.17 -6.99 26.65
C LEU A 90 12.01 -7.14 27.62
N LEU A 91 11.78 -8.39 28.05
CA LEU A 91 10.69 -8.71 28.97
C LEU A 91 10.94 -8.28 30.42
N LYS A 92 12.13 -7.74 30.70
CA LYS A 92 12.52 -7.47 32.09
C LYS A 92 11.76 -6.33 32.72
N ASN A 93 11.02 -5.58 31.90
CA ASN A 93 10.14 -4.54 32.45
C ASN A 93 8.66 -4.98 32.52
N ASN A 94 8.43 -6.29 32.65
CA ASN A 94 7.09 -6.89 32.73
C ASN A 94 6.97 -7.60 34.09
N PRO A 95 6.10 -7.08 34.98
CA PRO A 95 5.99 -7.70 36.31
C PRO A 95 5.39 -9.14 36.35
N ASN A 96 4.98 -9.67 35.21
CA ASN A 96 4.39 -11.00 35.17
C ASN A 96 5.34 -12.12 34.72
N VAL A 97 6.63 -11.79 34.63
CA VAL A 97 7.56 -12.70 34.05
C VAL A 97 8.69 -12.86 35.00
N GLN A 98 9.31 -14.04 34.97
CA GLN A 98 10.53 -14.29 35.72
C GLN A 98 11.49 -15.06 34.87
N PHE A 99 12.74 -15.05 35.31
CA PHE A 99 13.84 -15.65 34.58
C PHE A 99 14.54 -16.79 35.33
N SER A 100 15.21 -17.65 34.57
CA SER A 100 15.97 -18.73 35.15
C SER A 100 17.00 -18.13 36.11
N ASN A 101 17.09 -18.69 37.29
CA ASN A 101 18.15 -18.34 38.23
C ASN A 101 19.58 -18.24 37.63
N THR A 102 19.86 -19.04 36.59
CA THR A 102 21.18 -19.06 35.94
C THR A 102 21.25 -18.20 34.67
N ALA A 103 20.17 -17.51 34.37
CA ALA A 103 19.95 -16.95 33.03
C ALA A 103 20.89 -15.77 32.74
N SER A 104 21.13 -14.97 33.77
CA SER A 104 22.15 -13.94 33.73
C SER A 104 23.11 -14.27 34.88
N SER A 105 24.34 -14.65 34.52
CA SER A 105 25.38 -15.01 35.47
C SER A 105 26.77 -14.50 35.07
N SER A 106 27.59 -14.13 36.05
CA SER A 106 28.92 -13.59 35.76
C SER A 106 29.90 -14.57 35.16
N ASN A 107 29.56 -15.86 35.15
CA ASN A 107 30.49 -16.89 34.64
C ASN A 107 30.43 -16.95 33.14
N ILE A 108 29.34 -16.42 32.59
CA ILE A 108 28.90 -16.77 31.26
C ILE A 108 28.65 -15.53 30.36
N PRO A 109 29.59 -14.55 30.38
CA PRO A 109 29.53 -13.62 29.25
C PRO A 109 30.06 -14.39 28.06
N GLY A 110 30.17 -13.78 26.91
CA GLY A 110 30.53 -14.56 25.74
C GLY A 110 29.43 -15.48 25.24
N GLU A 111 28.47 -15.85 26.08
CA GLU A 111 27.35 -16.64 25.60
C GLU A 111 26.34 -15.77 24.89
N LEU A 112 25.67 -16.35 23.91
CA LEU A 112 24.84 -15.62 22.94
C LEU A 112 23.41 -16.07 22.85
N ALA A 113 23.05 -17.12 23.58
CA ALA A 113 21.70 -17.61 23.48
C ALA A 113 20.70 -16.63 24.09
N PRO A 114 19.41 -16.82 23.83
CA PRO A 114 18.35 -16.13 24.56
C PRO A 114 18.14 -16.67 25.96
N GLU A 115 17.78 -15.78 26.86
CA GLU A 115 17.54 -16.14 28.23
C GLU A 115 16.25 -16.95 28.27
N ASN A 116 15.97 -17.62 29.38
CA ASN A 116 14.74 -18.38 29.48
C ASN A 116 13.74 -17.73 30.39
N VAL A 117 12.48 -17.77 30.01
CA VAL A 117 11.50 -16.96 30.69
C VAL A 117 10.26 -17.74 31.03
N SER A 118 9.65 -17.41 32.16
CA SER A 118 8.45 -18.09 32.60
C SER A 118 7.40 -17.13 33.06
N PHE A 119 6.22 -17.22 32.45
CA PHE A 119 5.08 -16.35 32.77
C PHE A 119 4.24 -17.01 33.85
N HIS A 120 3.98 -16.30 34.95
CA HIS A 120 3.15 -16.82 36.04
C HIS A 120 3.56 -18.21 36.42
N GLY A 121 4.87 -18.41 36.49
CA GLY A 121 5.46 -19.68 36.84
C GLY A 121 4.99 -20.88 36.03
N GLU A 122 4.67 -20.65 34.76
CA GLU A 122 4.36 -21.76 33.87
C GLU A 122 5.67 -22.23 33.28
N LYS A 123 5.63 -23.39 32.67
CA LYS A 123 6.84 -23.94 32.08
C LYS A 123 7.52 -22.89 31.27
N PHE A 124 8.85 -22.99 31.15
CA PHE A 124 9.60 -22.02 30.32
C PHE A 124 9.58 -22.39 28.84
N TYR A 125 9.15 -23.60 28.55
CA TYR A 125 9.07 -24.06 27.17
C TYR A 125 7.59 -24.16 26.74
N ASN A 126 6.69 -23.53 27.52
CA ASN A 126 5.27 -23.47 27.19
C ASN A 126 4.78 -22.06 26.84
N ASN A 127 5.71 -21.26 26.33
CA ASN A 127 5.38 -19.98 25.79
C ASN A 127 5.24 -20.13 24.27
N ASN A 128 4.49 -19.19 23.67
CA ASN A 128 4.44 -19.03 22.22
C ASN A 128 5.30 -17.88 21.81
N PHE A 129 6.47 -18.21 21.32
CA PHE A 129 7.28 -17.21 20.66
C PHE A 129 6.96 -17.14 19.17
N MET A 130 6.46 -16.00 18.74
CA MET A 130 6.31 -15.75 17.32
C MET A 130 7.29 -14.70 16.79
N VAL A 131 7.49 -14.72 15.47
CA VAL A 131 8.04 -13.57 14.75
C VAL A 131 7.15 -13.29 13.54
N ASP A 132 6.78 -12.02 13.36
CA ASP A 132 5.93 -11.61 12.26
C ASP A 132 4.64 -12.39 12.35
N GLY A 133 4.12 -12.58 13.56
CA GLY A 133 2.88 -13.36 13.77
C GLY A 133 2.93 -14.89 13.57
N LEU A 134 4.04 -15.43 13.06
CA LEU A 134 4.18 -16.86 12.81
C LEU A 134 5.06 -17.54 13.83
N SER A 135 4.82 -18.84 14.04
CA SER A 135 5.51 -19.59 15.08
C SER A 135 7.05 -19.63 14.90
N ASN A 136 7.73 -19.50 16.03
CA ASN A 136 9.19 -19.55 16.14
C ASN A 136 9.51 -20.40 17.34
N ASN A 137 8.71 -21.44 17.57
CA ASN A 137 8.90 -22.38 18.68
C ASN A 137 9.54 -23.68 18.27
N ASN A 138 10.41 -24.21 19.11
CA ASN A 138 10.97 -25.53 18.91
C ASN A 138 10.04 -26.48 19.64
N ASN A 139 9.44 -27.38 18.86
CA ASN A 139 8.47 -28.37 19.36
C ASN A 139 9.05 -29.76 19.40
N ILE A 140 10.35 -29.92 19.66
CA ILE A 140 10.99 -31.25 19.73
C ILE A 140 11.63 -31.43 21.11
N ASN A 141 12.61 -30.57 21.43
CA ASN A 141 13.42 -30.69 22.65
C ASN A 141 13.77 -29.34 23.33
N PRO A 142 12.77 -28.47 23.56
CA PRO A 142 12.99 -27.10 24.01
C PRO A 142 13.39 -26.94 25.47
N GLY A 143 13.04 -27.91 26.30
CA GLY A 143 13.35 -27.78 27.72
C GLY A 143 14.48 -28.67 28.15
N ALA A 144 15.41 -28.97 27.23
CA ALA A 144 16.55 -29.83 27.58
C ALA A 144 17.26 -29.36 28.88
N ASN A 145 17.55 -30.33 29.76
CA ASN A 145 18.29 -30.06 31.00
C ASN A 145 17.59 -28.99 31.79
N ASN A 146 16.27 -29.08 31.90
CA ASN A 146 15.46 -28.00 32.48
C ASN A 146 16.04 -26.58 32.26
N GLY A 147 16.58 -26.33 31.05
CA GLY A 147 17.07 -25.00 30.68
C GLY A 147 18.47 -24.62 31.16
N GLU A 148 19.06 -25.45 32.00
CA GLU A 148 20.38 -25.17 32.55
C GLU A 148 21.43 -25.67 31.56
N LEU A 149 22.65 -25.22 31.74
CA LEU A 149 23.73 -25.54 30.82
C LEU A 149 24.29 -26.89 31.19
N ASN A 150 25.00 -27.53 30.28
CA ASN A 150 25.60 -28.83 30.54
C ASN A 150 27.08 -28.74 30.24
N GLN A 151 27.91 -29.15 31.21
CA GLN A 151 29.37 -29.13 31.02
C GLN A 151 29.78 -29.94 29.77
N GLN A 152 28.85 -30.76 29.31
CA GLN A 152 28.99 -31.39 28.03
C GLN A 152 27.76 -31.06 27.23
N PRO A 153 27.83 -30.00 26.40
CA PRO A 153 26.64 -29.62 25.71
C PRO A 153 26.12 -30.76 24.84
N ASP A 154 24.84 -30.76 24.55
CA ASP A 154 24.24 -31.90 23.88
C ASP A 154 24.80 -32.04 22.44
N GLY A 155 25.40 -33.19 22.19
CA GLY A 155 26.16 -33.44 20.98
C GLY A 155 27.59 -33.86 21.30
N TYR A 156 28.04 -33.57 22.50
CA TYR A 156 29.30 -34.09 23.01
C TYR A 156 29.36 -35.58 22.71
N SER A 157 28.31 -36.30 23.08
CA SER A 157 28.28 -37.77 23.07
C SER A 157 27.42 -38.31 21.93
N PRO A 158 27.78 -39.47 21.37
CA PRO A 158 27.24 -39.96 20.09
C PRO A 158 25.72 -40.14 19.98
N ALA A 159 25.10 -40.35 21.14
CA ALA A 159 23.71 -40.76 21.19
C ALA A 159 22.82 -39.65 21.78
N ASP A 160 23.22 -38.41 21.51
CA ASP A 160 22.58 -37.26 22.11
C ASP A 160 21.46 -36.82 21.16
N LEU A 161 20.36 -36.34 21.75
CA LEU A 161 19.32 -35.63 21.00
C LEU A 161 19.64 -34.17 21.11
N PRO A 162 19.87 -33.50 19.98
CA PRO A 162 20.28 -32.09 20.06
C PRO A 162 19.25 -31.24 20.79
N ALA A 163 19.70 -30.14 21.40
CA ALA A 163 18.83 -29.26 22.20
C ALA A 163 18.44 -27.99 21.44
N GLY A 164 19.10 -26.87 21.69
CA GLY A 164 18.79 -25.64 20.93
C GLY A 164 17.68 -24.74 21.50
N GLY A 165 16.95 -25.24 22.50
CA GLY A 165 16.12 -24.37 23.33
C GLY A 165 14.79 -23.92 22.74
N PRO A 166 14.02 -23.15 23.51
CA PRO A 166 12.64 -22.88 23.20
C PRO A 166 12.35 -22.05 21.94
N GLN A 167 13.34 -21.33 21.42
CA GLN A 167 13.12 -20.51 20.23
C GLN A 167 14.00 -21.02 19.13
N SER A 168 13.47 -21.20 17.92
CA SER A 168 14.28 -21.73 16.83
C SER A 168 15.05 -20.65 16.08
N PHE A 169 14.57 -19.42 16.04
CA PHE A 169 15.39 -18.30 15.52
C PHE A 169 15.70 -17.37 16.63
N TRP A 170 16.99 -17.05 16.79
CA TRP A 170 17.42 -16.16 17.85
C TRP A 170 17.59 -14.79 17.28
N ILE A 171 16.57 -13.96 17.39
CA ILE A 171 16.55 -12.70 16.71
C ILE A 171 17.12 -11.58 17.55
N ASN A 172 17.94 -10.72 16.94
CA ASN A 172 18.56 -9.63 17.69
C ASN A 172 17.53 -8.54 17.97
N SER A 173 17.83 -7.70 18.96
CA SER A 173 16.94 -6.62 19.36
C SER A 173 16.94 -5.43 18.44
N GLU A 174 17.84 -5.37 17.44
CA GLU A 174 17.65 -4.45 16.30
C GLU A 174 16.55 -5.17 15.53
N LEU A 175 16.48 -5.08 14.20
CA LEU A 175 15.55 -5.97 13.44
C LEU A 175 14.07 -6.04 13.84
N ILE A 176 13.67 -5.35 14.92
CA ILE A 176 12.34 -5.52 15.51
C ILE A 176 11.66 -4.15 15.70
N GLU A 177 10.50 -4.02 15.06
CA GLU A 177 9.70 -2.80 15.07
C GLU A 177 8.81 -2.78 16.30
N SER A 178 8.22 -3.90 16.64
CA SER A 178 7.29 -3.90 17.74
C SER A 178 7.26 -5.28 18.37
N LEU A 179 7.11 -5.30 19.69
CA LEU A 179 7.03 -6.54 20.44
C LEU A 179 5.74 -6.58 21.22
N GLU A 180 4.86 -7.49 20.82
CA GLU A 180 3.59 -7.66 21.51
C GLU A 180 3.69 -8.86 22.43
N VAL A 181 3.41 -8.60 23.73
CA VAL A 181 3.67 -9.52 24.84
C VAL A 181 2.40 -9.72 25.65
N PHE A 182 1.76 -10.87 25.45
CA PHE A 182 0.48 -11.19 26.08
C PHE A 182 0.70 -12.19 27.21
N ASP A 183 0.13 -11.92 28.37
CA ASP A 183 0.37 -12.77 29.57
C ASP A 183 -0.84 -13.12 30.41
N SER A 184 -1.97 -12.53 30.05
CA SER A 184 -3.17 -12.53 30.88
C SER A 184 -4.28 -12.31 29.86
N ASN A 185 -5.51 -12.73 30.12
CA ASN A 185 -6.64 -12.49 29.19
C ASN A 185 -6.21 -12.53 27.73
N ILE A 186 -5.65 -13.64 27.31
CA ILE A 186 -5.11 -13.71 25.98
C ILE A 186 -6.28 -13.97 25.04
N SER A 187 -6.09 -13.69 23.76
CA SER A 187 -7.15 -13.81 22.77
C SER A 187 -7.28 -15.25 22.25
N ALA A 188 -8.51 -15.68 21.93
CA ALA A 188 -8.74 -16.98 21.28
C ALA A 188 -7.99 -17.10 19.97
N LYS A 189 -7.63 -15.97 19.39
CA LYS A 189 -6.80 -15.94 18.20
C LYS A 189 -5.44 -16.65 18.45
N TYR A 190 -4.94 -16.64 19.68
CA TYR A 190 -3.62 -17.20 19.97
C TYR A 190 -3.71 -18.49 20.76
N GLY A 191 -2.99 -19.52 20.30
CA GLY A 191 -2.90 -20.77 21.03
C GLY A 191 -1.48 -21.31 21.05
N ASP A 192 -1.36 -22.59 21.40
CA ASP A 192 -0.09 -23.33 21.42
C ASP A 192 0.85 -22.76 22.48
N PHE A 193 0.27 -22.48 23.64
CA PHE A 193 0.97 -22.00 24.82
C PHE A 193 0.15 -22.30 26.07
N THR A 194 0.83 -22.46 27.21
CA THR A 194 0.20 -22.39 28.56
C THR A 194 0.60 -21.15 29.30
N GLY A 195 1.74 -20.57 28.92
CA GLY A 195 2.35 -19.46 29.66
C GLY A 195 2.02 -18.11 29.08
N GLY A 196 2.96 -17.53 28.34
CA GLY A 196 2.72 -16.27 27.66
C GLY A 196 2.81 -16.37 26.14
N VAL A 197 2.49 -15.27 25.46
CA VAL A 197 2.76 -15.15 24.03
C VAL A 197 3.70 -13.99 23.81
N VAL A 198 4.70 -14.20 22.95
CA VAL A 198 5.70 -13.19 22.69
C VAL A 198 5.93 -13.04 21.19
N ASP A 199 5.13 -12.15 20.60
CA ASP A 199 5.15 -11.87 19.15
C ASP A 199 6.03 -10.68 18.85
N ALA A 200 7.01 -10.92 17.99
CA ALA A 200 8.00 -9.96 17.65
C ALA A 200 7.87 -9.63 16.19
N LYS A 201 7.53 -8.38 15.89
CA LYS A 201 7.28 -7.96 14.51
C LYS A 201 8.49 -7.25 13.94
N THR A 202 8.97 -7.76 12.81
CA THR A 202 10.18 -7.26 12.20
C THR A 202 9.89 -5.99 11.44
N MET A 203 10.93 -5.37 10.90
CA MET A 203 10.82 -4.10 10.21
C MET A 203 10.07 -4.30 8.91
N ASP A 204 9.24 -3.32 8.56
CA ASP A 204 8.48 -3.34 7.30
C ASP A 204 9.11 -2.37 6.33
N PRO A 205 8.78 -2.47 5.04
CA PRO A 205 9.31 -1.44 4.17
C PRO A 205 8.54 -0.14 4.33
N LYS A 206 9.22 0.95 4.05
CA LYS A 206 8.62 2.26 3.80
C LYS A 206 8.70 2.57 2.31
N LEU A 207 7.70 3.32 1.86
CA LEU A 207 7.53 3.64 0.46
C LEU A 207 7.82 5.11 0.20
N ASP A 208 8.34 5.83 1.19
CA ASP A 208 8.56 7.29 1.04
C ASP A 208 9.99 7.73 0.74
N LYS A 209 10.96 7.20 1.48
CA LYS A 209 12.37 7.60 1.37
C LYS A 209 13.26 6.38 1.25
N SER A 210 14.53 6.60 0.97
CA SER A 210 15.49 5.50 1.02
C SER A 210 16.30 5.46 2.33
N SER A 211 15.65 5.06 3.43
CA SER A 211 16.34 4.85 4.73
C SER A 211 17.48 3.84 4.62
N GLY A 212 18.26 3.77 5.68
CA GLY A 212 19.31 2.77 5.81
C GLY A 212 20.24 3.10 6.96
N LYS A 213 20.90 2.04 7.48
CA LYS A 213 21.74 2.14 8.66
C LYS A 213 22.83 1.09 8.68
N ILE A 214 24.00 1.45 9.18
CA ILE A 214 25.05 0.48 9.48
C ILE A 214 25.48 0.70 10.93
N SER A 215 25.43 -0.36 11.74
CA SER A 215 25.79 -0.26 13.15
C SER A 215 26.99 -1.12 13.38
N TYR A 216 27.66 -0.91 14.53
CA TYR A 216 28.71 -1.79 15.04
C TYR A 216 28.77 -1.61 16.56
N ARG A 217 29.06 -2.67 17.30
CA ARG A 217 28.88 -2.64 18.75
C ARG A 217 29.65 -3.80 19.42
N THR A 218 30.24 -3.52 20.59
CA THR A 218 31.22 -4.42 21.20
C THR A 218 31.24 -4.37 22.74
N THR A 219 31.70 -5.48 23.33
CA THR A 219 32.09 -5.53 24.75
C THR A 219 33.22 -6.56 24.96
N ARG A 220 33.80 -6.58 26.17
CA ARG A 220 34.99 -7.39 26.42
C ARG A 220 35.13 -7.79 27.88
N ASP A 221 36.08 -8.71 28.11
CA ASP A 221 36.54 -9.07 29.47
C ASP A 221 37.13 -7.85 30.20
N SER A 222 38.13 -7.21 29.59
CA SER A 222 38.48 -5.85 29.95
C SER A 222 37.21 -5.08 29.63
N TRP A 223 36.63 -4.33 30.58
CA TRP A 223 35.26 -3.74 30.41
C TRP A 223 34.20 -4.51 31.21
N THR A 224 34.48 -5.78 31.51
CA THR A 224 33.62 -6.60 32.36
C THR A 224 34.30 -6.80 33.71
N LYS A 225 33.56 -6.55 34.79
CA LYS A 225 34.03 -6.83 36.14
C LYS A 225 33.30 -8.08 36.64
N TYR A 226 34.06 -9.13 36.95
CA TYR A 226 33.52 -10.47 37.28
C TYR A 226 33.30 -10.70 38.78
N HIS A 227 32.41 -11.64 39.13
CA HIS A 227 32.21 -12.07 40.53
C HIS A 227 32.12 -13.62 40.60
N ILE A 228 33.18 -14.26 41.12
CA ILE A 228 33.35 -15.72 41.08
C ILE A 228 33.71 -16.47 42.41
N SER A 229 32.83 -16.45 43.41
CA SER A 229 32.81 -17.47 44.53
C SER A 229 34.06 -17.79 45.39
N GLU A 230 35.28 -17.61 44.88
CA GLU A 230 36.43 -18.42 45.32
C GLU A 230 35.92 -19.84 45.13
N VAL A 231 36.50 -20.85 45.77
CA VAL A 231 36.29 -22.26 45.36
C VAL A 231 36.54 -22.43 43.86
N ILE A 232 35.69 -21.84 43.01
CA ILE A 232 35.85 -21.97 41.56
C ILE A 232 37.02 -21.15 41.03
N SER A 233 37.30 -19.99 41.64
CA SER A 233 38.18 -19.02 40.98
C SER A 233 39.44 -19.69 40.40
N GLU A 234 39.98 -20.70 41.07
CA GLU A 234 41.14 -21.46 40.55
C GLU A 234 40.85 -22.03 39.15
N GLU A 235 39.87 -22.92 39.12
CA GLU A 235 39.41 -23.57 37.91
C GLU A 235 38.88 -22.54 36.88
N PHE A 236 38.15 -21.53 37.35
CA PHE A 236 37.57 -20.50 36.48
C PHE A 236 38.63 -19.89 35.58
N TYR A 237 39.66 -19.31 36.23
CA TYR A 237 40.66 -18.53 35.52
C TYR A 237 41.64 -19.37 34.72
N SER A 238 41.66 -20.68 34.95
CA SER A 238 42.45 -21.58 34.10
C SER A 238 41.88 -21.66 32.66
N GLY A 239 40.58 -21.47 32.53
CA GLY A 239 39.93 -21.50 31.22
C GLY A 239 39.85 -22.90 30.64
N THR A 240 39.69 -23.86 31.53
CA THR A 240 39.58 -25.27 31.18
C THR A 240 38.14 -25.72 31.16
N ASN A 241 37.27 -24.81 31.61
CA ASN A 241 35.82 -25.02 31.66
C ASN A 241 35.14 -24.21 30.58
N LEU A 242 34.27 -24.87 29.82
CA LEU A 242 33.57 -24.26 28.70
C LEU A 242 32.74 -23.06 29.13
N TYR A 243 32.09 -23.19 30.28
CA TYR A 243 31.14 -22.20 30.74
C TYR A 243 31.67 -21.42 31.92
N TYR A 244 33.00 -21.35 32.02
CA TYR A 244 33.71 -20.36 32.84
C TYR A 244 34.61 -19.60 31.88
N GLN A 245 34.22 -18.36 31.58
CA GLN A 245 34.79 -17.59 30.46
C GLN A 245 35.39 -16.26 30.92
N PRO A 246 36.63 -16.31 31.37
CA PRO A 246 37.26 -15.12 31.92
C PRO A 246 37.68 -14.12 30.85
N LYS A 247 38.06 -14.61 29.70
CA LYS A 247 38.50 -13.77 28.60
C LYS A 247 37.60 -14.05 27.40
N PHE A 248 37.23 -12.97 26.69
CA PHE A 248 36.32 -13.04 25.56
C PHE A 248 36.17 -11.68 24.87
N LYS A 249 35.68 -11.72 23.64
CA LYS A 249 35.28 -10.52 22.89
C LYS A 249 34.02 -10.75 22.04
N LYS A 250 32.96 -9.97 22.31
CA LYS A 250 31.73 -9.94 21.48
C LYS A 250 31.77 -8.81 20.44
N HIS A 251 31.27 -9.10 19.24
CA HIS A 251 31.18 -8.14 18.11
C HIS A 251 29.85 -8.19 17.39
N PHE A 252 29.07 -7.10 17.40
CA PHE A 252 27.76 -7.06 16.71
C PHE A 252 27.73 -6.17 15.45
N TYR A 253 27.65 -6.75 14.25
CA TYR A 253 27.48 -5.95 13.02
C TYR A 253 26.05 -5.91 12.59
N SER A 254 25.63 -4.81 11.97
CA SER A 254 24.28 -4.74 11.39
C SER A 254 24.23 -3.80 10.18
N ALA A 255 23.41 -4.14 9.20
CA ALA A 255 23.21 -3.34 8.02
C ALA A 255 21.73 -3.41 7.60
N THR A 256 21.13 -2.24 7.29
CA THR A 256 19.72 -2.16 6.88
C THR A 256 19.62 -1.33 5.62
N PHE A 257 18.83 -1.77 4.64
CA PHE A 257 18.54 -1.01 3.42
C PHE A 257 17.05 -0.93 3.22
N ASN A 258 16.46 0.24 3.43
CA ASN A 258 15.08 0.43 3.02
C ASN A 258 14.99 1.02 1.62
N GLN A 259 14.11 0.49 0.79
CA GLN A 259 14.13 0.77 -0.65
C GLN A 259 12.76 0.79 -1.31
N PRO A 260 12.29 1.97 -1.69
CA PRO A 260 11.06 2.00 -2.46
C PRO A 260 11.34 1.67 -3.94
N LEU A 261 10.31 1.23 -4.66
CA LEU A 261 10.36 1.05 -6.11
C LEU A 261 9.30 1.87 -6.83
N SER A 262 8.10 1.96 -6.25
CA SER A 262 7.02 2.75 -6.84
C SER A 262 6.53 3.65 -5.78
N ASP A 263 5.53 4.45 -6.14
CA ASP A 263 4.60 5.03 -5.17
C ASP A 263 3.87 3.93 -4.45
N LYS A 264 3.79 2.74 -5.07
CA LYS A 264 3.12 1.60 -4.44
C LYS A 264 3.82 0.24 -4.31
N ALA A 265 5.16 0.21 -4.31
CA ALA A 265 5.88 -1.03 -3.93
C ALA A 265 7.33 -0.80 -3.49
N GLY A 266 7.74 -1.43 -2.40
CA GLY A 266 9.13 -1.32 -1.95
C GLY A 266 9.57 -2.51 -1.12
N PHE A 267 10.87 -2.76 -1.06
CA PHE A 267 11.36 -3.86 -0.25
C PHE A 267 12.25 -3.33 0.87
N ILE A 268 12.72 -4.24 1.71
CA ILE A 268 13.69 -3.91 2.73
C ILE A 268 14.57 -5.12 3.02
N PHE A 269 15.88 -4.91 2.91
CA PHE A 269 16.88 -5.90 3.28
C PHE A 269 17.47 -5.52 4.63
N ALA A 270 17.65 -6.50 5.50
CA ALA A 270 18.34 -6.29 6.76
C ALA A 270 19.25 -7.47 7.03
N TYR A 271 20.39 -7.18 7.67
CA TYR A 271 21.37 -8.17 8.05
C TYR A 271 21.85 -7.88 9.46
N ASN A 272 22.27 -8.91 10.15
CA ASN A 272 22.63 -8.76 11.54
C ASN A 272 23.42 -9.96 12.00
N ARG A 273 24.64 -9.72 12.44
CA ARG A 273 25.54 -10.75 12.91
C ARG A 273 26.01 -10.41 14.31
N GLN A 274 25.92 -11.37 15.20
CA GLN A 274 26.51 -11.27 16.53
C GLN A 274 27.50 -12.39 16.64
N GLN A 275 28.68 -12.06 17.11
CA GLN A 275 29.73 -13.02 17.16
C GLN A 275 30.42 -12.88 18.50
N SER A 276 30.95 -13.99 19.00
CA SER A 276 31.59 -13.99 20.27
C SER A 276 32.67 -15.04 20.26
N ASP A 277 33.89 -14.64 20.64
CA ASP A 277 35.04 -15.50 20.67
C ASP A 277 35.40 -15.73 22.13
N ILE A 278 35.62 -17.00 22.50
CA ILE A 278 35.97 -17.37 23.86
C ILE A 278 37.13 -18.38 23.90
N PRO A 279 38.31 -17.98 24.42
CA PRO A 279 39.37 -18.95 24.49
C PRO A 279 39.05 -20.06 25.46
N TYR A 280 39.77 -21.15 25.28
CA TYR A 280 39.54 -22.37 26.02
C TYR A 280 40.87 -23.10 26.01
N TYR A 281 41.21 -23.71 27.14
CA TYR A 281 42.50 -24.35 27.30
C TYR A 281 42.30 -25.81 27.65
N HIS A 282 43.11 -26.65 27.04
CA HIS A 282 43.27 -28.04 27.48
C HIS A 282 44.56 -28.26 28.39
N GLU A 283 44.35 -28.62 29.66
CA GLU A 283 45.39 -29.23 30.50
C GLU A 283 45.61 -30.54 29.77
N TYR A 284 46.75 -31.20 29.90
CA TYR A 284 46.95 -32.56 29.28
C TYR A 284 47.20 -32.54 27.77
N LEU A 285 46.22 -32.05 27.04
CA LEU A 285 46.44 -31.85 25.64
C LEU A 285 47.41 -30.68 25.44
N GLN A 286 47.34 -29.68 26.32
CA GLN A 286 48.22 -28.49 26.31
C GLN A 286 48.09 -27.63 25.05
N GLN A 287 46.88 -27.13 24.85
CA GLN A 287 46.49 -26.30 23.69
C GLN A 287 45.42 -25.30 24.08
N TRP A 288 45.51 -24.13 23.46
CA TRP A 288 44.44 -23.16 23.50
C TRP A 288 43.63 -23.24 22.19
N ASP A 289 42.34 -23.47 22.30
CA ASP A 289 41.43 -23.46 21.15
C ASP A 289 40.46 -22.37 21.46
N ASP A 290 39.82 -21.85 20.41
CA ASP A 290 38.84 -20.78 20.58
C ASP A 290 37.40 -21.29 20.37
N GLN A 291 36.62 -21.27 21.44
CA GLN A 291 35.19 -21.37 21.32
C GLN A 291 34.66 -20.23 20.44
N GLU A 292 33.53 -20.44 19.80
CA GLU A 292 32.87 -19.40 19.03
C GLU A 292 31.38 -19.45 19.24
N ARG A 293 30.74 -18.28 19.13
CA ARG A 293 29.29 -18.15 19.10
C ARG A 293 28.89 -17.18 17.98
N ILE A 294 28.18 -17.66 16.96
CA ILE A 294 27.75 -16.81 15.88
C ILE A 294 26.23 -16.91 15.84
N ASN A 295 25.56 -15.76 15.80
CA ASN A 295 24.15 -15.64 15.36
C ASN A 295 24.06 -14.79 14.15
N GLU A 296 23.42 -15.26 13.10
CA GLU A 296 23.12 -14.42 11.95
C GLU A 296 21.61 -14.33 11.68
N THR A 297 21.20 -13.24 11.05
CA THR A 297 19.82 -13.03 10.57
C THR A 297 19.88 -12.30 9.24
N TYR A 298 19.40 -12.91 8.16
CA TYR A 298 19.23 -12.20 6.93
C TYR A 298 17.72 -12.06 6.79
N LEU A 299 17.24 -10.88 6.41
CA LEU A 299 15.81 -10.62 6.32
C LEU A 299 15.52 -9.78 5.08
N LEU A 300 14.43 -10.10 4.40
CA LEU A 300 14.11 -9.49 3.12
C LEU A 300 12.60 -9.55 3.01
N LYS A 301 11.97 -8.36 2.89
CA LYS A 301 10.52 -8.22 2.82
C LYS A 301 10.14 -7.24 1.74
N GLY A 302 9.26 -7.66 0.82
CA GLY A 302 8.59 -6.78 -0.13
C GLY A 302 7.13 -6.57 0.27
N THR A 303 6.56 -5.43 -0.14
CA THR A 303 5.13 -5.24 -0.10
C THR A 303 4.71 -4.51 -1.38
N TYR A 304 3.49 -4.79 -1.81
CA TYR A 304 2.91 -4.27 -3.05
C TYR A 304 1.45 -3.96 -2.81
N LEU A 305 1.03 -2.75 -3.20
CA LEU A 305 -0.36 -2.34 -3.05
C LEU A 305 -0.99 -2.48 -4.41
N THR A 306 -2.10 -3.22 -4.49
CA THR A 306 -2.75 -3.47 -5.78
C THR A 306 -3.53 -2.24 -6.28
N ASP A 307 -3.99 -2.31 -7.53
CA ASP A 307 -4.85 -1.27 -8.10
C ASP A 307 -6.20 -1.28 -7.37
N SER A 308 -6.55 -2.49 -6.95
CA SER A 308 -7.71 -2.80 -6.11
C SER A 308 -7.70 -2.16 -4.68
N GLY A 309 -6.52 -1.85 -4.13
CA GLY A 309 -6.41 -1.37 -2.73
C GLY A 309 -6.10 -2.47 -1.70
N ASP A 310 -6.14 -3.71 -2.16
CA ASP A 310 -5.61 -4.85 -1.42
C ASP A 310 -4.09 -4.81 -1.41
N ILE A 311 -3.50 -5.54 -0.45
CA ILE A 311 -2.07 -5.50 -0.17
C ILE A 311 -1.49 -6.90 -0.28
N ILE A 312 -0.33 -6.98 -0.89
CA ILE A 312 0.39 -8.24 -0.96
C ILE A 312 1.77 -8.09 -0.31
N ARG A 313 2.06 -8.93 0.68
CA ARG A 313 3.38 -8.96 1.31
C ARG A 313 4.06 -10.27 1.07
N MET A 314 5.37 -10.20 1.16
CA MET A 314 6.19 -11.34 0.91
C MET A 314 7.46 -11.15 1.76
N THR A 315 7.78 -12.15 2.57
CA THR A 315 8.89 -12.13 3.48
C THR A 315 9.81 -13.30 3.19
N GLY A 316 11.07 -13.18 3.55
CA GLY A 316 11.98 -14.29 3.54
C GLY A 316 12.98 -14.05 4.64
N MET A 317 13.32 -15.09 5.39
CA MET A 317 14.25 -14.96 6.50
C MET A 317 15.21 -16.12 6.53
N TYR A 318 16.44 -15.87 6.96
CA TYR A 318 17.40 -16.94 7.15
C TYR A 318 18.14 -16.64 8.41
N SER A 319 18.06 -17.52 9.41
CA SER A 319 18.56 -17.16 10.72
C SER A 319 19.37 -18.29 11.37
N PRO A 320 20.48 -18.70 10.73
CA PRO A 320 21.33 -19.69 11.33
C PRO A 320 22.04 -19.11 12.54
N HIS A 321 22.20 -19.93 13.58
CA HIS A 321 23.16 -19.63 14.65
C HIS A 321 23.98 -20.88 14.94
N GLU A 322 25.22 -20.72 15.41
CA GLU A 322 26.04 -21.88 15.75
C GLU A 322 26.92 -21.65 16.94
N SER A 323 27.28 -22.75 17.60
CA SER A 323 28.12 -22.75 18.78
C SER A 323 29.27 -23.76 18.63
N LYS A 324 30.50 -23.26 18.70
CA LYS A 324 31.70 -24.04 18.42
C LYS A 324 32.24 -24.52 19.76
N PHE A 325 32.38 -25.84 19.92
CA PHE A 325 32.70 -26.47 21.22
C PHE A 325 33.94 -27.34 21.09
N TYR A 326 34.44 -27.79 22.24
CA TYR A 326 35.51 -28.79 22.30
C TYR A 326 35.34 -29.89 23.35
N LYS A 327 35.36 -31.13 22.85
CA LYS A 327 35.52 -32.29 23.72
C LYS A 327 36.91 -32.16 24.34
N LYS A 328 36.91 -32.43 25.64
CA LYS A 328 37.99 -32.05 26.56
C LYS A 328 39.24 -32.95 26.45
N ASP A 329 40.35 -32.31 26.10
CA ASP A 329 41.64 -32.94 26.05
C ASP A 329 41.67 -34.00 24.95
N VAL A 330 40.79 -33.85 23.95
CA VAL A 330 40.72 -34.80 22.85
C VAL A 330 41.32 -34.17 21.63
N LYS A 331 42.31 -34.85 21.06
CA LYS A 331 42.87 -34.45 19.78
C LYS A 331 41.73 -34.43 18.76
N ASN A 332 41.57 -33.34 18.02
CA ASN A 332 40.41 -33.18 17.08
C ASN A 332 39.04 -33.37 17.76
N GLY A 333 39.00 -32.97 19.03
CA GLY A 333 37.80 -33.01 19.84
C GLY A 333 36.73 -32.02 19.45
N GLY A 334 36.98 -31.20 18.44
CA GLY A 334 36.04 -30.14 18.08
C GLY A 334 34.68 -30.64 17.60
N PHE A 335 33.67 -29.81 17.84
CA PHE A 335 32.35 -30.07 17.32
C PHE A 335 31.54 -28.79 17.34
N THR A 336 30.65 -28.64 16.37
CA THR A 336 29.87 -27.44 16.26
C THR A 336 28.37 -27.71 16.27
N ASN A 337 27.66 -26.85 16.97
CA ASN A 337 26.24 -26.98 17.12
C ASN A 337 25.48 -25.87 16.41
N SER A 338 24.98 -26.24 15.23
CA SER A 338 24.21 -25.36 14.38
C SER A 338 22.76 -25.47 14.79
N GLY A 339 22.07 -24.35 14.64
CA GLY A 339 20.62 -24.24 14.88
C GLY A 339 20.05 -23.22 13.90
N GLY A 340 18.78 -22.89 14.05
CA GLY A 340 18.13 -21.97 13.12
C GLY A 340 17.68 -22.63 11.83
N GLY A 341 17.42 -21.80 10.82
CA GLY A 341 16.82 -22.27 9.55
C GLY A 341 16.35 -21.09 8.70
N TYR A 342 15.20 -21.25 8.02
CA TYR A 342 14.65 -20.20 7.21
C TYR A 342 13.15 -20.26 7.00
N ARG A 343 12.62 -19.19 6.42
CA ARG A 343 11.20 -19.03 6.17
C ARG A 343 10.88 -18.50 4.77
N PHE A 344 9.62 -18.65 4.35
CA PHE A 344 9.10 -17.89 3.24
C PHE A 344 7.62 -17.65 3.46
N ASN A 345 7.19 -16.39 3.58
CA ASN A 345 5.78 -16.04 3.70
C ASN A 345 5.25 -15.57 2.39
N MET A 346 3.93 -15.43 2.32
CA MET A 346 3.22 -14.79 1.19
C MET A 346 1.88 -14.41 1.81
N GLU A 347 1.50 -13.15 1.77
CA GLU A 347 0.37 -12.72 2.58
C GLU A 347 -0.45 -11.78 1.77
N TRP A 348 -1.76 -11.85 1.91
CA TRP A 348 -2.72 -11.15 1.03
C TRP A 348 -3.84 -10.51 1.82
N GLU A 349 -3.70 -9.22 2.06
CA GLU A 349 -4.75 -8.50 2.74
C GLU A 349 -5.84 -8.22 1.71
N HIS A 350 -7.09 -8.16 2.17
CA HIS A 350 -8.23 -7.79 1.33
C HIS A 350 -9.08 -6.90 2.17
N ASN A 351 -9.50 -5.76 1.62
CA ASN A 351 -10.35 -4.85 2.36
C ASN A 351 -11.70 -4.71 1.71
N ALA A 352 -12.68 -5.36 2.32
CA ALA A 352 -14.00 -5.48 1.74
C ALA A 352 -14.93 -4.56 2.50
N SER A 353 -16.17 -4.47 2.00
CA SER A 353 -17.19 -3.62 2.62
C SER A 353 -17.47 -4.03 4.08
N TRP A 354 -17.38 -5.33 4.36
CA TRP A 354 -17.77 -5.89 5.67
C TRP A 354 -16.69 -5.78 6.75
N GLY A 355 -15.42 -5.74 6.32
CA GLY A 355 -14.26 -5.79 7.22
C GLY A 355 -12.93 -6.07 6.51
N LYS A 356 -12.08 -6.86 7.15
CA LYS A 356 -10.76 -7.21 6.62
C LYS A 356 -10.58 -8.73 6.57
N MET A 357 -9.81 -9.22 5.60
CA MET A 357 -9.52 -10.64 5.52
C MET A 357 -8.10 -10.92 5.05
N THR A 358 -7.26 -11.29 5.99
CA THR A 358 -5.84 -11.54 5.75
C THR A 358 -5.52 -13.04 5.61
N SER A 359 -4.93 -13.42 4.47
CA SER A 359 -4.73 -14.85 4.13
C SER A 359 -3.26 -15.16 3.87
N LEU A 360 -2.70 -16.10 4.62
CA LEU A 360 -1.27 -16.34 4.57
C LEU A 360 -0.91 -17.76 4.22
N ALA A 361 0.12 -17.94 3.41
CA ALA A 361 0.79 -19.23 3.24
C ALA A 361 2.27 -19.11 3.57
N GLY A 362 2.77 -20.10 4.32
CA GLY A 362 4.17 -20.11 4.75
C GLY A 362 4.91 -21.44 4.79
N TYR A 363 6.22 -21.40 4.66
CA TYR A 363 7.01 -22.57 4.78
C TYR A 363 8.23 -22.20 5.59
N GLN A 364 8.69 -23.16 6.38
CA GLN A 364 9.69 -22.93 7.43
C GLN A 364 10.40 -24.20 7.85
N TYR A 365 11.62 -24.35 7.33
CA TYR A 365 12.61 -25.35 7.77
C TYR A 365 13.54 -24.83 8.85
N THR A 366 13.69 -25.63 9.91
CA THR A 366 14.46 -25.30 11.11
C THR A 366 15.24 -26.58 11.43
N GLU A 367 16.47 -26.47 11.92
CA GLU A 367 17.29 -27.66 12.17
C GLU A 367 18.38 -27.52 13.20
N ASP A 368 18.35 -28.42 14.20
CA ASP A 368 19.42 -28.56 15.20
C ASP A 368 20.36 -29.73 14.91
N LYS A 369 21.59 -29.40 14.56
CA LYS A 369 22.56 -30.36 14.08
C LYS A 369 23.83 -30.24 14.90
N THR A 370 24.44 -31.39 15.17
CA THR A 370 25.74 -31.48 15.81
C THR A 370 26.66 -32.11 14.77
N GLU A 371 27.80 -31.48 14.55
CA GLU A 371 28.79 -31.94 13.57
C GLU A 371 30.20 -31.88 14.16
N HIS A 372 30.87 -33.03 14.23
CA HIS A 372 32.14 -33.17 14.92
C HIS A 372 33.26 -33.05 13.90
N GLU A 373 34.44 -32.57 14.32
CA GLU A 373 35.61 -32.39 13.43
C GLU A 373 35.98 -33.68 12.73
N ALA A 374 35.71 -34.83 13.36
CA ALA A 374 35.90 -36.13 12.72
C ALA A 374 34.75 -37.11 13.03
N ASP A 375 34.73 -38.21 12.31
CA ASP A 375 33.62 -39.18 12.37
C ASP A 375 33.97 -40.55 13.00
N SER A 376 35.07 -40.61 13.74
CA SER A 376 35.46 -41.80 14.49
C SER A 376 36.17 -41.36 15.75
N TYR A 377 36.16 -42.19 16.77
CA TYR A 377 36.75 -41.88 18.05
C TYR A 377 37.71 -42.98 18.49
N GLN A 378 38.89 -42.63 18.98
CA GLN A 378 39.79 -43.62 19.56
C GLN A 378 40.32 -43.23 20.93
N THR A 379 40.66 -44.23 21.74
CA THR A 379 41.40 -44.00 22.98
C THR A 379 42.65 -44.89 22.89
N TRP A 380 43.81 -44.25 22.89
CA TRP A 380 45.06 -44.98 22.73
C TRP A 380 45.84 -44.84 24.00
N ARG A 381 46.87 -45.67 24.12
CA ARG A 381 47.74 -45.62 25.28
C ARG A 381 49.07 -44.98 24.93
N ARG A 382 49.44 -43.95 25.69
CA ARG A 382 50.71 -43.27 25.48
C ARG A 382 51.87 -44.02 26.14
N PHE A 383 51.68 -44.36 27.40
CA PHE A 383 52.64 -45.18 28.10
C PHE A 383 52.01 -45.82 29.32
N SER A 384 52.57 -46.95 29.68
CA SER A 384 52.18 -47.73 30.85
C SER A 384 53.33 -48.69 31.21
N SER A 385 53.27 -49.24 32.41
CA SER A 385 54.25 -50.24 32.79
C SER A 385 54.52 -51.18 31.61
N GLY A 386 55.78 -51.22 31.20
CA GLY A 386 56.22 -52.10 30.11
C GLY A 386 56.04 -51.51 28.71
N PHE A 387 55.46 -50.32 28.62
CA PHE A 387 55.07 -49.79 27.33
C PHE A 387 55.26 -48.27 27.15
N VAL A 388 55.82 -47.89 26.02
CA VAL A 388 55.88 -46.49 25.64
C VAL A 388 55.74 -46.41 24.14
N SER A 389 54.84 -45.54 23.69
CA SER A 389 54.55 -45.47 22.27
C SER A 389 55.50 -44.51 21.59
N ASN A 390 55.84 -44.83 20.34
CA ASN A 390 56.59 -43.96 19.46
C ASN A 390 55.71 -43.03 18.66
N VAL A 391 54.41 -43.27 18.72
CA VAL A 391 53.45 -42.61 17.83
C VAL A 391 52.46 -41.69 18.55
N ILE A 392 52.18 -41.95 19.82
CA ILE A 392 51.25 -41.09 20.55
C ILE A 392 51.96 -39.89 21.26
N ASP A 393 51.85 -38.72 20.63
CA ASP A 393 52.48 -37.46 21.10
C ASP A 393 51.81 -36.86 22.29
N TRP A 394 50.51 -37.03 22.36
CA TRP A 394 49.65 -36.20 23.21
C TRP A 394 49.11 -37.08 24.34
N SER A 395 48.42 -36.46 25.30
CA SER A 395 47.80 -37.18 26.38
C SER A 395 46.55 -36.48 26.79
N SER A 396 45.68 -37.21 27.46
CA SER A 396 44.41 -36.66 27.92
C SER A 396 44.27 -36.75 29.43
N SER A 397 45.25 -37.31 30.11
CA SER A 397 45.03 -37.71 31.51
C SER A 397 46.05 -37.21 32.53
N GLY A 398 47.34 -37.26 32.20
CA GLY A 398 48.39 -36.85 33.15
C GLY A 398 48.68 -37.72 34.39
N GLY A 399 48.25 -38.99 34.40
CA GLY A 399 48.65 -39.95 35.45
C GLY A 399 50.17 -40.08 35.47
N ALA A 400 50.74 -40.30 36.64
CA ALA A 400 52.21 -40.41 36.79
C ALA A 400 52.77 -41.70 36.15
N ASN A 401 52.10 -42.81 36.45
CA ASN A 401 52.44 -44.15 35.96
C ASN A 401 51.71 -44.57 34.61
N GLY A 402 50.57 -43.96 34.29
CA GLY A 402 49.88 -44.29 33.04
C GLY A 402 49.11 -43.15 32.39
N GLN A 403 49.30 -43.00 31.08
CA GLN A 403 48.60 -41.98 30.34
C GLN A 403 47.96 -42.48 29.06
N ASN A 404 46.71 -42.05 28.90
CA ASN A 404 45.87 -42.38 27.75
C ASN A 404 45.60 -41.14 26.91
N SER A 405 45.33 -41.38 25.63
CA SER A 405 45.24 -40.32 24.67
C SER A 405 44.03 -40.50 23.77
N ASN A 406 43.05 -39.60 23.91
CA ASN A 406 41.82 -39.65 23.14
C ASN A 406 41.95 -38.81 21.90
N ILE A 407 41.35 -39.27 20.79
CA ILE A 407 41.40 -38.56 19.52
C ILE A 407 40.11 -38.79 18.77
N GLY A 408 39.54 -37.70 18.26
CA GLY A 408 38.42 -37.80 17.31
C GLY A 408 37.05 -37.40 17.84
N GLY A 409 36.01 -38.04 17.32
CA GLY A 409 34.62 -37.64 17.57
C GLY A 409 33.54 -38.51 16.94
N TYR A 410 32.29 -38.07 17.04
CA TYR A 410 31.13 -38.96 16.85
C TYR A 410 30.22 -38.59 15.70
N GLY A 411 30.84 -38.10 14.64
CA GLY A 411 30.12 -37.85 13.38
C GLY A 411 29.25 -36.61 13.35
N SER A 412 28.26 -36.60 12.48
CA SER A 412 27.25 -35.59 12.59
C SER A 412 25.87 -36.21 12.69
N PHE A 413 24.96 -35.42 13.21
CA PHE A 413 23.63 -35.88 13.39
C PHE A 413 22.74 -34.72 13.78
N ALA A 414 21.45 -34.86 13.56
CA ALA A 414 20.58 -33.72 13.71
C ALA A 414 19.12 -34.09 13.91
N THR A 415 18.33 -33.11 14.36
CA THR A 415 16.87 -33.09 14.14
C THR A 415 16.46 -31.89 13.32
N ASN A 416 15.43 -32.05 12.49
CA ASN A 416 14.82 -30.90 11.83
C ASN A 416 13.32 -30.98 11.81
N THR A 417 12.67 -29.85 11.51
CA THR A 417 11.24 -29.85 11.16
C THR A 417 11.02 -29.00 9.91
N SER A 418 10.38 -29.61 8.90
CA SER A 418 9.99 -28.93 7.67
C SER A 418 8.50 -28.71 7.79
N SER A 419 8.01 -27.49 7.54
CA SER A 419 6.58 -27.24 7.74
C SER A 419 5.92 -26.16 6.88
N PHE A 420 4.75 -26.50 6.36
CA PHE A 420 3.99 -25.66 5.44
C PHE A 420 2.69 -25.27 6.16
N SER A 421 2.36 -23.99 6.13
CA SER A 421 1.27 -23.43 6.93
C SER A 421 0.34 -22.58 6.08
N LEU A 422 -0.94 -22.61 6.45
CA LEU A 422 -1.98 -21.90 5.77
C LEU A 422 -2.90 -21.28 6.77
N LYS A 423 -2.78 -19.99 6.98
CA LYS A 423 -3.60 -19.30 7.96
C LYS A 423 -4.73 -18.60 7.26
N GLN A 424 -5.73 -18.14 8.01
CA GLN A 424 -6.65 -17.14 7.49
C GLN A 424 -7.47 -16.46 8.56
N ASP A 425 -7.41 -15.13 8.63
CA ASP A 425 -8.01 -14.36 9.75
C ASP A 425 -8.90 -13.24 9.27
N TYR A 426 -10.05 -13.09 9.94
CA TYR A 426 -11.10 -12.15 9.56
C TYR A 426 -11.34 -11.18 10.69
N GLU A 427 -11.35 -9.90 10.34
CA GLU A 427 -11.73 -8.86 11.30
C GLU A 427 -12.96 -8.19 10.70
N LEU A 428 -14.13 -8.53 11.22
CA LEU A 428 -15.37 -7.89 10.77
C LEU A 428 -15.52 -6.49 11.36
N ASN A 429 -16.17 -5.61 10.60
CA ASN A 429 -16.53 -4.30 11.09
C ASN A 429 -17.62 -4.42 12.11
N PRO A 430 -17.61 -3.52 13.12
CA PRO A 430 -18.61 -3.59 14.18
C PRO A 430 -20.01 -3.51 13.66
N VAL A 431 -20.90 -4.11 14.43
CA VAL A 431 -22.26 -4.33 14.00
C VAL A 431 -23.09 -4.28 15.26
N SER A 432 -24.09 -3.39 15.29
CA SER A 432 -25.00 -3.34 16.43
C SER A 432 -26.25 -4.20 16.12
N TRP A 433 -26.67 -4.99 17.10
CA TRP A 433 -27.78 -5.94 16.95
C TRP A 433 -28.29 -6.30 18.33
N TYR A 434 -29.59 -6.15 18.54
CA TYR A 434 -30.18 -6.27 19.88
C TYR A 434 -29.51 -5.26 20.83
N GLY A 435 -29.26 -4.05 20.31
CA GLY A 435 -28.83 -2.90 21.12
C GLY A 435 -27.37 -2.76 21.54
N ILE A 436 -26.50 -3.69 21.10
CA ILE A 436 -25.08 -3.67 21.48
C ILE A 436 -24.14 -3.94 20.31
N ASN A 437 -22.90 -3.50 20.45
CA ASN A 437 -21.88 -3.58 19.39
C ASN A 437 -21.11 -4.88 19.38
N HIS A 438 -20.90 -5.44 18.19
CA HIS A 438 -20.29 -6.76 18.03
C HIS A 438 -19.02 -6.72 17.17
N GLN A 439 -17.88 -6.60 17.84
CA GLN A 439 -16.57 -6.70 17.20
C GLN A 439 -16.26 -8.17 17.07
N ILE A 440 -16.42 -8.71 15.86
CA ILE A 440 -16.20 -10.12 15.65
C ILE A 440 -14.84 -10.35 15.00
N ASP A 441 -14.09 -11.33 15.52
CA ASP A 441 -12.94 -11.90 14.81
C ASP A 441 -13.18 -13.38 14.70
N PHE A 442 -12.74 -13.94 13.60
CA PHE A 442 -12.65 -15.39 13.49
C PHE A 442 -11.59 -15.75 12.49
N GLY A 443 -11.20 -17.03 12.47
CA GLY A 443 -10.13 -17.48 11.61
C GLY A 443 -9.78 -18.91 11.87
N TRP A 444 -8.97 -19.46 10.95
CA TRP A 444 -8.50 -20.83 11.05
C TRP A 444 -7.08 -20.90 10.57
N GLU A 445 -6.44 -22.03 10.85
CA GLU A 445 -5.12 -22.34 10.32
C GLU A 445 -4.78 -23.77 10.40
N THR A 446 -3.89 -24.21 9.52
CA THR A 446 -3.48 -25.60 9.48
C THR A 446 -2.02 -25.67 9.13
N ASP A 447 -1.33 -26.65 9.72
CA ASP A 447 0.10 -26.76 9.59
C ASP A 447 0.36 -28.22 9.33
N PHE A 448 1.08 -28.49 8.25
CA PHE A 448 1.55 -29.83 7.89
C PHE A 448 3.04 -29.86 8.18
N TYR A 449 3.51 -30.71 9.08
CA TYR A 449 4.90 -30.67 9.41
C TYR A 449 5.50 -32.03 9.38
N THR A 450 6.81 -32.09 9.20
CA THR A 450 7.54 -33.34 9.30
C THR A 450 8.85 -33.20 10.06
N SER A 451 8.93 -33.94 11.18
CA SER A 451 10.10 -33.97 12.07
C SER A 451 10.99 -35.19 11.82
N ARG A 452 12.30 -34.98 11.75
CA ARG A 452 13.24 -36.08 11.64
C ARG A 452 14.28 -36.05 12.76
N TYR A 453 14.93 -37.20 12.94
CA TYR A 453 16.25 -37.29 13.56
C TYR A 453 17.10 -38.04 12.55
N ARG A 454 18.37 -37.72 12.43
CA ARG A 454 19.19 -38.53 11.54
C ARG A 454 20.67 -38.59 12.00
N ARG A 455 21.28 -39.77 11.99
CA ARG A 455 22.73 -39.82 11.96
C ARG A 455 23.07 -39.92 10.49
N PHE A 456 23.98 -39.06 10.04
CA PHE A 456 24.29 -38.92 8.61
C PHE A 456 25.18 -40.03 8.07
N SER A 457 25.98 -40.66 8.92
CA SER A 457 26.84 -41.77 8.48
C SER A 457 27.40 -42.53 9.66
N ASP A 458 27.88 -43.75 9.41
CA ASP A 458 28.29 -44.65 10.47
C ASP A 458 29.47 -44.05 11.20
N VAL A 459 29.43 -44.08 12.54
CA VAL A 459 30.56 -43.64 13.33
C VAL A 459 30.99 -44.84 14.15
N TYR A 460 32.30 -45.07 14.12
CA TYR A 460 32.98 -46.14 14.86
C TYR A 460 33.73 -45.57 16.08
N THR A 461 33.58 -46.23 17.22
CA THR A 461 34.40 -45.96 18.38
C THR A 461 35.29 -47.20 18.63
N GLY A 462 36.45 -46.99 19.21
CA GLY A 462 37.36 -48.08 19.55
C GLY A 462 36.81 -48.72 20.81
N GLY A 463 37.00 -50.03 20.93
CA GLY A 463 36.42 -50.79 22.06
C GLY A 463 37.48 -51.01 23.11
N VAL A 464 37.56 -52.22 23.67
CA VAL A 464 38.64 -52.50 24.63
C VAL A 464 39.99 -52.56 23.94
N LEU A 465 41.00 -52.23 24.72
CA LEU A 465 42.31 -52.03 24.18
C LEU A 465 43.14 -53.26 24.40
N VAL A 466 44.16 -53.43 23.58
CA VAL A 466 45.21 -54.38 23.93
C VAL A 466 46.53 -53.64 23.69
N VAL A 467 47.53 -54.00 24.50
CA VAL A 467 48.82 -53.34 24.52
C VAL A 467 49.75 -54.41 24.95
N PRO A 468 50.05 -55.34 24.04
CA PRO A 468 50.83 -56.46 24.52
C PRO A 468 52.23 -55.98 24.85
N THR A 469 52.74 -56.44 26.00
CA THR A 469 54.04 -56.06 26.53
C THR A 469 54.81 -57.35 26.83
N GLY A 470 55.92 -57.22 27.55
CA GLY A 470 56.67 -58.38 28.03
C GLY A 470 57.19 -59.26 26.91
N ALA A 471 56.98 -60.58 27.06
CA ALA A 471 57.37 -61.59 26.07
C ALA A 471 56.97 -61.19 24.64
N SER A 472 55.71 -60.78 24.46
CA SER A 472 55.16 -60.39 23.14
C SER A 472 55.00 -58.86 23.02
N ALA A 473 56.11 -58.15 23.11
CA ALA A 473 56.08 -56.69 23.26
C ALA A 473 55.92 -55.89 21.98
N GLY A 474 56.39 -56.43 20.85
CA GLY A 474 56.39 -55.67 19.61
C GLY A 474 55.41 -56.15 18.57
N SER A 475 54.56 -57.10 18.98
CA SER A 475 53.88 -58.04 18.07
C SER A 475 52.48 -57.65 17.47
N VAL A 476 52.11 -56.37 17.51
CA VAL A 476 50.93 -55.93 16.80
C VAL A 476 51.22 -55.87 15.29
N VAL A 477 50.47 -56.67 14.51
CA VAL A 477 50.58 -56.77 13.03
C VAL A 477 49.31 -56.23 12.36
N CYS A 478 49.32 -55.00 11.89
CA CYS A 478 48.08 -54.31 11.47
C CYS A 478 47.60 -54.60 10.06
N GLN A 479 46.34 -54.27 9.81
CA GLN A 479 45.74 -54.38 8.48
C GLN A 479 45.78 -53.03 7.75
N SER A 480 46.08 -53.05 6.46
CA SER A 480 46.43 -51.84 5.73
C SER A 480 45.52 -50.64 6.03
N GLY A 481 44.21 -50.84 6.11
CA GLY A 481 43.29 -49.70 6.32
C GLY A 481 42.89 -49.36 7.75
N ASP A 482 43.39 -50.15 8.71
CA ASP A 482 42.77 -50.28 10.04
C ASP A 482 42.93 -49.06 10.94
N GLU A 483 41.85 -48.30 11.09
CA GLU A 483 41.85 -47.14 11.99
C GLU A 483 42.00 -47.51 13.47
N LEU A 484 41.87 -48.79 13.82
CA LEU A 484 41.95 -49.24 15.21
C LEU A 484 43.08 -50.23 15.43
N CYS A 485 44.28 -49.82 15.09
CA CYS A 485 45.45 -50.68 15.14
C CYS A 485 46.67 -49.82 14.82
N ILE A 486 47.64 -49.76 15.73
CA ILE A 486 48.84 -48.95 15.50
C ILE A 486 50.07 -49.87 15.37
N PRO A 487 50.55 -50.09 14.14
CA PRO A 487 51.49 -51.22 13.87
C PRO A 487 52.66 -51.26 14.82
N GLY A 488 52.91 -52.42 15.41
CA GLY A 488 53.96 -52.55 16.41
C GLY A 488 53.55 -52.31 17.87
N GLU A 489 52.50 -51.51 18.11
CA GLU A 489 52.16 -51.08 19.48
C GLU A 489 50.91 -51.67 20.10
N GLN A 490 49.74 -51.41 19.50
CA GLN A 490 48.45 -51.65 20.17
C GLN A 490 47.29 -51.75 19.19
N TYR A 491 46.21 -52.39 19.63
CA TYR A 491 45.03 -52.55 18.80
C TYR A 491 43.75 -52.69 19.63
N SER A 492 42.59 -52.63 18.97
CA SER A 492 41.27 -52.80 19.64
C SER A 492 40.64 -54.15 19.41
N ARG A 493 40.21 -54.78 20.50
CA ARG A 493 39.61 -56.12 20.47
C ARG A 493 38.14 -56.03 20.07
N THR A 494 37.46 -55.06 20.65
CA THR A 494 36.07 -54.79 20.33
C THR A 494 36.01 -53.46 19.63
N ARG A 495 34.88 -53.19 18.99
CA ARG A 495 34.62 -51.90 18.37
C ARG A 495 33.12 -51.64 18.27
N ILE A 496 32.70 -50.47 18.71
CA ILE A 496 31.30 -50.13 18.76
C ILE A 496 30.96 -49.23 17.59
N LEU A 497 29.93 -49.60 16.82
CA LEU A 497 29.46 -48.84 15.66
C LEU A 497 28.12 -48.23 15.96
N TYR A 498 28.05 -46.90 15.88
CA TYR A 498 26.81 -46.18 16.05
C TYR A 498 26.29 -45.89 14.65
N PRO A 499 25.17 -46.55 14.24
CA PRO A 499 24.92 -46.67 12.79
C PRO A 499 24.20 -45.50 12.16
N GLU A 500 24.28 -45.40 10.84
CA GLU A 500 23.52 -44.39 10.08
C GLU A 500 22.07 -44.74 10.25
N ARG A 501 21.28 -43.76 10.63
CA ARG A 501 19.97 -44.01 11.16
C ARG A 501 19.07 -42.88 10.78
N ASN A 502 17.77 -43.11 11.00
CA ASN A 502 16.77 -42.15 10.66
C ASN A 502 15.38 -42.44 11.24
N VAL A 503 14.80 -41.47 11.92
CA VAL A 503 13.47 -41.58 12.46
C VAL A 503 12.73 -40.34 12.07
N GLN A 504 11.43 -40.48 11.82
CA GLN A 504 10.72 -39.49 11.03
C GLN A 504 9.23 -39.49 11.27
N VAL A 505 8.68 -38.39 11.73
CA VAL A 505 7.24 -38.23 11.90
C VAL A 505 6.72 -37.24 10.88
N SER A 506 5.49 -37.43 10.39
CA SER A 506 4.81 -36.41 9.56
C SER A 506 3.39 -36.18 10.02
N ASN A 507 3.09 -34.98 10.44
CA ASN A 507 1.82 -34.68 11.08
C ASN A 507 1.14 -33.47 10.53
N VAL A 508 -0.06 -33.22 11.04
CA VAL A 508 -0.91 -32.12 10.62
C VAL A 508 -1.73 -31.66 11.80
N ASN A 509 -1.53 -30.42 12.23
CA ASN A 509 -2.45 -29.80 13.21
C ASN A 509 -3.38 -28.81 12.52
N TYR A 510 -4.54 -28.61 13.14
CA TYR A 510 -5.62 -27.76 12.64
C TYR A 510 -6.06 -26.89 13.79
N ALA A 511 -6.46 -25.66 13.50
CA ALA A 511 -7.09 -24.81 14.51
C ALA A 511 -8.04 -23.78 13.94
N ALA A 512 -9.01 -23.39 14.74
CA ALA A 512 -9.93 -22.35 14.36
C ALA A 512 -10.37 -21.62 15.60
N TYR A 513 -10.79 -20.37 15.44
CA TYR A 513 -11.17 -19.57 16.61
C TYR A 513 -12.27 -18.60 16.26
N LEU A 514 -13.09 -18.26 17.23
CA LEU A 514 -14.11 -17.27 17.05
C LEU A 514 -14.16 -16.42 18.30
N GLN A 515 -14.12 -15.11 18.10
CA GLN A 515 -14.24 -14.17 19.21
C GLN A 515 -15.34 -13.15 18.93
N ASN A 516 -16.00 -12.66 19.97
CA ASN A 516 -16.97 -11.59 19.80
C ASN A 516 -16.92 -10.61 20.94
N SER A 517 -16.12 -9.55 20.76
CA SER A 517 -16.06 -8.48 21.71
C SER A 517 -17.34 -7.64 21.59
N MET A 518 -18.20 -7.72 22.59
CA MET A 518 -19.42 -6.93 22.60
C MET A 518 -19.41 -5.91 23.73
N SER A 519 -20.08 -4.79 23.49
CA SER A 519 -20.09 -3.69 24.44
C SER A 519 -21.44 -2.96 24.44
N TYR A 520 -21.96 -2.75 25.65
CA TYR A 520 -23.19 -2.00 25.84
C TYR A 520 -22.91 -0.53 26.17
N GLY A 521 -21.68 -0.05 25.98
CA GLY A 521 -21.29 1.25 26.53
C GLY A 521 -21.19 1.06 28.03
N ARG A 522 -20.14 1.61 28.63
CA ARG A 522 -19.73 1.31 30.03
C ARG A 522 -19.18 -0.13 30.15
N LEU A 523 -19.99 -1.11 29.75
CA LEU A 523 -19.62 -2.50 29.76
C LEU A 523 -18.83 -2.90 28.50
N GLU A 524 -18.07 -3.99 28.62
CA GLU A 524 -17.39 -4.65 27.51
C GLU A 524 -17.19 -6.10 27.96
N VAL A 525 -17.52 -7.06 27.11
CA VAL A 525 -17.58 -8.47 27.51
C VAL A 525 -17.30 -9.34 26.30
N THR A 526 -16.15 -10.00 26.27
CA THR A 526 -15.69 -10.65 25.03
C THR A 526 -15.50 -12.17 25.15
N PRO A 527 -16.58 -12.95 25.00
CA PRO A 527 -16.44 -14.40 24.97
C PRO A 527 -15.82 -14.88 23.67
N GLY A 528 -14.93 -15.86 23.77
CA GLY A 528 -14.23 -16.42 22.62
C GLY A 528 -13.84 -17.88 22.74
N VAL A 529 -13.68 -18.54 21.60
CA VAL A 529 -13.37 -19.95 21.59
C VAL A 529 -12.21 -20.23 20.68
N ARG A 530 -11.29 -21.07 21.15
CA ARG A 530 -10.29 -21.63 20.26
C ARG A 530 -10.34 -23.15 20.26
N VAL A 531 -10.45 -23.71 19.08
CA VAL A 531 -10.51 -25.14 18.94
C VAL A 531 -9.33 -25.59 18.13
N SER A 532 -8.63 -26.60 18.63
CA SER A 532 -7.41 -27.15 18.02
C SER A 532 -7.38 -28.67 18.09
N TYR A 533 -6.71 -29.29 17.13
CA TYR A 533 -6.54 -30.74 17.13
C TYR A 533 -5.12 -31.14 16.73
N ASP A 534 -4.32 -31.72 17.62
CA ASP A 534 -2.99 -32.21 17.17
C ASP A 534 -3.10 -33.66 16.85
N ASP A 535 -2.65 -34.09 15.66
CA ASP A 535 -2.72 -35.52 15.37
C ASP A 535 -1.50 -36.29 15.93
N PHE A 536 -0.63 -35.59 16.65
CA PHE A 536 0.40 -36.30 17.41
C PHE A 536 -0.16 -37.06 18.60
N LEU A 537 -0.87 -36.37 19.49
CA LEU A 537 -1.56 -37.02 20.61
C LEU A 537 -2.97 -37.39 20.22
N GLU A 538 -3.44 -36.82 19.12
CA GLU A 538 -4.79 -37.01 18.62
C GLU A 538 -5.78 -36.59 19.67
N ASN A 539 -5.66 -35.35 20.12
CA ASN A 539 -6.64 -34.76 21.02
C ASN A 539 -7.23 -33.55 20.38
N LEU A 540 -8.55 -33.39 20.51
CA LEU A 540 -9.15 -32.13 20.12
C LEU A 540 -9.42 -31.40 21.40
N ASN A 541 -8.92 -30.18 21.45
CA ASN A 541 -9.04 -29.36 22.63
C ASN A 541 -9.87 -28.12 22.32
N ILE A 542 -10.76 -27.77 23.25
CA ILE A 542 -11.62 -26.61 23.10
C ILE A 542 -11.33 -25.69 24.23
N ALA A 543 -10.93 -24.47 23.90
CA ALA A 543 -10.45 -23.50 24.89
C ALA A 543 -11.42 -22.33 24.97
N PRO A 544 -12.25 -22.30 26.03
CA PRO A 544 -12.99 -21.08 26.26
C PRO A 544 -12.09 -19.98 26.81
N ARG A 545 -12.29 -18.78 26.29
CA ARG A 545 -11.62 -17.57 26.74
C ARG A 545 -12.69 -16.56 27.04
N PHE A 546 -12.64 -15.97 28.22
CA PHE A 546 -13.65 -15.02 28.61
C PHE A 546 -12.97 -13.87 29.36
N SER A 547 -13.35 -12.65 28.98
CA SER A 547 -12.67 -11.43 29.37
C SER A 547 -13.67 -10.27 29.38
N ALA A 548 -13.79 -9.58 30.51
CA ALA A 548 -14.80 -8.55 30.68
C ALA A 548 -14.17 -7.27 31.22
N SER A 549 -14.96 -6.20 31.20
CA SER A 549 -14.52 -4.85 31.56
C SER A 549 -15.71 -3.93 31.80
N TYR A 550 -15.59 -3.11 32.83
CA TYR A 550 -16.64 -2.21 33.24
C TYR A 550 -15.99 -0.86 33.53
N ASP A 551 -16.64 0.19 33.05
CA ASP A 551 -16.26 1.58 33.34
C ASP A 551 -17.30 2.12 34.35
N VAL A 552 -16.84 2.53 35.53
CA VAL A 552 -17.74 2.78 36.65
C VAL A 552 -18.41 4.14 36.62
N PHE A 553 -17.84 5.15 35.94
CA PHE A 553 -18.63 6.38 35.70
C PHE A 553 -18.32 7.18 34.43
N GLY A 554 -18.46 6.57 33.26
CA GLY A 554 -18.14 7.23 31.99
C GLY A 554 -16.66 7.51 31.99
N ASP A 555 -16.25 8.76 31.79
CA ASP A 555 -14.94 9.26 32.24
C ASP A 555 -13.72 8.61 31.55
N ARG A 556 -13.61 7.30 31.74
CA ARG A 556 -12.38 6.48 31.60
C ARG A 556 -11.49 6.57 32.84
N SER A 557 -12.03 7.12 33.93
CA SER A 557 -11.28 7.42 35.15
C SER A 557 -11.06 6.17 35.98
N THR A 558 -12.08 5.34 36.07
CA THR A 558 -12.05 4.15 36.93
C THR A 558 -12.70 2.95 36.24
N ARG A 559 -11.89 1.99 35.79
CA ARG A 559 -12.39 0.78 35.10
C ARG A 559 -11.92 -0.52 35.75
N LEU A 560 -12.86 -1.46 35.93
CA LEU A 560 -12.54 -2.82 36.38
C LEU A 560 -12.58 -3.74 35.20
N PHE A 561 -11.93 -4.88 35.36
CA PHE A 561 -11.84 -5.86 34.30
C PHE A 561 -11.39 -7.15 34.95
N GLY A 562 -11.77 -8.27 34.35
CA GLY A 562 -11.31 -9.57 34.82
C GLY A 562 -11.42 -10.56 33.69
N GLY A 563 -11.39 -11.84 34.02
CA GLY A 563 -11.61 -12.89 33.03
C GLY A 563 -11.21 -14.27 33.51
N ALA A 564 -11.72 -15.29 32.81
CA ALA A 564 -11.32 -16.66 33.03
C ALA A 564 -11.05 -17.35 31.70
N ASN A 565 -9.85 -17.90 31.51
CA ASN A 565 -9.47 -18.48 30.23
C ASN A 565 -8.69 -19.77 30.39
N ARG A 566 -8.54 -20.48 29.28
CA ARG A 566 -7.77 -21.71 29.26
C ARG A 566 -6.87 -21.75 28.08
N TYR A 567 -5.60 -22.05 28.35
CA TYR A 567 -4.59 -22.10 27.31
C TYR A 567 -4.07 -23.54 27.25
N TYR A 568 -4.13 -24.12 26.06
CA TYR A 568 -3.56 -25.44 25.83
C TYR A 568 -2.22 -25.29 25.12
N ALA A 569 -1.28 -26.14 25.47
CA ALA A 569 0.04 -26.07 24.85
C ALA A 569 0.17 -26.84 23.57
N GLY A 570 1.28 -26.54 22.89
CA GLY A 570 1.70 -27.25 21.70
C GLY A 570 2.44 -28.53 22.02
N ASN A 571 3.10 -29.10 21.01
CA ASN A 571 3.65 -30.42 21.19
C ASN A 571 5.11 -30.41 21.68
N ILE A 572 5.50 -31.50 22.33
CA ILE A 572 6.90 -31.68 22.67
C ILE A 572 7.47 -32.67 21.68
N LEU A 573 7.17 -33.95 21.86
CA LEU A 573 7.53 -34.91 20.85
C LEU A 573 9.01 -35.30 20.78
N ALA A 574 9.75 -35.01 21.84
CA ALA A 574 11.11 -35.48 21.94
C ALA A 574 11.17 -37.00 22.03
N TYR A 575 10.29 -37.59 22.80
CA TYR A 575 10.29 -39.04 23.04
C TYR A 575 10.10 -39.78 21.73
N LYS A 576 9.40 -39.17 20.79
CA LYS A 576 9.36 -39.72 19.43
C LYS A 576 10.73 -39.74 18.79
N MET A 577 11.42 -38.58 18.80
CA MET A 577 12.67 -38.45 18.03
C MET A 577 13.82 -39.33 18.58
N ARG A 578 13.72 -39.61 19.88
CA ARG A 578 14.68 -40.46 20.54
C ARG A 578 14.39 -41.93 20.36
N GLN A 579 13.40 -42.31 19.55
CA GLN A 579 12.98 -43.69 19.56
C GLN A 579 14.15 -44.59 19.37
N GLY A 580 14.69 -44.62 18.16
CA GLY A 580 15.77 -45.55 17.93
C GLY A 580 17.03 -45.26 18.72
N ILE A 581 17.18 -44.00 19.10
CA ILE A 581 18.46 -43.39 19.46
C ILE A 581 19.34 -44.26 20.34
N GLY A 582 20.64 -44.18 20.10
CA GLY A 582 21.56 -44.96 20.93
C GLY A 582 21.57 -46.45 20.65
N SER A 583 21.09 -46.82 19.48
CA SER A 583 21.40 -48.09 18.93
C SER A 583 22.89 -48.08 18.64
N ASN A 584 23.52 -49.20 18.96
CA ASN A 584 24.91 -49.44 18.62
C ASN A 584 25.20 -50.94 18.40
N ILE A 585 26.07 -51.22 17.46
CA ILE A 585 26.40 -52.58 17.14
C ILE A 585 27.86 -52.84 17.44
N GLN A 586 28.09 -53.74 18.38
CA GLN A 586 29.43 -54.01 18.88
C GLN A 586 29.98 -55.26 18.22
N GLU A 587 31.21 -55.21 17.76
CA GLU A 587 31.88 -56.39 17.22
C GLU A 587 33.16 -56.74 18.02
N SER A 588 33.70 -57.92 17.74
CA SER A 588 34.89 -58.43 18.45
C SER A 588 35.91 -59.01 17.45
N ARG A 589 37.14 -59.29 17.91
CA ARG A 589 38.11 -60.02 17.09
C ARG A 589 39.23 -60.58 17.95
N ILE A 590 39.73 -61.76 17.60
CA ILE A 590 40.77 -62.43 18.42
C ILE A 590 42.11 -61.72 18.33
N SER A 591 42.54 -61.44 17.12
CA SER A 591 43.82 -60.82 16.85
C SER A 591 43.59 -59.58 15.98
N PRO A 592 44.65 -58.80 15.66
CA PRO A 592 44.43 -57.60 14.87
C PRO A 592 44.38 -57.86 13.37
N THR A 593 44.71 -59.09 12.96
CA THR A 593 44.50 -59.55 11.60
C THR A 593 43.27 -60.44 11.45
N ALA A 594 42.55 -60.69 12.53
CA ALA A 594 41.30 -61.41 12.40
C ALA A 594 40.26 -60.45 11.85
N PRO A 595 39.25 -61.00 11.19
CA PRO A 595 38.12 -60.20 10.80
C PRO A 595 37.22 -59.92 12.02
N TRP A 596 36.44 -58.84 11.95
CA TRP A 596 35.46 -58.49 12.99
C TRP A 596 34.31 -59.50 13.02
N THR A 597 34.00 -60.09 14.16
CA THR A 597 33.19 -61.33 14.17
C THR A 597 31.74 -61.23 14.61
N THR A 598 31.51 -60.90 15.87
CA THR A 598 30.22 -61.24 16.43
C THR A 598 29.39 -60.00 16.67
N PRO A 599 28.69 -59.52 15.60
CA PRO A 599 28.03 -58.22 15.72
C PRO A 599 26.82 -58.39 16.60
N THR A 600 26.57 -57.47 17.51
CA THR A 600 25.36 -57.58 18.32
C THR A 600 24.81 -56.21 18.68
N LEU A 601 23.51 -56.08 18.48
CA LEU A 601 22.83 -54.81 18.57
C LEU A 601 22.35 -54.53 19.96
N ARG A 602 22.83 -53.46 20.54
CA ARG A 602 22.27 -52.98 21.79
C ARG A 602 21.55 -51.69 21.51
N THR A 603 20.53 -51.41 22.31
CA THR A 603 19.75 -50.18 22.14
C THR A 603 19.98 -49.12 23.20
N GLY A 604 20.51 -49.55 24.33
CA GLY A 604 20.75 -48.67 25.46
C GLY A 604 19.40 -48.27 26.02
N THR A 605 19.29 -47.05 26.54
CA THR A 605 17.99 -46.58 27.03
C THR A 605 17.04 -46.34 25.88
N ASN A 606 15.88 -46.96 25.96
CA ASN A 606 14.89 -46.89 24.89
C ASN A 606 13.81 -45.92 25.29
N TYR A 607 13.32 -45.17 24.32
CA TYR A 607 12.36 -44.14 24.63
C TYR A 607 11.15 -44.42 23.78
N ASN A 608 10.00 -43.92 24.21
CA ASN A 608 8.78 -44.19 23.48
C ASN A 608 7.55 -43.29 23.70
N VAL A 609 6.58 -43.51 22.83
CA VAL A 609 5.37 -42.73 22.78
C VAL A 609 4.44 -43.30 23.77
N SER A 610 3.53 -42.47 24.23
CA SER A 610 2.49 -42.88 25.13
C SER A 610 1.17 -42.13 24.86
N ASP A 611 0.10 -42.55 25.52
CA ASP A 611 -1.26 -42.02 25.31
C ASP A 611 -1.51 -40.84 26.25
N LEU A 612 -1.38 -39.63 25.74
CA LEU A 612 -1.28 -38.48 26.62
C LEU A 612 -2.41 -37.47 26.50
N ASN A 613 -2.74 -36.79 27.60
CA ASN A 613 -3.48 -35.54 27.52
C ASN A 613 -2.60 -34.37 27.12
N THR A 614 -3.20 -33.34 26.51
CA THR A 614 -2.47 -32.11 26.15
C THR A 614 -2.46 -31.18 27.36
N PRO A 615 -1.27 -30.75 27.79
CA PRO A 615 -1.16 -29.88 28.96
C PRO A 615 -1.78 -28.48 28.78
N TYR A 616 -2.64 -28.11 29.72
CA TYR A 616 -3.33 -26.84 29.69
C TYR A 616 -3.03 -26.04 30.93
N SER A 617 -3.52 -24.80 30.96
CA SER A 617 -3.39 -23.93 32.12
C SER A 617 -4.67 -23.17 32.23
N ASP A 618 -5.23 -23.14 33.42
CA ASP A 618 -6.45 -22.40 33.63
C ASP A 618 -6.16 -21.09 34.31
N GLU A 619 -6.83 -20.04 33.86
CA GLU A 619 -6.58 -18.69 34.34
C GLU A 619 -7.79 -18.01 34.96
N LEU A 620 -7.51 -17.15 35.94
CA LEU A 620 -8.48 -16.24 36.51
C LEU A 620 -7.77 -14.92 36.73
N SER A 621 -8.44 -13.83 36.35
CA SER A 621 -7.86 -12.52 36.45
C SER A 621 -8.87 -11.57 37.01
N LEU A 622 -8.37 -10.57 37.73
CA LEU A 622 -9.18 -9.47 38.24
C LEU A 622 -8.25 -8.29 38.41
N GLY A 623 -8.72 -7.13 38.03
CA GLY A 623 -7.90 -5.93 38.08
C GLY A 623 -8.67 -4.65 38.13
N LEU A 624 -7.92 -3.55 38.10
CA LEU A 624 -8.49 -2.22 38.30
C LEU A 624 -7.48 -1.19 37.83
N SER A 625 -7.96 -0.25 37.03
CA SER A 625 -7.11 0.81 36.49
C SER A 625 -7.65 2.16 36.97
N GLN A 626 -6.86 2.85 37.79
CA GLN A 626 -7.23 4.17 38.27
C GLN A 626 -6.43 5.23 37.54
N ARG A 627 -7.03 6.40 37.36
CA ARG A 627 -6.32 7.59 36.89
C ARG A 627 -6.33 8.57 38.05
N VAL A 628 -5.28 8.54 38.87
CA VAL A 628 -5.28 9.39 40.07
C VAL A 628 -5.16 10.89 39.76
N MET A 629 -4.09 11.31 39.11
CA MET A 629 -3.86 12.74 38.85
C MET A 629 -3.70 12.92 37.34
N SER A 630 -2.47 12.95 36.85
CA SER A 630 -2.22 12.83 35.41
C SER A 630 -1.32 11.61 35.26
N THR A 631 -1.70 10.57 35.98
CA THR A 631 -0.85 9.40 36.20
C THR A 631 -1.73 8.18 36.42
N VAL A 632 -1.51 7.12 35.64
CA VAL A 632 -2.39 5.94 35.65
C VAL A 632 -1.83 4.80 36.51
N TRP A 633 -2.56 4.50 37.57
CA TRP A 633 -2.22 3.42 38.50
C TRP A 633 -3.06 2.20 38.15
N THR A 634 -2.43 1.18 37.60
CA THR A 634 -3.15 -0.05 37.30
C THR A 634 -2.58 -1.24 38.05
N ALA A 635 -3.46 -1.94 38.77
CA ALA A 635 -3.08 -3.04 39.66
C ALA A 635 -3.92 -4.22 39.32
N LYS A 636 -3.31 -5.41 39.25
CA LYS A 636 -4.07 -6.59 38.86
C LYS A 636 -3.56 -7.91 39.43
N TRP A 637 -4.48 -8.86 39.56
CA TRP A 637 -4.21 -10.20 40.11
C TRP A 637 -4.42 -11.23 39.02
N VAL A 638 -3.59 -12.25 39.00
CA VAL A 638 -3.74 -13.35 38.06
C VAL A 638 -3.46 -14.61 38.82
N ASN A 639 -4.20 -15.66 38.52
CA ASN A 639 -3.87 -16.97 39.06
C ASN A 639 -3.89 -18.04 37.98
N ARG A 640 -2.88 -18.90 37.98
CA ARG A 640 -2.74 -19.94 36.97
C ARG A 640 -2.57 -21.32 37.59
N GLN A 641 -3.55 -22.18 37.41
CA GLN A 641 -3.39 -23.62 37.61
C GLN A 641 -2.84 -24.25 36.33
N GLY A 642 -1.61 -24.75 36.39
CA GLY A 642 -0.99 -25.41 35.24
C GLY A 642 -1.18 -26.90 35.42
N LYS A 643 -1.73 -27.58 34.42
CA LYS A 643 -2.24 -28.93 34.63
C LYS A 643 -1.78 -29.90 33.57
N GLU A 644 -1.84 -31.19 33.90
CA GLU A 644 -1.47 -32.27 33.00
C GLU A 644 -0.09 -32.15 32.37
N GLN A 645 0.87 -31.58 33.09
CA GLN A 645 2.20 -31.27 32.55
C GLN A 645 3.09 -32.52 32.39
N PHE A 646 3.75 -32.62 31.24
CA PHE A 646 4.50 -33.81 30.92
C PHE A 646 5.61 -34.06 31.91
N GLY A 647 5.86 -35.34 32.18
CA GLY A 647 7.02 -35.78 32.98
C GLY A 647 7.54 -37.13 32.52
N ARG A 648 8.32 -37.81 33.35
CA ARG A 648 8.93 -39.08 32.91
C ARG A 648 8.46 -40.28 33.70
N GLU A 649 8.29 -41.37 32.97
CA GLU A 649 7.92 -42.67 33.51
C GLU A 649 8.75 -43.73 32.89
N THR A 650 9.03 -44.74 33.66
CA THR A 650 9.64 -45.90 33.09
C THR A 650 8.61 -47.02 33.16
N THR A 651 8.39 -47.64 32.02
CA THR A 651 7.35 -48.63 31.84
C THR A 651 8.00 -49.86 31.26
N THR A 652 7.39 -51.03 31.48
CA THR A 652 7.96 -52.30 31.00
C THR A 652 7.14 -53.09 29.96
N ILE A 653 7.69 -53.17 28.74
CA ILE A 653 7.05 -53.81 27.57
C ILE A 653 7.88 -55.03 27.07
N ASP A 654 7.41 -56.22 27.44
CA ASP A 654 7.99 -57.51 27.02
C ASP A 654 9.24 -57.95 27.81
N GLY A 655 9.49 -57.33 28.96
CA GLY A 655 10.77 -57.53 29.65
C GLY A 655 11.75 -56.41 29.33
N GLN A 656 11.58 -55.77 28.17
CA GLN A 656 12.29 -54.55 27.83
C GLN A 656 11.67 -53.34 28.54
N SER A 657 12.49 -52.37 28.89
CA SER A 657 12.02 -51.21 29.66
C SER A 657 12.13 -49.94 28.83
N TYR A 658 11.26 -48.96 29.11
CA TYR A 658 11.05 -47.83 28.19
C TYR A 658 10.84 -46.50 28.87
N ARG A 659 11.61 -45.49 28.53
CA ARG A 659 11.33 -44.18 29.09
C ARG A 659 10.22 -43.58 28.26
N VAL A 660 9.28 -42.97 28.95
CA VAL A 660 7.99 -42.62 28.37
C VAL A 660 7.45 -41.36 29.03
N MET A 661 6.61 -40.61 28.31
CA MET A 661 6.09 -39.38 28.89
C MET A 661 4.76 -39.63 29.62
N ASN A 662 4.53 -38.90 30.71
CA ASN A 662 3.27 -38.96 31.44
C ASN A 662 2.66 -37.57 31.51
N ASN A 663 1.53 -37.42 32.20
CA ASN A 663 0.91 -36.10 32.47
C ASN A 663 0.88 -35.77 33.98
N LYS A 664 1.94 -36.14 34.71
CA LYS A 664 1.90 -36.07 36.19
C LYS A 664 2.46 -34.79 36.76
N GLY A 665 2.97 -33.89 35.93
CA GLY A 665 3.48 -32.61 36.41
C GLY A 665 2.31 -31.73 36.76
N HIS A 666 2.53 -30.75 37.62
CA HIS A 666 1.60 -29.63 37.75
C HIS A 666 2.29 -28.44 38.39
N THR A 667 1.72 -27.25 38.12
CA THR A 667 2.25 -25.97 38.56
C THR A 667 1.11 -25.06 39.11
N GLU A 668 1.47 -24.11 39.96
CA GLU A 668 0.62 -22.96 40.29
C GLU A 668 1.40 -21.68 39.99
N GLY A 669 0.65 -20.61 39.72
CA GLY A 669 1.21 -19.25 39.59
C GLY A 669 0.25 -18.24 40.16
N ASN A 670 0.76 -17.32 40.95
CA ASN A 670 -0.09 -16.31 41.56
C ASN A 670 0.66 -15.01 41.68
N THR A 671 0.19 -13.98 40.97
CA THR A 671 0.92 -12.71 40.92
C THR A 671 0.00 -11.52 41.13
N PHE A 672 0.38 -10.66 42.07
CA PHE A 672 -0.22 -9.33 42.25
C PHE A 672 0.73 -8.30 41.65
N SER A 673 0.26 -7.52 40.69
CA SER A 673 1.13 -6.60 39.96
C SER A 673 0.57 -5.20 39.98
N LEU A 674 1.43 -4.22 40.25
CA LEU A 674 1.04 -2.81 40.22
C LEU A 674 1.81 -2.13 39.09
N GLU A 675 1.29 -1.03 38.56
CA GLU A 675 1.95 -0.33 37.46
C GLU A 675 1.54 1.12 37.42
N VAL A 676 2.51 2.01 37.53
CA VAL A 676 2.26 3.46 37.52
C VAL A 676 2.97 4.07 36.32
N GLU A 677 2.29 4.97 35.63
CA GLU A 677 2.87 5.62 34.46
C GLU A 677 2.17 6.94 34.24
N PRO A 678 2.93 8.03 34.05
CA PRO A 678 2.35 9.33 33.84
C PRO A 678 1.73 9.41 32.46
N ILE A 679 0.80 10.34 32.30
CA ILE A 679 0.02 10.52 31.07
C ILE A 679 0.88 10.97 29.88
N SER A 680 1.70 11.99 30.12
CA SER A 680 2.63 12.49 29.12
C SER A 680 3.92 12.85 29.81
N PRO A 681 5.03 13.01 29.04
CA PRO A 681 6.32 13.36 29.64
C PRO A 681 6.30 14.68 30.41
N HIS A 682 7.24 14.86 31.34
CA HIS A 682 7.45 16.18 31.91
C HIS A 682 8.38 16.90 30.94
N ARG A 683 7.96 18.10 30.55
CA ARG A 683 8.77 19.01 29.72
C ARG A 683 9.69 19.83 30.61
N PHE A 684 9.53 19.68 31.93
CA PHE A 684 10.24 20.51 32.94
C PHE A 684 11.71 20.68 32.50
N SER A 685 12.03 21.98 32.28
CA SER A 685 12.22 22.64 30.94
C SER A 685 13.33 22.28 29.90
N PHE A 686 14.59 22.63 30.18
CA PHE A 686 15.71 22.50 29.21
C PHE A 686 16.01 21.03 28.76
N ALA A 687 15.46 20.05 29.50
CA ALA A 687 15.35 18.65 29.06
C ALA A 687 13.89 18.20 29.14
N GLU A 688 13.61 16.98 28.71
CA GLU A 688 12.30 16.36 28.94
C GLU A 688 12.43 14.91 29.43
N VAL A 689 11.55 14.53 30.35
CA VAL A 689 11.67 13.27 31.06
C VAL A 689 10.38 12.51 31.12
N ASN A 690 10.47 11.23 30.77
CA ASN A 690 9.38 10.29 30.91
C ASN A 690 9.78 9.25 31.94
N TRP A 691 8.78 8.60 32.54
CA TRP A 691 9.06 7.55 33.51
C TRP A 691 7.96 6.49 33.60
N LYS A 692 8.36 5.30 34.03
CA LYS A 692 7.43 4.18 34.23
C LYS A 692 7.90 3.31 35.42
N LEU A 693 6.95 2.73 36.15
CA LEU A 693 7.23 1.98 37.39
C LEU A 693 6.42 0.69 37.49
N GLY A 694 7.10 -0.45 37.58
CA GLY A 694 6.45 -1.75 37.72
C GLY A 694 6.82 -2.41 39.04
N ALA A 695 5.93 -3.25 39.56
CA ALA A 695 6.19 -4.00 40.81
C ALA A 695 5.32 -5.25 40.86
N SER A 696 5.77 -6.26 41.61
CA SER A 696 4.98 -7.49 41.70
C SER A 696 5.27 -8.32 42.93
N VAL A 697 4.25 -9.02 43.39
CA VAL A 697 4.39 -9.99 44.47
C VAL A 697 3.94 -11.33 43.91
N THR A 698 4.80 -12.35 44.05
CA THR A 698 4.77 -13.58 43.21
C THR A 698 5.09 -14.93 43.92
N LYS A 699 4.06 -15.70 44.24
CA LYS A 699 4.20 -17.05 44.80
C LYS A 699 3.98 -18.11 43.71
N ASN A 700 5.03 -18.85 43.36
CA ASN A 700 4.92 -19.93 42.37
C ASN A 700 5.22 -21.32 42.93
N LYS A 701 4.45 -22.31 42.47
CA LYS A 701 4.54 -23.67 43.01
C LYS A 701 4.82 -24.71 41.91
N SER A 702 5.09 -25.94 42.33
CA SER A 702 5.56 -26.98 41.45
C SER A 702 5.61 -28.37 42.12
N ASN A 703 5.45 -29.42 41.33
CA ASN A 703 5.82 -30.77 41.75
C ASN A 703 7.31 -30.85 41.87
N SER A 704 7.81 -32.07 42.03
CA SER A 704 9.20 -32.39 41.73
C SER A 704 9.43 -32.66 40.23
N ILE A 705 8.38 -32.71 39.44
CA ILE A 705 8.52 -32.94 38.00
C ILE A 705 8.83 -31.65 37.27
N TYR A 706 10.12 -31.30 37.22
CA TYR A 706 10.56 -29.99 36.76
C TYR A 706 10.33 -29.82 35.28
N TYR A 707 10.69 -30.84 34.51
CA TYR A 707 10.40 -30.79 33.09
C TYR A 707 10.04 -32.15 32.54
N TYR A 708 9.84 -32.25 31.23
CA TYR A 708 9.30 -33.47 30.63
C TYR A 708 10.21 -34.69 30.72
N ASP A 709 11.47 -34.52 31.07
CA ASP A 709 12.34 -35.65 31.36
C ASP A 709 12.62 -35.85 32.85
N SER A 710 11.88 -35.20 33.73
CA SER A 710 12.06 -35.37 35.19
C SER A 710 11.21 -36.53 35.64
N ALA A 711 11.76 -37.41 36.45
CA ALA A 711 11.02 -38.59 36.91
C ALA A 711 10.25 -38.19 38.12
N ASN A 712 9.26 -38.98 38.48
CA ASN A 712 8.38 -38.56 39.58
C ASN A 712 8.87 -38.84 41.01
N GLN A 713 9.66 -37.94 41.56
CA GLN A 713 10.17 -38.12 42.90
C GLN A 713 9.31 -37.38 43.93
N ASP A 714 8.01 -37.28 43.70
CA ASP A 714 7.12 -36.61 44.66
C ASP A 714 6.95 -37.35 46.00
N GLU A 715 6.86 -38.68 45.96
CA GLU A 715 6.58 -39.47 47.17
C GLU A 715 7.80 -39.66 48.08
N GLN A 716 8.98 -39.22 47.63
CA GLN A 716 10.18 -39.21 48.45
C GLN A 716 9.99 -38.37 49.69
N ARG A 717 10.79 -38.66 50.69
CA ARG A 717 10.64 -37.98 51.96
C ARG A 717 11.89 -37.13 52.18
N VAL A 718 11.70 -35.97 52.77
CA VAL A 718 12.66 -34.89 52.63
C VAL A 718 12.51 -34.07 53.86
N ILE A 719 13.61 -33.56 54.40
CA ILE A 719 13.46 -32.85 55.67
C ILE A 719 13.10 -31.38 55.49
N PHE A 720 13.82 -30.64 54.65
CA PHE A 720 13.45 -29.24 54.33
C PHE A 720 13.44 -28.33 55.58
N ASP A 721 12.80 -27.15 55.49
CA ASP A 721 12.65 -26.21 56.63
C ASP A 721 12.04 -26.80 57.90
N ASP A 722 12.89 -27.53 58.62
CA ASP A 722 12.67 -27.93 59.99
C ASP A 722 11.76 -29.16 60.16
N LYS A 723 10.69 -29.25 59.38
CA LYS A 723 9.73 -30.36 59.52
C LYS A 723 9.92 -31.39 58.40
N LEU A 724 9.67 -32.66 58.71
CA LEU A 724 9.81 -33.78 57.76
C LEU A 724 8.62 -33.82 56.81
N MET A 725 8.85 -33.60 55.51
CA MET A 725 7.73 -33.61 54.54
C MET A 725 8.05 -34.26 53.20
N TYR A 726 6.99 -34.41 52.40
CA TYR A 726 7.08 -35.00 51.07
C TYR A 726 7.70 -33.99 50.12
N ARG A 727 8.50 -34.50 49.19
CA ARG A 727 9.26 -33.66 48.30
C ARG A 727 8.40 -32.86 47.35
N GLY A 728 7.26 -33.44 46.97
CA GLY A 728 6.32 -32.83 46.03
C GLY A 728 5.67 -31.56 46.52
N ASP A 729 5.75 -31.32 47.83
CA ASP A 729 5.11 -30.15 48.44
C ASP A 729 6.09 -29.03 48.83
N ILE A 730 7.37 -29.18 48.52
CA ILE A 730 8.34 -28.16 48.90
C ILE A 730 8.35 -27.03 47.89
N ASP A 731 8.85 -25.88 48.32
CA ASP A 731 8.88 -24.67 47.50
C ASP A 731 9.58 -24.90 46.16
N ALA A 732 9.12 -24.18 45.18
CA ALA A 732 9.79 -24.15 43.89
C ALA A 732 11.07 -23.38 44.10
N MET A 733 12.13 -23.79 43.43
CA MET A 733 13.44 -23.15 43.57
C MET A 733 14.01 -22.62 42.27
N ASN A 734 13.20 -22.58 41.22
CA ASN A 734 13.54 -21.84 40.02
C ASN A 734 12.30 -21.03 39.65
N PHE A 735 12.50 -19.81 39.16
CA PHE A 735 11.38 -18.90 38.83
C PHE A 735 10.51 -18.63 40.05
N ASN A 736 11.14 -18.36 41.17
CA ASN A 736 10.36 -18.12 42.36
C ASN A 736 10.90 -17.07 43.29
N THR A 737 11.22 -15.90 42.75
CA THR A 737 11.57 -14.73 43.54
C THR A 737 10.27 -14.13 44.07
N PRO A 738 10.15 -13.94 45.38
CA PRO A 738 8.84 -13.58 45.93
C PRO A 738 8.30 -12.20 45.52
N TRP A 739 9.18 -11.24 45.26
CA TRP A 739 8.76 -9.91 44.77
C TRP A 739 9.89 -9.11 44.14
N ARG A 740 9.51 -8.11 43.35
CA ARG A 740 10.46 -7.13 42.77
C ARG A 740 9.74 -5.89 42.28
N ALA A 741 10.43 -4.74 42.36
CA ALA A 741 9.94 -3.46 41.82
C ALA A 741 11.05 -2.78 41.02
N PHE A 742 10.65 -2.05 39.98
CA PHE A 742 11.62 -1.41 39.06
C PHE A 742 11.09 -0.14 38.45
N LEU A 743 11.97 0.85 38.32
CA LEU A 743 11.62 2.14 37.74
C LEU A 743 12.53 2.45 36.54
N ASN A 744 11.93 2.92 35.44
CA ASN A 744 12.67 3.41 34.28
C ASN A 744 12.52 4.91 34.12
N VAL A 745 13.61 5.58 33.76
CA VAL A 745 13.60 7.03 33.54
C VAL A 745 14.32 7.34 32.24
N ASN A 746 13.60 7.84 31.26
CA ASN A 746 14.22 8.22 30.00
C ASN A 746 14.25 9.72 29.94
N THR A 747 15.45 10.26 29.78
CA THR A 747 15.69 11.69 29.83
C THR A 747 16.29 12.13 28.51
N TYR A 748 15.77 13.21 27.94
CA TYR A 748 16.31 13.72 26.69
C TYR A 748 16.69 15.18 26.79
N PHE A 749 17.96 15.46 26.49
CA PHE A 749 18.51 16.83 26.45
C PHE A 749 18.64 17.27 24.99
N PRO A 750 17.60 17.91 24.44
CA PRO A 750 17.63 18.21 23.02
C PRO A 750 18.68 19.24 22.68
N ALA A 751 19.05 20.07 23.66
CA ALA A 751 20.12 21.06 23.53
C ALA A 751 21.46 20.50 23.03
N VAL A 752 21.88 19.34 23.56
CA VAL A 752 23.11 18.63 23.10
C VAL A 752 22.83 17.22 22.51
N ARG A 753 21.64 17.01 21.97
CA ARG A 753 21.20 15.73 21.39
C ARG A 753 21.67 14.47 22.17
N LEU A 754 21.44 14.50 23.48
CA LEU A 754 21.88 13.45 24.39
C LEU A 754 20.69 12.78 25.07
N SER A 755 20.60 11.47 24.94
CA SER A 755 19.58 10.69 25.65
C SER A 755 20.21 9.99 26.86
N TRP A 756 19.51 10.00 27.99
CA TRP A 756 20.07 9.58 29.29
C TRP A 756 19.12 8.65 30.00
N ASP A 757 19.19 7.37 29.65
CA ASP A 757 18.18 6.39 30.06
C ASP A 757 18.68 5.56 31.23
N GLN A 758 17.88 5.51 32.29
CA GLN A 758 18.25 4.80 33.51
C GLN A 758 17.19 3.79 33.94
N ARG A 759 17.63 2.60 34.37
CA ARG A 759 16.73 1.62 34.98
C ARG A 759 17.16 1.26 36.39
N VAL A 760 16.36 1.58 37.39
CA VAL A 760 16.65 1.21 38.78
C VAL A 760 15.71 0.07 39.20
N GLY A 761 16.14 -0.74 40.17
CA GLY A 761 15.29 -1.85 40.64
C GLY A 761 15.63 -2.45 41.98
N TYR A 762 14.64 -2.56 42.86
CA TYR A 762 14.80 -3.24 44.15
C TYR A 762 14.10 -4.60 44.10
N THR A 763 14.81 -5.63 44.54
CA THR A 763 14.42 -7.02 44.30
C THR A 763 14.66 -7.92 45.51
N ALA A 764 13.65 -8.68 45.91
CA ALA A 764 13.79 -9.66 46.97
C ALA A 764 15.01 -10.52 46.71
N GLY A 765 15.74 -10.83 47.77
CA GLY A 765 17.00 -11.57 47.62
C GLY A 765 16.81 -13.02 47.25
N TYR A 766 17.89 -13.64 46.79
CA TYR A 766 17.88 -15.07 46.51
C TYR A 766 17.88 -15.85 47.81
N LYS A 767 17.30 -17.04 47.76
CA LYS A 767 17.33 -17.96 48.87
C LYS A 767 17.95 -19.24 48.36
N GLY A 768 19.17 -19.52 48.79
CA GLY A 768 19.87 -20.71 48.30
C GLY A 768 19.68 -21.95 49.17
N TYR A 769 19.73 -23.12 48.54
CA TYR A 769 19.63 -24.39 49.26
C TYR A 769 20.83 -25.27 48.97
N THR A 770 21.14 -26.13 49.92
CA THR A 770 22.09 -27.20 49.66
C THR A 770 21.47 -28.40 50.29
N THR A 771 22.00 -29.55 49.97
CA THR A 771 21.41 -30.77 50.44
C THR A 771 22.41 -31.61 51.20
N SER A 772 21.91 -32.46 52.09
CA SER A 772 22.75 -33.42 52.77
C SER A 772 23.27 -34.47 51.77
N SER A 773 24.59 -34.57 51.69
CA SER A 773 25.29 -35.59 50.88
C SER A 773 24.87 -37.03 51.21
N ILE A 774 24.55 -37.26 52.48
CA ILE A 774 24.14 -38.53 53.05
C ILE A 774 22.67 -38.43 53.49
N GLN A 775 21.85 -39.42 53.15
CA GLN A 775 20.47 -39.40 53.61
C GLN A 775 20.35 -39.56 55.12
N VAL A 776 19.57 -38.67 55.77
CA VAL A 776 19.29 -38.74 57.21
C VAL A 776 18.36 -39.91 57.45
N GLN A 777 18.89 -40.96 58.06
CA GLN A 777 18.10 -42.13 58.37
C GLN A 777 17.19 -41.87 59.55
N CYS A 778 16.00 -42.44 59.46
CA CYS A 778 14.89 -41.90 60.19
C CYS A 778 13.96 -42.99 60.75
N PRO A 779 14.32 -43.53 61.91
CA PRO A 779 13.43 -43.76 63.02
C PRO A 779 13.88 -42.76 64.08
N GLY A 780 15.16 -42.86 64.48
CA GLY A 780 15.92 -41.79 65.17
C GLY A 780 17.09 -41.37 64.29
N GLY A 781 17.72 -40.24 64.58
CA GLY A 781 18.73 -39.62 63.69
C GLY A 781 18.44 -38.19 63.22
N SER A 782 17.29 -37.66 63.63
CA SER A 782 16.99 -36.23 63.57
C SER A 782 15.68 -35.98 64.33
N SER A 783 15.59 -34.86 65.06
CA SER A 783 14.40 -34.57 65.85
C SER A 783 13.20 -34.21 64.98
N ALA A 784 13.38 -34.22 63.67
CA ALA A 784 12.27 -34.07 62.74
C ALA A 784 11.59 -35.42 62.41
N CYS A 785 12.28 -36.54 62.70
CA CYS A 785 11.71 -37.90 62.52
C CYS A 785 10.41 -38.11 63.29
N ASN A 786 10.17 -37.25 64.28
CA ASN A 786 8.94 -37.28 65.06
C ASN A 786 7.71 -36.68 64.36
N GLY A 787 7.91 -35.83 63.35
CA GLY A 787 6.81 -35.35 62.51
C GLY A 787 5.94 -36.49 61.96
N ASP A 788 6.53 -37.68 61.92
CA ASP A 788 5.83 -38.93 61.61
C ASP A 788 6.56 -40.06 62.33
N PRO A 789 6.15 -40.34 63.57
CA PRO A 789 6.83 -41.35 64.38
C PRO A 789 6.88 -42.74 63.72
N SER A 790 5.85 -43.08 62.97
CA SER A 790 5.79 -44.36 62.27
C SER A 790 6.81 -44.50 61.13
N PHE A 791 7.17 -43.38 60.49
CA PHE A 791 8.06 -43.42 59.30
C PHE A 791 9.36 -44.14 59.56
N VAL A 792 9.76 -44.97 58.60
CA VAL A 792 11.07 -45.59 58.64
C VAL A 792 11.72 -45.50 57.28
N GLY A 793 12.83 -44.79 57.23
CA GLY A 793 13.67 -44.77 56.04
C GLY A 793 14.52 -43.54 56.02
N GLY A 794 15.02 -43.20 54.84
CA GLY A 794 15.94 -42.09 54.69
C GLY A 794 15.17 -40.90 54.19
N ALA A 795 15.82 -39.74 54.29
CA ALA A 795 15.28 -38.44 53.86
C ALA A 795 16.42 -37.45 53.77
N THR A 796 16.49 -36.67 52.70
CA THR A 796 17.55 -35.67 52.55
C THR A 796 17.07 -34.31 53.07
N GLU A 797 18.00 -33.61 53.69
CA GLU A 797 17.70 -32.38 54.45
C GLU A 797 18.13 -31.23 53.60
N TYR A 798 17.30 -30.19 53.49
CA TYR A 798 17.64 -28.99 52.72
C TYR A 798 18.05 -27.85 53.69
N PHE A 799 19.20 -27.22 53.40
CA PHE A 799 19.78 -26.17 54.24
C PHE A 799 19.76 -24.79 53.57
N PRO A 800 18.84 -23.94 54.00
CA PRO A 800 18.71 -22.63 53.37
C PRO A 800 19.86 -21.69 53.71
N THR A 801 20.17 -20.79 52.81
CA THR A 801 20.92 -19.58 53.15
C THR A 801 20.23 -18.42 52.45
N GLN A 802 19.70 -17.51 53.26
CA GLN A 802 18.86 -16.43 52.79
C GLN A 802 19.70 -15.19 52.50
N TYR A 803 20.00 -14.94 51.24
CA TYR A 803 20.80 -13.77 50.88
C TYR A 803 19.93 -12.53 50.86
N ASP A 804 20.50 -11.33 50.94
CA ASP A 804 19.65 -10.15 51.14
C ASP A 804 19.30 -9.41 49.86
N ASP A 805 18.25 -8.61 49.99
CA ASP A 805 17.65 -7.90 48.89
C ASP A 805 18.63 -6.94 48.27
N PHE A 806 18.52 -6.76 46.97
CA PHE A 806 19.53 -6.04 46.21
C PHE A 806 19.02 -5.01 45.23
N ILE A 807 19.87 -4.00 45.03
CA ILE A 807 19.57 -2.89 44.15
C ILE A 807 20.29 -3.05 42.80
N SER A 808 19.51 -3.03 41.71
CA SER A 808 20.00 -3.18 40.35
C SER A 808 19.96 -1.79 39.74
N TYR A 809 20.94 -1.44 38.92
CA TYR A 809 21.01 -0.10 38.34
C TYR A 809 21.75 -0.05 36.99
N ASP A 810 21.03 0.34 35.94
CA ASP A 810 21.54 0.28 34.55
C ASP A 810 21.41 1.64 33.84
N TRP A 811 22.43 1.96 33.04
CA TRP A 811 22.47 3.22 32.28
C TRP A 811 22.64 3.01 30.79
N ARG A 812 22.01 3.90 30.03
CA ARG A 812 22.24 3.99 28.60
C ARG A 812 22.35 5.45 28.21
N PHE A 813 23.45 5.79 27.55
CA PHE A 813 23.63 7.05 26.89
C PHE A 813 23.55 6.89 25.39
N SER A 814 22.93 7.86 24.73
CA SER A 814 22.90 7.86 23.28
C SER A 814 22.96 9.28 22.76
N TYR A 815 24.06 9.59 22.08
CA TYR A 815 24.25 10.91 21.50
C TYR A 815 24.23 10.79 19.99
N SER A 816 23.45 11.65 19.34
CA SER A 816 23.34 11.68 17.88
C SER A 816 24.05 12.92 17.32
N GLN A 817 24.46 12.83 16.07
CA GLN A 817 25.37 13.80 15.49
C GLN A 817 25.21 13.86 13.98
N PRO A 818 24.72 15.02 13.45
CA PRO A 818 24.60 15.13 11.98
C PRO A 818 25.93 15.20 11.26
N VAL A 819 25.96 14.71 10.03
CA VAL A 819 27.20 14.55 9.28
C VAL A 819 27.08 15.24 7.92
N TYR A 820 26.11 14.85 7.10
CA TYR A 820 25.83 15.54 5.83
C TYR A 820 24.34 15.69 5.63
N LYS A 821 23.78 16.78 6.14
CA LYS A 821 22.33 17.07 6.08
C LYS A 821 21.37 15.94 6.55
N THR A 822 21.10 14.94 5.72
CA THR A 822 20.06 13.92 6.02
C THR A 822 20.62 12.72 6.77
N GLN A 823 21.92 12.74 7.02
CA GLN A 823 22.61 11.60 7.63
C GLN A 823 22.95 11.93 9.07
N THR A 824 23.05 10.91 9.91
CA THR A 824 23.60 11.07 11.26
C THR A 824 24.55 9.94 11.67
N LEU A 825 25.29 10.19 12.73
CA LEU A 825 26.24 9.26 13.32
C LEU A 825 25.94 9.23 14.81
N ASP A 826 25.66 8.04 15.33
CA ASP A 826 25.13 7.85 16.71
C ASP A 826 26.11 7.08 17.60
N ILE A 827 26.35 7.62 18.80
CA ILE A 827 27.23 7.01 19.79
C ILE A 827 26.35 6.51 20.93
N THR A 828 26.55 5.24 21.30
CA THR A 828 25.69 4.53 22.26
C THR A 828 26.53 3.81 23.34
N LEU A 829 26.23 4.08 24.60
CA LEU A 829 27.01 3.50 25.68
C LEU A 829 26.10 2.92 26.73
N ASP A 830 26.37 1.67 27.13
CA ASP A 830 25.61 0.97 28.17
C ASP A 830 26.50 0.66 29.36
N VAL A 831 26.05 1.04 30.55
CA VAL A 831 26.75 0.68 31.76
C VAL A 831 25.75 -0.18 32.49
N LEU A 832 26.06 -1.45 32.65
CA LEU A 832 25.06 -2.41 33.06
C LEU A 832 24.92 -2.60 34.56
N ASN A 833 25.95 -3.01 35.27
CA ASN A 833 25.78 -3.04 36.71
C ASN A 833 26.51 -1.84 37.26
N VAL A 834 25.82 -0.71 37.35
CA VAL A 834 26.51 0.58 37.55
C VAL A 834 27.31 0.60 38.83
N LEU A 835 26.65 0.21 39.92
CA LEU A 835 27.29 0.13 41.25
C LEU A 835 28.18 -1.09 41.41
N ASP A 836 28.23 -1.97 40.41
CA ASP A 836 29.04 -3.22 40.42
C ASP A 836 28.75 -4.11 41.63
N ASN A 837 27.60 -3.94 42.27
CA ASN A 837 27.40 -4.62 43.54
C ASN A 837 27.15 -6.09 43.30
N VAL A 838 27.49 -6.87 44.30
CA VAL A 838 27.48 -8.31 44.15
C VAL A 838 26.12 -8.89 44.55
N VAL A 839 25.57 -9.75 43.71
CA VAL A 839 24.34 -10.45 44.05
C VAL A 839 24.41 -11.93 43.77
N GLU A 840 23.89 -12.70 44.72
CA GLU A 840 23.76 -14.14 44.55
C GLU A 840 22.52 -14.40 43.72
N THR A 841 22.68 -15.23 42.69
CA THR A 841 21.57 -15.60 41.83
C THR A 841 21.15 -17.07 41.97
N ASN A 842 22.11 -17.93 42.27
CA ASN A 842 21.90 -19.37 42.19
C ASN A 842 22.90 -20.18 42.98
N GLN A 843 22.41 -21.25 43.62
CA GLN A 843 23.23 -22.05 44.53
C GLN A 843 23.15 -23.54 44.23
N THR A 844 24.30 -24.16 44.11
CA THR A 844 24.43 -25.52 43.63
C THR A 844 25.12 -26.33 44.72
N GLY A 845 25.08 -27.66 44.60
CA GLY A 845 25.96 -28.58 45.35
C GLY A 845 25.30 -29.19 46.57
N THR A 846 25.98 -30.17 47.19
CA THR A 846 25.64 -30.66 48.53
C THR A 846 26.29 -29.76 49.64
N SER A 847 25.96 -29.99 50.91
CA SER A 847 26.56 -29.19 51.99
C SER A 847 28.06 -29.43 52.04
N ASN A 848 28.43 -30.66 51.69
CA ASN A 848 29.81 -31.06 51.36
C ASN A 848 30.60 -29.98 50.58
N LYS A 849 30.03 -29.55 49.46
CA LYS A 849 30.63 -28.51 48.61
C LYS A 849 29.57 -27.57 48.02
N PRO A 850 29.27 -26.45 48.71
CA PRO A 850 28.31 -25.48 48.22
C PRO A 850 28.94 -24.42 47.32
N ILE A 851 28.26 -24.15 46.19
CA ILE A 851 28.74 -23.23 45.17
C ILE A 851 27.68 -22.19 44.81
N VAL A 852 28.04 -20.93 45.01
CA VAL A 852 27.18 -19.80 44.69
C VAL A 852 27.63 -19.10 43.39
N ILE A 853 26.62 -18.64 42.65
CA ILE A 853 26.79 -18.03 41.34
C ILE A 853 26.21 -16.62 41.45
N TYR A 854 26.89 -15.67 40.84
CA TYR A 854 26.57 -14.27 41.01
C TYR A 854 26.11 -13.58 39.72
N LYS A 855 25.37 -12.48 39.87
CA LYS A 855 24.99 -11.65 38.72
C LYS A 855 26.14 -10.75 38.28
N PRO A 856 26.31 -10.56 36.95
CA PRO A 856 27.44 -9.88 36.34
C PRO A 856 27.69 -8.55 36.96
N GLY A 857 28.95 -8.25 37.18
CA GLY A 857 29.35 -6.95 37.70
C GLY A 857 29.28 -5.90 36.60
N ARG A 858 29.78 -4.71 36.90
CA ARG A 858 29.68 -3.60 35.96
C ARG A 858 30.18 -4.01 34.58
N GLN A 859 29.40 -3.66 33.57
CA GLN A 859 29.75 -4.02 32.22
C GLN A 859 29.49 -2.89 31.26
N PHE A 860 30.46 -2.65 30.39
CA PHE A 860 30.40 -1.62 29.38
C PHE A 860 30.09 -2.20 28.00
N TRP A 861 29.15 -1.58 27.29
CA TRP A 861 28.92 -1.87 25.89
C TRP A 861 29.05 -0.55 25.09
N LEU A 862 29.77 -0.62 23.97
CA LEU A 862 30.00 0.56 23.15
C LEU A 862 29.44 0.31 21.74
N GLY A 863 28.53 1.20 21.30
CA GLY A 863 27.92 1.18 19.95
C GLY A 863 28.08 2.43 19.06
N VAL A 864 28.40 2.20 17.77
CA VAL A 864 28.51 3.24 16.73
C VAL A 864 27.55 2.98 15.57
N ALA A 865 26.59 3.87 15.35
CA ALA A 865 25.64 3.76 14.24
C ALA A 865 25.80 4.88 13.21
N TYR A 866 25.54 4.55 11.94
CA TYR A 866 25.57 5.51 10.84
C TYR A 866 24.31 5.41 9.97
N THR A 867 23.33 6.32 10.18
CA THR A 867 22.03 6.28 9.46
C THR A 867 22.03 7.18 8.20
N TRP A 868 21.04 7.02 7.29
CA TRP A 868 20.92 7.94 6.11
C TRP A 868 19.50 8.15 5.52
N SER B 60 -47.27 10.29 -22.44
CA SER B 60 -46.33 11.47 -22.54
C SER B 60 -45.50 11.76 -21.30
N THR B 61 -44.46 12.57 -21.49
CA THR B 61 -43.41 12.80 -20.46
C THR B 61 -43.95 13.63 -19.28
N PRO B 62 -43.39 13.41 -18.07
CA PRO B 62 -43.97 14.03 -16.88
C PRO B 62 -43.72 15.51 -16.84
N THR B 63 -44.62 16.24 -16.22
CA THR B 63 -44.52 17.70 -16.19
C THR B 63 -43.29 18.22 -15.49
N SER B 64 -42.89 17.54 -14.43
CA SER B 64 -41.82 18.02 -13.59
C SER B 64 -40.48 17.93 -14.28
N GLN B 65 -40.33 17.02 -15.23
CA GLN B 65 -39.06 16.85 -15.95
C GLN B 65 -38.92 17.77 -17.14
N SER B 66 -40.05 18.13 -17.75
CA SER B 66 -40.04 19.05 -18.88
C SER B 66 -39.65 20.41 -18.36
N MET B 67 -40.18 20.74 -17.20
CA MET B 67 -39.84 21.99 -16.54
C MET B 67 -38.34 22.25 -16.46
N GLY B 68 -37.53 21.20 -16.61
CA GLY B 68 -36.07 21.40 -16.62
C GLY B 68 -35.33 20.89 -17.85
N MET B 69 -36.00 20.95 -19.03
CA MET B 69 -35.37 20.49 -20.26
C MET B 69 -35.69 21.38 -21.45
N GLN B 70 -34.75 21.52 -22.36
CA GLN B 70 -34.93 22.33 -23.57
C GLN B 70 -35.08 21.44 -24.77
N ILE B 71 -35.86 21.90 -25.74
CA ILE B 71 -36.03 21.18 -26.99
C ILE B 71 -35.89 22.17 -28.14
N ILE B 72 -34.91 21.95 -28.99
CA ILE B 72 -34.68 22.84 -30.12
C ILE B 72 -34.80 22.06 -31.41
N ASN B 73 -35.87 22.28 -32.16
CA ASN B 73 -36.06 21.54 -33.43
C ASN B 73 -35.38 22.30 -34.57
N ALA B 74 -35.23 21.64 -35.72
CA ALA B 74 -34.34 22.10 -36.79
C ALA B 74 -34.77 23.42 -37.38
N GLU B 75 -36.08 23.67 -37.41
CA GLU B 75 -36.57 24.95 -37.88
C GLU B 75 -36.29 26.08 -36.87
N GLN B 76 -36.22 25.74 -35.59
CA GLN B 76 -35.88 26.74 -34.58
C GLN B 76 -34.39 27.01 -34.57
N ILE B 77 -33.61 26.02 -34.99
CA ILE B 77 -32.16 26.16 -35.14
C ILE B 77 -31.84 27.16 -36.23
N LYS B 78 -32.36 26.92 -37.43
CA LYS B 78 -32.11 27.82 -38.55
C LYS B 78 -32.36 29.29 -38.21
N LYS B 79 -33.25 29.57 -37.26
CA LYS B 79 -33.61 30.94 -36.91
C LYS B 79 -32.85 31.56 -35.72
N MET B 80 -31.67 31.03 -35.39
CA MET B 80 -30.75 31.69 -34.43
C MET B 80 -29.41 31.95 -35.14
N PRO B 81 -28.81 33.15 -34.95
CA PRO B 81 -27.63 33.53 -35.72
C PRO B 81 -26.40 32.88 -35.18
N THR B 82 -25.58 32.34 -36.06
CA THR B 82 -24.49 31.43 -35.70
C THR B 82 -23.16 31.72 -36.43
N GLY B 83 -22.06 31.37 -35.77
CA GLY B 83 -20.77 31.35 -36.42
C GLY B 83 -20.54 29.94 -36.94
N ASN B 84 -19.47 29.29 -36.47
CA ASN B 84 -19.32 27.85 -36.67
C ASN B 84 -20.55 27.24 -36.08
N GLY B 85 -21.32 26.56 -36.89
CA GLY B 85 -22.41 25.78 -36.35
C GLY B 85 -21.71 24.73 -35.54
N SER B 86 -22.04 24.63 -34.26
CA SER B 86 -21.59 23.51 -33.45
C SER B 86 -22.56 23.33 -32.32
N VAL B 87 -22.52 22.17 -31.68
CA VAL B 87 -23.58 21.80 -30.78
C VAL B 87 -23.64 22.76 -29.62
N THR B 88 -22.50 22.91 -28.95
CA THR B 88 -22.46 23.70 -27.74
C THR B 88 -22.88 25.12 -27.98
N GLU B 89 -22.59 25.65 -29.16
CA GLU B 89 -23.06 26.98 -29.56
C GLU B 89 -24.59 27.17 -29.40
N LEU B 90 -25.36 26.11 -29.62
CA LEU B 90 -26.84 26.16 -29.56
C LEU B 90 -27.34 26.26 -28.14
N LEU B 91 -26.44 26.09 -27.18
CA LEU B 91 -26.81 26.18 -25.79
C LEU B 91 -26.87 27.61 -25.27
N LYS B 92 -26.47 28.57 -26.07
CA LYS B 92 -26.40 29.95 -25.61
C LYS B 92 -27.76 30.58 -25.27
N ASN B 93 -28.86 29.92 -25.64
CA ASN B 93 -30.18 30.42 -25.26
C ASN B 93 -30.74 29.67 -24.08
N ASN B 94 -29.85 29.17 -23.24
CA ASN B 94 -30.25 28.51 -22.02
C ASN B 94 -29.65 29.25 -20.82
N PRO B 95 -30.49 29.60 -19.83
CA PRO B 95 -30.00 30.32 -18.66
C PRO B 95 -29.28 29.46 -17.62
N ASN B 96 -29.22 28.15 -17.81
CA ASN B 96 -28.50 27.26 -16.86
C ASN B 96 -27.03 26.89 -17.26
N VAL B 97 -26.54 27.46 -18.34
CA VAL B 97 -25.27 27.03 -18.89
C VAL B 97 -24.36 28.22 -18.95
N GLN B 98 -23.07 27.96 -18.82
CA GLN B 98 -22.08 29.00 -19.01
C GLN B 98 -20.92 28.46 -19.82
N PHE B 99 -20.13 29.37 -20.37
CA PHE B 99 -19.05 29.04 -21.27
C PHE B 99 -17.67 29.49 -20.78
N SER B 100 -16.64 28.81 -21.27
CA SER B 100 -15.28 29.09 -20.90
C SER B 100 -15.02 30.55 -21.26
N ASN B 101 -14.49 31.31 -20.30
CA ASN B 101 -13.73 32.51 -20.63
C ASN B 101 -12.66 32.00 -21.60
N THR B 102 -12.59 32.58 -22.80
CA THR B 102 -11.70 32.11 -23.93
C THR B 102 -12.39 31.22 -24.95
N ALA B 103 -13.63 30.80 -24.69
CA ALA B 103 -14.37 29.91 -25.62
C ALA B 103 -14.75 30.59 -26.94
N SER B 104 -15.09 31.87 -26.85
CA SER B 104 -15.20 32.77 -28.01
C SER B 104 -14.29 33.98 -27.78
N SER B 105 -13.23 34.07 -28.58
CA SER B 105 -12.25 35.14 -28.46
C SER B 105 -11.80 35.65 -29.83
N SER B 106 -11.42 36.93 -29.91
CA SER B 106 -11.07 37.53 -31.20
C SER B 106 -9.76 37.06 -31.76
N ASN B 107 -8.97 36.36 -30.96
CA ASN B 107 -7.66 35.89 -31.41
C ASN B 107 -7.83 34.67 -32.29
N ILE B 108 -8.93 33.97 -32.08
CA ILE B 108 -9.08 32.58 -32.47
C ILE B 108 -10.27 32.33 -33.42
N PRO B 109 -10.46 33.19 -34.46
CA PRO B 109 -11.29 32.66 -35.53
C PRO B 109 -10.48 31.59 -36.25
N GLY B 110 -11.02 30.97 -37.28
CA GLY B 110 -10.30 29.87 -37.91
C GLY B 110 -10.32 28.57 -37.13
N GLU B 111 -10.46 28.66 -35.79
CA GLU B 111 -10.61 27.48 -34.99
C GLU B 111 -12.01 27.02 -35.14
N LEU B 112 -12.19 25.71 -35.12
CA LEU B 112 -13.49 25.12 -35.30
C LEU B 112 -13.75 23.90 -34.42
N ALA B 113 -13.03 23.77 -33.30
CA ALA B 113 -13.44 22.81 -32.26
C ALA B 113 -14.71 23.33 -31.61
N PRO B 114 -15.39 22.45 -30.86
CA PRO B 114 -16.57 22.90 -30.12
C PRO B 114 -16.16 23.69 -28.93
N GLU B 115 -16.99 24.64 -28.54
CA GLU B 115 -16.78 25.45 -27.33
C GLU B 115 -16.98 24.58 -26.09
N ASN B 116 -16.58 25.05 -24.92
CA ASN B 116 -16.73 24.27 -23.70
C ASN B 116 -17.78 24.83 -22.77
N VAL B 117 -18.60 23.94 -22.21
CA VAL B 117 -19.81 24.34 -21.54
C VAL B 117 -19.96 23.69 -20.18
N SER B 118 -20.49 24.44 -19.23
CA SER B 118 -20.66 23.96 -17.88
C SER B 118 -22.02 24.27 -17.38
N PHE B 119 -22.71 23.24 -16.88
CA PHE B 119 -24.05 23.44 -16.34
C PHE B 119 -23.95 23.62 -14.87
N HIS B 120 -24.59 24.66 -14.33
CA HIS B 120 -24.66 24.90 -12.87
C HIS B 120 -23.27 24.85 -12.25
N GLY B 121 -22.31 25.39 -12.99
CA GLY B 121 -20.91 25.34 -12.61
C GLY B 121 -20.37 23.97 -12.25
N GLU B 122 -20.83 22.92 -12.92
CA GLU B 122 -20.22 21.60 -12.78
C GLU B 122 -19.06 21.53 -13.74
N LYS B 123 -18.25 20.49 -13.63
CA LYS B 123 -17.14 20.32 -14.56
C LYS B 123 -17.62 20.37 -16.01
N PHE B 124 -16.73 20.78 -16.92
CA PHE B 124 -17.09 20.95 -18.32
C PHE B 124 -16.90 19.66 -19.07
N TYR B 125 -16.25 18.69 -18.44
CA TYR B 125 -16.05 17.36 -19.03
C TYR B 125 -16.93 16.31 -18.33
N ASN B 126 -17.90 16.77 -17.53
CA ASN B 126 -18.84 15.91 -16.81
C ASN B 126 -20.26 16.02 -17.35
N ASN B 127 -20.37 16.46 -18.59
CA ASN B 127 -21.66 16.49 -19.25
C ASN B 127 -21.79 15.20 -20.04
N ASN B 128 -23.00 14.75 -20.26
CA ASN B 128 -23.24 13.68 -21.20
C ASN B 128 -23.63 14.17 -22.58
N PHE B 129 -22.67 14.27 -23.48
CA PHE B 129 -22.99 14.51 -24.88
C PHE B 129 -23.37 13.24 -25.64
N MET B 130 -24.62 13.16 -26.05
CA MET B 130 -25.05 12.05 -26.88
C MET B 130 -25.24 12.53 -28.30
N VAL B 131 -25.35 11.56 -29.19
CA VAL B 131 -25.80 11.76 -30.54
C VAL B 131 -26.68 10.56 -30.85
N ASP B 132 -27.90 10.80 -31.30
CA ASP B 132 -28.83 9.69 -31.63
C ASP B 132 -29.06 8.83 -30.36
N GLY B 133 -29.10 9.46 -29.19
CA GLY B 133 -29.30 8.71 -27.95
C GLY B 133 -28.13 7.91 -27.41
N LEU B 134 -27.07 7.77 -28.22
CA LEU B 134 -25.85 7.04 -27.82
C LEU B 134 -24.71 7.96 -27.37
N SER B 135 -23.82 7.45 -26.54
CA SER B 135 -22.74 8.30 -26.01
C SER B 135 -21.77 8.82 -27.08
N ASN B 136 -21.42 10.10 -26.92
CA ASN B 136 -20.44 10.78 -27.77
C ASN B 136 -19.44 11.50 -26.87
N ASN B 137 -19.10 10.84 -25.75
CA ASN B 137 -18.15 11.36 -24.79
C ASN B 137 -16.78 10.73 -24.91
N ASN B 138 -15.77 11.55 -24.68
CA ASN B 138 -14.42 11.10 -24.57
C ASN B 138 -14.19 10.83 -23.08
N ASN B 139 -13.94 9.57 -22.81
CA ASN B 139 -13.68 9.10 -21.49
C ASN B 139 -12.22 8.80 -21.24
N ILE B 140 -11.30 9.55 -21.84
CA ILE B 140 -9.89 9.30 -21.62
C ILE B 140 -9.22 10.56 -21.10
N ASN B 141 -9.21 11.60 -21.95
CA ASN B 141 -8.55 12.85 -21.61
C ASN B 141 -9.32 14.12 -22.01
N PRO B 142 -10.61 14.20 -21.66
CA PRO B 142 -11.45 15.36 -21.97
C PRO B 142 -11.12 16.53 -21.05
N GLY B 143 -10.98 17.74 -21.55
CA GLY B 143 -10.52 18.80 -20.63
C GLY B 143 -9.09 18.66 -20.10
N ALA B 144 -8.22 18.11 -20.94
CA ALA B 144 -6.82 18.46 -20.90
C ALA B 144 -6.66 19.97 -20.79
N ASN B 145 -5.64 20.44 -20.09
CA ASN B 145 -5.38 21.89 -19.96
C ASN B 145 -6.59 22.71 -19.45
N ASN B 146 -7.35 22.16 -18.51
CA ASN B 146 -8.68 22.68 -18.11
C ASN B 146 -9.44 23.37 -19.23
N GLY B 147 -9.39 22.76 -20.41
CA GLY B 147 -10.13 23.25 -21.57
C GLY B 147 -9.51 24.35 -22.42
N GLU B 148 -8.45 24.95 -21.89
CA GLU B 148 -7.82 26.08 -22.54
C GLU B 148 -6.85 25.62 -23.63
N LEU B 149 -6.51 26.52 -24.53
CA LEU B 149 -5.59 26.20 -25.61
C LEU B 149 -4.24 26.27 -25.03
N ASN B 150 -3.27 25.67 -25.69
CA ASN B 150 -1.89 25.86 -25.27
C ASN B 150 -0.94 25.97 -26.44
N GLN B 151 0.08 26.80 -26.25
CA GLN B 151 0.96 27.21 -27.34
C GLN B 151 1.62 26.03 -28.02
N GLN B 152 1.62 24.89 -27.34
CA GLN B 152 2.05 23.66 -27.94
C GLN B 152 0.97 22.62 -27.76
N PRO B 153 0.11 22.49 -28.75
CA PRO B 153 -0.99 21.56 -28.60
C PRO B 153 -0.48 20.16 -28.31
N ASP B 154 -1.30 19.34 -27.67
CA ASP B 154 -0.83 18.06 -27.17
C ASP B 154 -0.47 17.12 -28.31
N GLY B 155 0.79 16.70 -28.34
CA GLY B 155 1.36 15.94 -29.44
C GLY B 155 2.66 16.58 -29.91
N TYR B 156 2.78 17.88 -29.65
CA TYR B 156 4.00 18.64 -29.92
C TYR B 156 5.21 17.84 -29.46
N SER B 157 5.11 17.31 -28.23
CA SER B 157 6.23 16.66 -27.52
C SER B 157 6.02 15.15 -27.46
N PRO B 158 7.10 14.36 -27.56
CA PRO B 158 7.04 12.90 -27.81
C PRO B 158 6.23 12.09 -26.81
N ALA B 159 6.14 12.62 -25.58
CA ALA B 159 5.58 11.92 -24.44
C ALA B 159 4.22 12.48 -24.01
N ASP B 160 3.46 12.99 -24.96
CA ASP B 160 2.19 13.63 -24.65
C ASP B 160 1.12 12.58 -24.74
N LEU B 161 0.07 12.76 -23.94
CA LEU B 161 -1.17 12.00 -24.08
C LEU B 161 -2.13 12.85 -24.89
N PRO B 162 -2.58 12.34 -26.05
CA PRO B 162 -3.37 13.23 -26.93
C PRO B 162 -4.63 13.71 -26.23
N ALA B 163 -5.15 14.87 -26.65
CA ALA B 163 -6.33 15.50 -26.00
C ALA B 163 -7.64 15.25 -26.77
N GLY B 164 -8.06 16.20 -27.59
CA GLY B 164 -9.28 16.01 -28.35
C GLY B 164 -10.60 16.40 -27.69
N GLY B 165 -10.60 16.60 -26.36
CA GLY B 165 -11.72 17.29 -25.70
C GLY B 165 -12.97 16.47 -25.44
N PRO B 166 -13.97 17.08 -24.80
CA PRO B 166 -15.09 16.33 -24.21
C PRO B 166 -16.02 15.56 -25.16
N GLN B 167 -15.97 15.88 -26.46
CA GLN B 167 -16.83 15.26 -27.44
C GLN B 167 -15.97 14.56 -28.47
N SER B 168 -16.29 13.32 -28.80
CA SER B 168 -15.44 12.57 -29.71
C SER B 168 -15.82 12.80 -31.19
N PHE B 169 -17.11 13.04 -31.45
CA PHE B 169 -17.56 13.52 -32.80
C PHE B 169 -17.96 14.98 -32.74
N TRP B 170 -17.35 15.80 -33.59
CA TRP B 170 -17.74 17.18 -33.62
C TRP B 170 -18.73 17.23 -34.74
N ILE B 171 -20.00 17.43 -34.38
CA ILE B 171 -21.11 17.40 -35.33
C ILE B 171 -21.57 18.81 -35.68
N ASN B 172 -21.76 19.08 -36.98
CA ASN B 172 -22.15 20.42 -37.40
C ASN B 172 -23.61 20.65 -37.08
N SER B 173 -23.99 21.92 -36.99
CA SER B 173 -25.36 22.29 -36.68
C SER B 173 -26.38 22.07 -37.78
N GLU B 174 -25.95 21.74 -39.00
CA GLU B 174 -26.87 21.14 -39.97
C GLU B 174 -27.09 19.74 -39.41
N LEU B 175 -27.32 18.72 -40.22
CA LEU B 175 -27.28 17.32 -39.70
C LEU B 175 -28.13 16.95 -38.48
N ILE B 176 -28.80 17.92 -37.85
CA ILE B 176 -29.41 17.71 -36.54
C ILE B 176 -30.88 18.11 -36.58
N GLU B 177 -31.76 17.14 -36.32
CA GLU B 177 -33.21 17.40 -36.33
C GLU B 177 -33.65 18.03 -35.02
N SER B 178 -33.12 17.53 -33.91
CA SER B 178 -33.62 17.94 -32.62
C SER B 178 -32.50 17.87 -31.59
N LEU B 179 -32.47 18.84 -30.69
CA LEU B 179 -31.50 18.85 -29.62
C LEU B 179 -32.21 18.86 -28.28
N GLU B 180 -32.10 17.78 -27.54
CA GLU B 180 -32.72 17.71 -26.25
C GLU B 180 -31.62 17.98 -25.24
N VAL B 181 -31.89 18.92 -24.34
CA VAL B 181 -30.90 19.41 -23.40
C VAL B 181 -31.49 19.44 -22.00
N PHE B 182 -31.07 18.51 -21.16
CA PHE B 182 -31.59 18.41 -19.81
C PHE B 182 -30.56 18.97 -18.88
N ASP B 183 -31.00 19.78 -17.96
CA ASP B 183 -30.06 20.33 -16.99
C ASP B 183 -30.51 20.15 -15.57
N SER B 184 -31.71 19.63 -15.38
CA SER B 184 -32.31 19.60 -14.03
C SER B 184 -33.39 18.60 -14.01
N ASN B 185 -33.73 18.15 -12.81
CA ASN B 185 -34.66 17.02 -12.72
C ASN B 185 -34.49 16.01 -13.88
N ILE B 186 -33.29 15.43 -13.98
CA ILE B 186 -32.96 14.54 -15.10
C ILE B 186 -33.55 13.18 -14.82
N SER B 187 -33.66 12.34 -15.85
CA SER B 187 -34.62 11.25 -15.82
C SER B 187 -34.27 9.89 -15.20
N ALA B 188 -33.04 9.41 -15.33
CA ALA B 188 -32.72 8.00 -14.91
C ALA B 188 -32.58 7.09 -16.09
N LYS B 189 -33.19 7.43 -17.21
CA LYS B 189 -32.79 6.86 -18.49
C LYS B 189 -31.38 7.30 -18.71
N TYR B 190 -31.04 8.46 -18.15
CA TYR B 190 -29.73 9.09 -18.35
C TYR B 190 -28.80 8.98 -17.15
N GLY B 191 -27.57 8.57 -17.42
CA GLY B 191 -26.52 8.63 -16.45
C GLY B 191 -25.24 9.12 -17.09
N ASP B 192 -24.12 8.82 -16.45
CA ASP B 192 -22.77 9.15 -16.95
C ASP B 192 -22.56 10.65 -17.13
N PHE B 193 -22.99 11.39 -16.13
CA PHE B 193 -22.80 12.82 -16.08
C PHE B 193 -22.94 13.32 -14.66
N THR B 194 -22.34 14.46 -14.41
CA THR B 194 -22.53 15.22 -13.18
C THR B 194 -23.28 16.53 -13.46
N GLY B 195 -23.06 17.05 -14.68
CA GLY B 195 -23.58 18.35 -15.10
C GLY B 195 -24.90 18.31 -15.88
N GLY B 196 -24.82 18.43 -17.19
CA GLY B 196 -26.01 18.36 -18.05
C GLY B 196 -25.97 17.19 -19.02
N VAL B 197 -27.08 16.99 -19.71
CA VAL B 197 -27.17 16.03 -20.80
C VAL B 197 -27.49 16.79 -22.06
N VAL B 198 -26.79 16.45 -23.14
CA VAL B 198 -26.97 17.13 -24.41
C VAL B 198 -27.10 16.09 -25.52
N ASP B 199 -28.33 15.61 -25.74
CA ASP B 199 -28.62 14.60 -26.74
C ASP B 199 -29.04 15.26 -28.05
N ALA B 200 -28.30 14.96 -29.11
CA ALA B 200 -28.47 15.57 -30.41
C ALA B 200 -28.91 14.48 -31.36
N LYS B 201 -30.13 14.58 -31.88
CA LYS B 201 -30.66 13.56 -32.76
C LYS B 201 -30.53 13.99 -34.20
N THR B 202 -29.89 13.14 -34.99
CA THR B 202 -29.62 13.45 -36.39
C THR B 202 -30.88 13.32 -37.25
N MET B 203 -30.74 13.63 -38.53
CA MET B 203 -31.86 13.55 -39.47
C MET B 203 -32.31 12.12 -39.66
N ASP B 204 -33.62 11.91 -39.77
CA ASP B 204 -34.17 10.57 -40.06
C ASP B 204 -34.55 10.48 -41.54
N PRO B 205 -34.88 9.26 -42.03
CA PRO B 205 -35.43 9.26 -43.37
C PRO B 205 -36.92 9.60 -43.33
N LYS B 206 -37.47 10.13 -44.42
CA LYS B 206 -38.92 10.40 -44.52
C LYS B 206 -39.82 9.21 -44.97
N LEU B 207 -39.77 8.82 -46.25
CA LEU B 207 -40.61 7.71 -46.85
C LEU B 207 -41.72 8.19 -47.81
N ASP B 208 -42.11 9.46 -47.69
CA ASP B 208 -43.16 10.06 -48.54
C ASP B 208 -42.59 10.66 -49.84
N LYS B 209 -41.54 11.47 -49.70
CA LYS B 209 -41.00 12.30 -50.79
C LYS B 209 -39.49 12.10 -50.96
N SER B 210 -38.95 12.68 -52.03
CA SER B 210 -37.55 12.55 -52.34
C SER B 210 -36.83 13.88 -52.16
N SER B 211 -36.74 14.39 -50.93
CA SER B 211 -36.08 15.69 -50.70
C SER B 211 -34.56 15.58 -50.82
N GLY B 212 -33.90 16.74 -50.70
CA GLY B 212 -32.44 16.83 -50.81
C GLY B 212 -31.98 18.28 -50.87
N LYS B 213 -30.73 18.50 -50.48
CA LYS B 213 -30.19 19.85 -50.31
C LYS B 213 -28.68 19.84 -50.50
N ILE B 214 -28.19 20.92 -51.12
CA ILE B 214 -26.76 21.19 -51.19
C ILE B 214 -26.55 22.63 -50.70
N SER B 215 -25.63 22.79 -49.75
CA SER B 215 -25.33 24.09 -49.15
C SER B 215 -23.89 24.46 -49.46
N TYR B 216 -23.57 25.72 -49.22
CA TYR B 216 -22.20 26.21 -49.14
C TYR B 216 -22.19 27.47 -48.25
N ARG B 217 -21.13 27.70 -47.50
CA ARG B 217 -21.12 28.78 -46.51
C ARG B 217 -19.69 29.19 -46.12
N THR B 218 -19.48 30.50 -45.95
CA THR B 218 -18.11 31.11 -45.82
C THR B 218 -17.99 32.25 -44.80
N THR B 219 -16.79 32.40 -44.24
CA THR B 219 -16.37 33.67 -43.64
C THR B 219 -14.85 33.87 -43.75
N ARG B 220 -14.36 35.07 -43.40
CA ARG B 220 -12.96 35.49 -43.66
C ARG B 220 -12.43 36.51 -42.69
N ASP B 221 -11.10 36.65 -42.70
CA ASP B 221 -10.43 37.77 -42.03
C ASP B 221 -10.96 39.11 -42.56
N SER B 222 -11.06 39.26 -43.88
CA SER B 222 -11.61 40.47 -44.47
C SER B 222 -13.00 40.83 -43.91
N TRP B 223 -13.75 39.82 -43.51
CA TRP B 223 -15.13 39.98 -43.06
C TRP B 223 -15.23 40.02 -41.55
N THR B 224 -14.08 39.89 -40.91
CA THR B 224 -14.00 39.84 -39.48
C THR B 224 -13.26 41.09 -38.99
N LYS B 225 -13.84 41.73 -38.00
CA LYS B 225 -13.23 42.89 -37.39
C LYS B 225 -12.64 42.44 -36.06
N TYR B 226 -11.33 42.59 -35.90
CA TYR B 226 -10.59 42.09 -34.71
C TYR B 226 -10.46 43.08 -33.55
N HIS B 227 -10.27 42.54 -32.34
CA HIS B 227 -9.93 43.35 -31.16
C HIS B 227 -8.81 42.68 -30.35
N ILE B 228 -7.60 43.23 -30.49
CA ILE B 228 -6.39 42.63 -29.94
C ILE B 228 -5.79 43.63 -28.98
N SER B 229 -5.08 43.13 -27.99
CA SER B 229 -4.48 43.95 -26.96
C SER B 229 -3.25 44.68 -27.51
N GLU B 230 -3.03 45.89 -27.02
CA GLU B 230 -1.92 46.75 -27.46
C GLU B 230 -0.56 46.05 -27.35
N VAL B 231 -0.42 45.32 -26.26
CA VAL B 231 0.72 44.43 -25.96
C VAL B 231 1.01 43.45 -27.11
N ILE B 232 0.00 42.63 -27.42
CA ILE B 232 0.15 41.52 -28.35
C ILE B 232 0.26 41.97 -29.80
N SER B 233 -0.38 43.08 -30.15
CA SER B 233 -0.63 43.37 -31.58
C SER B 233 0.63 43.15 -32.43
N GLU B 234 1.78 43.48 -31.87
CA GLU B 234 3.04 43.23 -32.56
C GLU B 234 3.16 41.76 -32.94
N GLU B 235 3.23 40.92 -31.92
CA GLU B 235 3.36 39.48 -32.07
C GLU B 235 2.18 38.88 -32.84
N PHE B 236 0.99 39.43 -32.61
CA PHE B 236 -0.24 38.90 -33.22
C PHE B 236 -0.16 38.90 -34.73
N TYR B 237 0.10 40.09 -35.27
CA TYR B 237 0.08 40.31 -36.71
C TYR B 237 1.27 39.72 -37.44
N SER B 238 2.37 39.46 -36.74
CA SER B 238 3.50 38.72 -37.33
C SER B 238 3.08 37.31 -37.80
N GLY B 239 2.08 36.71 -37.14
CA GLY B 239 1.56 35.38 -37.48
C GLY B 239 2.56 34.28 -37.16
N THR B 240 3.29 34.48 -36.06
CA THR B 240 4.29 33.55 -35.56
C THR B 240 3.69 32.66 -34.50
N ASN B 241 2.50 33.02 -34.06
CA ASN B 241 1.81 32.32 -33.02
C ASN B 241 0.67 31.50 -33.65
N LEU B 242 0.52 30.25 -33.18
CA LEU B 242 -0.49 29.29 -33.67
C LEU B 242 -1.90 29.69 -33.34
N TYR B 243 -2.07 30.35 -32.21
CA TYR B 243 -3.40 30.78 -31.76
C TYR B 243 -3.57 32.30 -31.72
N TYR B 244 -2.82 32.98 -32.58
CA TYR B 244 -3.08 34.36 -33.02
C TYR B 244 -3.19 34.31 -34.54
N GLN B 245 -4.40 34.49 -35.05
CA GLN B 245 -4.74 34.13 -36.43
C GLN B 245 -5.36 35.33 -37.14
N PRO B 246 -4.50 36.22 -37.64
CA PRO B 246 -4.99 37.46 -38.23
C PRO B 246 -5.63 37.26 -39.59
N LYS B 247 -5.14 36.26 -40.32
CA LYS B 247 -5.63 35.96 -41.67
C LYS B 247 -6.07 34.50 -41.71
N PHE B 248 -7.20 34.25 -42.38
CA PHE B 248 -7.81 32.91 -42.43
C PHE B 248 -9.05 32.89 -43.34
N LYS B 249 -9.43 31.68 -43.75
CA LYS B 249 -10.64 31.46 -44.56
C LYS B 249 -11.30 30.16 -44.16
N LYS B 250 -12.56 30.24 -43.74
CA LYS B 250 -13.38 29.05 -43.44
C LYS B 250 -14.32 28.74 -44.60
N HIS B 251 -14.53 27.44 -44.88
CA HIS B 251 -15.43 26.94 -45.95
C HIS B 251 -16.29 25.77 -45.51
N PHE B 252 -17.60 25.92 -45.49
CA PHE B 252 -18.47 24.81 -45.09
C PHE B 252 -19.28 24.21 -46.27
N TYR B 253 -19.03 22.95 -46.65
CA TYR B 253 -19.87 22.28 -47.68
C TYR B 253 -20.84 21.32 -47.01
N SER B 254 -22.00 21.10 -47.62
CA SER B 254 -22.92 20.05 -47.17
C SER B 254 -23.73 19.48 -48.33
N ALA B 255 -24.10 18.20 -48.21
CA ALA B 255 -25.01 17.55 -49.19
C ALA B 255 -25.95 16.54 -48.48
N THR B 256 -27.22 16.57 -48.81
CA THR B 256 -28.20 15.68 -48.18
C THR B 256 -29.04 15.02 -49.26
N PHE B 257 -29.28 13.71 -49.12
CA PHE B 257 -30.12 12.96 -50.05
C PHE B 257 -31.12 12.16 -49.24
N ASN B 258 -32.37 12.60 -49.22
CA ASN B 258 -33.43 11.75 -48.68
C ASN B 258 -34.10 10.88 -49.77
N GLN B 259 -34.27 9.60 -49.46
CA GLN B 259 -34.60 8.59 -50.46
C GLN B 259 -35.49 7.47 -49.99
N PRO B 260 -36.76 7.51 -50.38
CA PRO B 260 -37.59 6.33 -50.11
C PRO B 260 -37.27 5.16 -51.05
N LEU B 261 -37.58 3.93 -50.64
CA LEU B 261 -37.52 2.72 -51.51
C LEU B 261 -38.88 2.04 -51.62
N SER B 262 -39.62 2.00 -50.52
CA SER B 262 -40.96 1.49 -50.51
C SER B 262 -41.87 2.57 -49.93
N ASP B 263 -43.14 2.25 -49.88
CA ASP B 263 -44.05 2.92 -48.95
C ASP B 263 -43.52 2.70 -47.50
N LYS B 264 -42.84 1.57 -47.29
CA LYS B 264 -42.31 1.19 -45.98
C LYS B 264 -40.77 0.98 -45.78
N ALA B 265 -39.93 1.54 -46.64
CA ALA B 265 -38.46 1.57 -46.38
C ALA B 265 -37.73 2.65 -47.17
N GLY B 266 -36.92 3.43 -46.49
CA GLY B 266 -36.12 4.47 -47.17
C GLY B 266 -34.84 4.75 -46.43
N PHE B 267 -33.83 5.24 -47.12
CA PHE B 267 -32.60 5.62 -46.43
C PHE B 267 -32.38 7.15 -46.49
N ILE B 268 -31.30 7.62 -45.88
CA ILE B 268 -30.88 9.01 -45.99
C ILE B 268 -29.36 9.09 -45.85
N PHE B 269 -28.73 9.69 -46.86
CA PHE B 269 -27.31 9.98 -46.81
C PHE B 269 -27.16 11.46 -46.51
N ALA B 270 -26.18 11.77 -45.70
CA ALA B 270 -25.79 13.16 -45.46
C ALA B 270 -24.28 13.28 -45.37
N TYR B 271 -23.78 14.40 -45.89
CA TYR B 271 -22.35 14.72 -45.85
C TYR B 271 -22.19 16.16 -45.43
N ASN B 272 -21.08 16.44 -44.76
CA ASN B 272 -20.84 17.76 -44.21
C ASN B 272 -19.38 17.99 -43.88
N ARG B 273 -18.75 18.93 -44.57
CA ARG B 273 -17.35 19.24 -44.38
C ARG B 273 -17.13 20.70 -43.96
N GLN B 274 -16.44 20.92 -42.85
CA GLN B 274 -16.02 22.26 -42.47
C GLN B 274 -14.51 22.33 -42.56
N GLN B 275 -13.99 23.33 -43.24
CA GLN B 275 -12.56 23.44 -43.45
C GLN B 275 -12.13 24.86 -43.12
N SER B 276 -10.90 24.99 -42.66
CA SER B 276 -10.39 26.28 -42.25
C SER B 276 -8.89 26.32 -42.45
N ASP B 277 -8.43 27.29 -43.24
CA ASP B 277 -7.01 27.46 -43.58
C ASP B 277 -6.44 28.69 -42.90
N ILE B 278 -5.33 28.52 -42.19
CA ILE B 278 -4.76 29.59 -41.37
C ILE B 278 -3.26 29.65 -41.62
N PRO B 279 -2.77 30.80 -42.15
CA PRO B 279 -1.34 30.87 -42.38
C PRO B 279 -0.58 30.94 -41.07
N TYR B 280 0.69 30.64 -41.16
CA TYR B 280 1.56 30.61 -40.00
C TYR B 280 3.00 30.84 -40.49
N TYR B 281 3.73 31.70 -39.76
CA TYR B 281 5.10 32.14 -40.13
C TYR B 281 6.13 31.70 -39.12
N HIS B 282 7.24 31.17 -39.63
CA HIS B 282 8.39 30.83 -38.80
C HIS B 282 9.35 32.02 -38.80
N GLU B 283 9.81 32.46 -37.62
CA GLU B 283 10.70 33.64 -37.50
C GLU B 283 12.06 33.31 -38.12
N TYR B 284 12.70 32.29 -37.54
CA TYR B 284 14.13 32.00 -37.78
C TYR B 284 14.30 30.99 -38.93
N LEU B 285 13.41 30.02 -39.02
CA LEU B 285 13.22 29.29 -40.27
C LEU B 285 12.52 30.39 -41.00
N GLN B 286 12.77 30.67 -42.28
CA GLN B 286 12.02 31.77 -42.92
C GLN B 286 10.98 31.27 -43.90
N GLN B 287 9.83 30.85 -43.37
CA GLN B 287 8.79 30.16 -44.16
C GLN B 287 7.39 30.46 -43.68
N TRP B 288 6.46 30.50 -44.64
CA TRP B 288 5.05 30.49 -44.33
C TRP B 288 4.51 29.08 -44.56
N ASP B 289 3.89 28.50 -43.54
CA ASP B 289 3.20 27.22 -43.71
C ASP B 289 1.74 27.48 -43.35
N ASP B 290 0.84 26.61 -43.84
CA ASP B 290 -0.60 26.77 -43.61
C ASP B 290 -1.11 25.78 -42.59
N GLN B 291 -1.58 26.29 -41.45
CA GLN B 291 -2.37 25.47 -40.53
C GLN B 291 -3.67 25.12 -41.21
N GLU B 292 -4.24 23.99 -40.81
CA GLU B 292 -5.50 23.50 -41.34
C GLU B 292 -6.39 22.92 -40.25
N ARG B 293 -7.69 23.12 -40.43
CA ARG B 293 -8.69 22.50 -39.58
C ARG B 293 -9.75 21.89 -40.49
N ILE B 294 -9.87 20.56 -40.46
CA ILE B 294 -10.93 19.87 -41.19
C ILE B 294 -11.83 19.11 -40.21
N ASN B 295 -13.13 19.26 -40.38
CA ASN B 295 -14.11 18.44 -39.71
C ASN B 295 -15.07 17.87 -40.78
N GLU B 296 -15.15 16.55 -40.86
CA GLU B 296 -16.10 15.88 -41.72
C GLU B 296 -17.14 15.05 -40.93
N THR B 297 -18.27 14.75 -41.57
CA THR B 297 -19.31 13.84 -41.05
C THR B 297 -19.98 13.15 -42.25
N TYR B 298 -19.89 11.83 -42.34
CA TYR B 298 -20.66 11.05 -43.33
C TYR B 298 -21.73 10.33 -42.55
N LEU B 299 -22.97 10.41 -42.99
CA LEU B 299 -24.09 9.82 -42.25
C LEU B 299 -25.01 9.05 -43.17
N LEU B 300 -25.46 7.89 -42.71
CA LEU B 300 -26.25 6.99 -43.54
C LEU B 300 -27.15 6.19 -42.61
N LYS B 301 -28.47 6.36 -42.78
CA LYS B 301 -29.50 5.74 -41.93
C LYS B 301 -30.61 5.15 -42.76
N GLY B 302 -30.93 3.90 -42.54
CA GLY B 302 -32.12 3.31 -43.15
C GLY B 302 -33.14 3.07 -42.07
N THR B 303 -34.42 3.00 -42.43
CA THR B 303 -35.46 2.42 -41.53
C THR B 303 -36.36 1.52 -42.36
N TYR B 304 -36.97 0.54 -41.72
CA TYR B 304 -37.79 -0.45 -42.40
C TYR B 304 -38.94 -0.79 -41.50
N LEU B 305 -40.18 -0.71 -42.00
CA LEU B 305 -41.37 -1.11 -41.22
C LEU B 305 -41.70 -2.54 -41.51
N THR B 306 -41.80 -3.40 -40.50
CA THR B 306 -42.05 -4.82 -40.77
C THR B 306 -43.51 -5.01 -41.07
N ASP B 307 -43.83 -6.19 -41.58
CA ASP B 307 -45.20 -6.59 -41.80
C ASP B 307 -45.88 -6.80 -40.43
N SER B 308 -45.03 -7.13 -39.45
CA SER B 308 -45.43 -7.21 -38.06
C SER B 308 -45.88 -5.86 -37.42
N GLY B 309 -45.46 -4.72 -37.95
CA GLY B 309 -45.81 -3.42 -37.36
C GLY B 309 -44.73 -2.89 -36.45
N ASP B 310 -43.72 -3.73 -36.24
CA ASP B 310 -42.46 -3.36 -35.61
C ASP B 310 -41.57 -2.61 -36.59
N ILE B 311 -40.60 -1.89 -36.04
CA ILE B 311 -39.72 -0.98 -36.78
C ILE B 311 -38.26 -1.32 -36.59
N ILE B 312 -37.51 -1.38 -37.68
CA ILE B 312 -36.10 -1.67 -37.60
C ILE B 312 -35.33 -0.53 -38.22
N ARG B 313 -34.40 0.04 -37.45
CA ARG B 313 -33.55 1.12 -37.92
C ARG B 313 -32.11 0.69 -37.92
N MET B 314 -31.33 1.37 -38.73
CA MET B 314 -29.96 1.03 -38.90
C MET B 314 -29.24 2.30 -39.30
N THR B 315 -28.17 2.60 -38.55
CA THR B 315 -27.38 3.84 -38.68
C THR B 315 -25.92 3.50 -38.93
N GLY B 316 -25.23 4.39 -39.62
CA GLY B 316 -23.79 4.30 -39.78
C GLY B 316 -23.25 5.71 -39.90
N MET B 317 -22.16 5.98 -39.19
CA MET B 317 -21.62 7.33 -39.14
C MET B 317 -20.12 7.30 -39.15
N TYR B 318 -19.53 8.31 -39.77
CA TYR B 318 -18.07 8.45 -39.77
C TYR B 318 -17.71 9.92 -39.63
N SER B 319 -17.01 10.28 -38.58
CA SER B 319 -16.85 11.69 -38.32
C SER B 319 -15.44 12.04 -37.94
N PRO B 320 -14.51 11.84 -38.89
CA PRO B 320 -13.14 12.24 -38.64
C PRO B 320 -13.00 13.76 -38.61
N HIS B 321 -12.13 14.26 -37.75
CA HIS B 321 -11.67 15.64 -37.80
C HIS B 321 -10.19 15.65 -37.58
N GLU B 322 -9.51 16.65 -38.12
CA GLU B 322 -8.07 16.77 -37.89
C GLU B 322 -7.62 18.21 -37.79
N SER B 323 -6.45 18.40 -37.17
CA SER B 323 -5.88 19.73 -37.01
C SER B 323 -4.42 19.69 -37.35
N LYS B 324 -4.05 20.47 -38.36
CA LYS B 324 -2.70 20.46 -38.88
C LYS B 324 -1.88 21.54 -38.16
N PHE B 325 -0.75 21.15 -37.58
CA PHE B 325 0.04 22.07 -36.73
C PHE B 325 1.51 22.10 -37.14
N TYR B 326 2.25 23.04 -36.53
CA TYR B 326 3.69 23.10 -36.75
C TYR B 326 4.51 23.33 -35.49
N LYS B 327 5.45 22.43 -35.27
CA LYS B 327 6.55 22.70 -34.37
C LYS B 327 7.36 23.87 -34.94
N LYS B 328 7.62 24.81 -34.05
CA LYS B 328 8.11 26.15 -34.37
C LYS B 328 9.59 26.17 -34.82
N ASP B 329 9.81 26.69 -36.01
CA ASP B 329 11.13 26.86 -36.58
C ASP B 329 11.84 25.51 -36.71
N VAL B 330 11.07 24.44 -36.88
CA VAL B 330 11.65 23.13 -37.07
C VAL B 330 11.51 22.65 -38.49
N LYS B 331 12.60 22.24 -39.11
CA LYS B 331 12.61 21.94 -40.52
C LYS B 331 11.48 21.02 -41.07
N ASN B 332 11.19 19.87 -40.48
CA ASN B 332 9.98 19.14 -40.89
C ASN B 332 9.11 19.01 -39.67
N GLY B 333 8.90 20.19 -39.09
CA GLY B 333 8.22 20.33 -37.83
C GLY B 333 6.77 19.98 -37.85
N GLY B 334 6.22 19.61 -39.00
CA GLY B 334 4.76 19.46 -39.12
C GLY B 334 4.22 18.28 -38.34
N PHE B 335 2.98 18.41 -37.87
CA PHE B 335 2.30 17.29 -37.24
C PHE B 335 0.81 17.49 -37.30
N THR B 336 0.07 16.40 -37.43
CA THR B 336 -1.39 16.44 -37.58
C THR B 336 -2.15 15.64 -36.54
N ASN B 337 -3.16 16.29 -35.99
CA ASN B 337 -3.93 15.72 -34.89
C ASN B 337 -5.29 15.31 -35.37
N SER B 338 -5.40 14.00 -35.57
CA SER B 338 -6.63 13.32 -36.02
C SER B 338 -7.47 13.00 -34.79
N GLY B 339 -8.80 13.04 -34.96
CA GLY B 339 -9.69 12.78 -33.84
C GLY B 339 -11.15 12.42 -33.99
N GLY B 340 -11.49 11.57 -34.93
CA GLY B 340 -12.89 11.14 -34.93
C GLY B 340 -13.12 9.71 -34.53
N GLY B 341 -14.04 9.10 -35.27
CA GLY B 341 -14.24 7.67 -35.34
C GLY B 341 -15.49 7.36 -36.14
N TYR B 342 -16.12 6.26 -35.79
CA TYR B 342 -17.32 5.82 -36.48
C TYR B 342 -18.21 4.94 -35.63
N ARG B 343 -19.40 4.69 -36.14
CA ARG B 343 -20.45 3.95 -35.48
C ARG B 343 -21.17 2.98 -36.41
N PHE B 344 -21.86 2.03 -35.80
CA PHE B 344 -22.86 1.25 -36.50
C PHE B 344 -23.95 0.82 -35.51
N ASN B 345 -25.17 1.32 -35.70
CA ASN B 345 -26.31 0.92 -34.89
C ASN B 345 -27.15 -0.15 -35.58
N MET B 346 -28.10 -0.68 -34.83
CA MET B 346 -29.13 -1.55 -35.33
C MET B 346 -30.16 -1.44 -34.21
N GLU B 347 -31.38 -1.05 -34.52
CA GLU B 347 -32.36 -0.75 -33.48
C GLU B 347 -33.67 -1.36 -33.85
N TRP B 348 -34.42 -1.82 -32.84
CA TRP B 348 -35.59 -2.66 -33.06
C TRP B 348 -36.72 -2.29 -32.14
N GLU B 349 -37.65 -1.48 -32.66
CA GLU B 349 -38.86 -1.17 -31.93
C GLU B 349 -39.82 -2.36 -31.98
N HIS B 350 -40.57 -2.53 -30.91
CA HIS B 350 -41.56 -3.59 -30.83
C HIS B 350 -42.73 -2.97 -30.14
N ASN B 351 -43.94 -3.15 -30.66
CA ASN B 351 -45.11 -2.61 -30.00
C ASN B 351 -45.93 -3.76 -29.56
N ALA B 352 -45.97 -3.97 -28.25
CA ALA B 352 -46.67 -5.10 -27.64
C ALA B 352 -47.91 -4.61 -26.91
N SER B 353 -48.78 -5.53 -26.51
CA SER B 353 -50.03 -5.18 -25.83
C SER B 353 -49.87 -4.28 -24.58
N TRP B 354 -48.69 -4.38 -23.93
CA TRP B 354 -48.40 -3.73 -22.64
C TRP B 354 -47.73 -2.36 -22.76
N GLY B 355 -47.06 -2.13 -23.89
CA GLY B 355 -46.31 -0.89 -24.11
C GLY B 355 -45.33 -0.99 -25.27
N LYS B 356 -44.17 -0.38 -25.10
CA LYS B 356 -43.19 -0.33 -26.15
C LYS B 356 -41.91 -0.93 -25.62
N MET B 357 -41.09 -1.50 -26.51
CA MET B 357 -39.79 -2.07 -26.17
C MET B 357 -38.76 -1.93 -27.28
N THR B 358 -37.86 -0.97 -27.06
CA THR B 358 -36.87 -0.59 -28.05
C THR B 358 -35.54 -1.24 -27.67
N SER B 359 -34.88 -1.94 -28.62
CA SER B 359 -33.68 -2.76 -28.30
C SER B 359 -32.57 -2.46 -29.29
N LEU B 360 -31.41 -2.02 -28.79
CA LEU B 360 -30.33 -1.52 -29.65
C LEU B 360 -29.03 -2.24 -29.47
N ALA B 361 -28.33 -2.56 -30.57
CA ALA B 361 -26.93 -3.03 -30.51
C ALA B 361 -26.05 -2.11 -31.34
N GLY B 362 -24.91 -1.74 -30.78
CA GLY B 362 -24.05 -0.75 -31.43
C GLY B 362 -22.57 -1.04 -31.31
N TYR B 363 -21.80 -0.54 -32.28
CA TYR B 363 -20.36 -0.57 -32.18
C TYR B 363 -19.83 0.79 -32.58
N GLN B 364 -18.75 1.21 -31.90
CA GLN B 364 -18.23 2.58 -31.94
C GLN B 364 -16.77 2.68 -31.56
N TYR B 365 -15.94 2.71 -32.61
CA TYR B 365 -14.51 3.07 -32.51
C TYR B 365 -14.27 4.59 -32.61
N THR B 366 -13.39 5.08 -31.75
CA THR B 366 -13.09 6.50 -31.56
C THR B 366 -11.58 6.57 -31.41
N GLU B 367 -10.90 7.55 -31.98
CA GLU B 367 -9.42 7.61 -31.82
C GLU B 367 -8.75 8.96 -31.96
N ASP B 368 -7.96 9.33 -30.95
CA ASP B 368 -7.11 10.52 -30.96
C ASP B 368 -5.63 10.20 -31.19
N LYS B 369 -5.13 10.62 -32.35
CA LYS B 369 -3.80 10.26 -32.79
C LYS B 369 -3.04 11.54 -33.09
N THR B 370 -1.74 11.52 -32.85
CA THR B 370 -0.81 12.56 -33.27
C THR B 370 0.21 11.92 -34.20
N GLU B 371 0.40 12.50 -35.38
CA GLU B 371 1.29 11.94 -36.39
C GLU B 371 2.13 13.06 -36.96
N HIS B 372 3.44 12.93 -36.82
CA HIS B 372 4.37 14.00 -37.18
C HIS B 372 4.88 13.74 -38.60
N GLU B 373 5.36 14.78 -39.27
CA GLU B 373 5.87 14.65 -40.62
C GLU B 373 7.03 13.65 -40.68
N ALA B 374 7.81 13.54 -39.62
CA ALA B 374 8.89 12.54 -39.56
C ALA B 374 9.02 11.90 -38.18
N ASP B 375 9.77 10.80 -38.12
CA ASP B 375 9.84 9.93 -36.93
C ASP B 375 11.22 9.95 -36.21
N SER B 376 12.00 10.99 -36.45
CA SER B 376 13.23 11.25 -35.68
C SER B 376 13.44 12.75 -35.60
N TYR B 377 14.20 13.20 -34.59
CA TYR B 377 14.41 14.62 -34.32
C TYR B 377 15.87 14.91 -34.11
N GLN B 378 16.36 15.98 -34.71
CA GLN B 378 17.76 16.37 -34.51
C GLN B 378 17.89 17.85 -34.23
N THR B 379 18.94 18.21 -33.51
CA THR B 379 19.30 19.59 -33.29
C THR B 379 20.73 19.65 -33.74
N TRP B 380 20.98 20.45 -34.78
CA TRP B 380 22.32 20.60 -35.33
C TRP B 380 22.80 22.00 -35.12
N ARG B 381 24.12 22.18 -35.26
CA ARG B 381 24.73 23.50 -35.14
C ARG B 381 25.03 24.11 -36.50
N ARG B 382 24.52 25.31 -36.70
CA ARG B 382 24.75 26.01 -37.93
C ARG B 382 26.11 26.70 -37.91
N PHE B 383 26.34 27.49 -36.87
CA PHE B 383 27.64 28.13 -36.65
C PHE B 383 27.86 28.52 -35.18
N SER B 384 29.13 28.53 -34.81
CA SER B 384 29.55 28.90 -33.48
C SER B 384 31.01 29.34 -33.51
N SER B 385 31.46 29.93 -32.41
CA SER B 385 32.78 30.51 -32.30
C SER B 385 33.82 30.06 -33.35
N GLY B 386 34.24 28.80 -33.32
CA GLY B 386 35.29 28.31 -34.23
C GLY B 386 34.78 27.51 -35.41
N PHE B 387 33.49 27.65 -35.70
CA PHE B 387 32.74 26.70 -36.56
C PHE B 387 31.67 27.34 -37.47
N VAL B 388 31.64 26.86 -38.71
CA VAL B 388 30.55 27.15 -39.64
C VAL B 388 30.28 25.92 -40.51
N SER B 389 29.02 25.50 -40.59
CA SER B 389 28.69 24.29 -41.31
C SER B 389 28.50 24.58 -42.79
N ASN B 390 28.91 23.62 -43.62
CA ASN B 390 28.68 23.64 -45.07
C ASN B 390 27.33 23.04 -45.44
N VAL B 391 26.69 22.40 -44.47
CA VAL B 391 25.52 21.56 -44.71
C VAL B 391 24.25 22.11 -44.08
N ILE B 392 24.35 22.81 -42.97
CA ILE B 392 23.15 23.32 -42.33
C ILE B 392 22.76 24.69 -42.90
N ASP B 393 21.72 24.69 -43.72
CA ASP B 393 21.28 25.90 -44.45
C ASP B 393 20.12 26.66 -43.77
N TRP B 394 19.61 26.16 -42.64
CA TRP B 394 18.51 26.81 -41.92
C TRP B 394 18.89 27.04 -40.47
N SER B 395 18.09 27.84 -39.77
CA SER B 395 18.31 28.09 -38.35
C SER B 395 17.00 28.11 -37.60
N SER B 396 17.06 27.83 -36.30
CA SER B 396 15.88 27.85 -35.45
C SER B 396 15.96 28.89 -34.34
N SER B 397 17.10 29.58 -34.25
CA SER B 397 17.41 30.54 -33.19
C SER B 397 18.01 31.79 -33.83
N GLY B 398 17.79 32.94 -33.20
CA GLY B 398 18.26 34.23 -33.74
C GLY B 398 19.61 34.74 -33.25
N GLY B 399 20.35 33.91 -32.51
CA GLY B 399 21.60 34.36 -31.88
C GLY B 399 22.59 35.08 -32.80
N ALA B 400 23.27 36.09 -32.28
CA ALA B 400 24.30 36.77 -33.05
C ALA B 400 25.53 35.88 -33.26
N ASN B 401 26.05 35.30 -32.17
CA ASN B 401 27.29 34.53 -32.22
C ASN B 401 27.06 33.03 -32.43
N GLY B 402 25.87 32.54 -32.12
CA GLY B 402 25.59 31.10 -32.28
C GLY B 402 24.18 30.77 -32.73
N GLN B 403 24.05 29.85 -33.68
CA GLN B 403 22.74 29.44 -34.16
C GLN B 403 22.62 27.94 -34.32
N ASN B 404 21.50 27.44 -33.82
CA ASN B 404 21.17 26.03 -33.84
C ASN B 404 19.94 25.76 -34.69
N SER B 405 19.90 24.56 -35.24
CA SER B 405 18.95 24.24 -36.30
C SER B 405 18.27 22.89 -36.02
N ASN B 406 16.97 22.95 -35.75
CA ASN B 406 16.23 21.76 -35.43
C ASN B 406 15.59 21.20 -36.66
N ILE B 407 15.49 19.88 -36.73
CA ILE B 407 14.86 19.20 -37.87
C ILE B 407 14.17 17.91 -37.41
N GLY B 408 12.92 17.74 -37.85
CA GLY B 408 12.19 16.47 -37.70
C GLY B 408 11.01 16.47 -36.73
N GLY B 409 10.83 15.34 -36.05
CA GLY B 409 9.73 15.17 -35.12
C GLY B 409 9.75 13.86 -34.38
N TYR B 410 8.71 13.66 -33.57
CA TYR B 410 8.56 12.50 -32.70
C TYR B 410 7.62 11.68 -33.56
N GLY B 411 7.21 10.48 -33.20
CA GLY B 411 6.67 9.59 -34.27
C GLY B 411 5.18 9.72 -34.63
N SER B 412 4.50 8.58 -34.65
CA SER B 412 3.05 8.55 -34.55
C SER B 412 2.69 7.92 -33.22
N PHE B 413 1.62 8.40 -32.61
CA PHE B 413 1.14 7.82 -31.34
C PHE B 413 -0.27 8.26 -31.03
N ALA B 414 -1.02 7.43 -30.32
CA ALA B 414 -2.46 7.65 -30.27
C ALA B 414 -3.12 6.93 -29.13
N THR B 415 -4.29 7.41 -28.75
CA THR B 415 -5.19 6.63 -27.90
C THR B 415 -6.44 6.30 -28.70
N ASN B 416 -7.06 5.16 -28.43
CA ASN B 416 -8.41 4.87 -28.96
C ASN B 416 -9.27 4.13 -27.96
N THR B 417 -10.56 4.04 -28.28
CA THR B 417 -11.49 3.17 -27.56
C THR B 417 -12.43 2.45 -28.55
N SER B 418 -12.38 1.13 -28.53
CA SER B 418 -13.29 0.28 -29.28
C SER B 418 -14.38 -0.21 -28.34
N SER B 419 -15.65 -0.11 -28.72
CA SER B 419 -16.73 -0.46 -27.79
C SER B 419 -18.05 -0.94 -28.39
N PHE B 420 -18.50 -2.09 -27.91
CA PHE B 420 -19.71 -2.74 -28.37
C PHE B 420 -20.74 -2.50 -27.27
N SER B 421 -21.98 -2.14 -27.65
CA SER B 421 -23.01 -1.67 -26.68
C SER B 421 -24.35 -2.36 -26.92
N LEU B 422 -25.06 -2.64 -25.82
CA LEU B 422 -26.34 -3.34 -25.85
C LEU B 422 -27.35 -2.73 -24.92
N LYS B 423 -28.25 -1.93 -25.47
CA LYS B 423 -29.22 -1.21 -24.70
C LYS B 423 -30.53 -1.94 -24.77
N GLN B 424 -31.45 -1.57 -23.89
CA GLN B 424 -32.84 -1.94 -24.05
C GLN B 424 -33.70 -1.09 -23.14
N ASP B 425 -34.70 -0.43 -23.69
CA ASP B 425 -35.55 0.46 -22.88
C ASP B 425 -37.02 0.14 -23.08
N TYR B 426 -37.78 0.24 -22.01
CA TYR B 426 -39.20 -0.13 -21.99
C TYR B 426 -40.02 1.10 -21.60
N GLU B 427 -41.12 1.33 -22.32
CA GLU B 427 -42.08 2.39 -21.96
C GLU B 427 -43.37 1.61 -21.82
N LEU B 428 -43.77 1.34 -20.59
CA LEU B 428 -45.03 0.65 -20.31
C LEU B 428 -46.23 1.58 -20.46
N ASN B 429 -47.33 1.03 -20.95
CA ASN B 429 -48.58 1.75 -20.96
C ASN B 429 -49.01 2.03 -19.54
N PRO B 430 -49.61 3.20 -19.32
CA PRO B 430 -50.05 3.53 -17.99
C PRO B 430 -50.90 2.44 -17.41
N VAL B 431 -50.97 2.44 -16.09
CA VAL B 431 -51.64 1.40 -15.37
C VAL B 431 -52.13 2.02 -14.10
N SER B 432 -53.42 1.93 -13.84
CA SER B 432 -53.91 2.46 -12.59
C SER B 432 -53.90 1.27 -11.64
N TRP B 433 -53.33 1.50 -10.46
CA TRP B 433 -53.21 0.50 -9.41
C TRP B 433 -53.46 1.26 -8.12
N TYR B 434 -54.68 1.12 -7.65
CA TYR B 434 -55.00 1.49 -6.29
C TYR B 434 -54.85 2.99 -6.12
N GLY B 435 -55.54 3.69 -7.02
CA GLY B 435 -55.86 5.11 -6.90
C GLY B 435 -55.04 5.97 -7.83
N ILE B 436 -54.01 5.37 -8.41
CA ILE B 436 -52.94 6.16 -8.97
C ILE B 436 -52.58 5.66 -10.37
N ASN B 437 -52.28 6.57 -11.31
CA ASN B 437 -51.75 6.19 -12.65
C ASN B 437 -50.27 6.04 -12.64
N HIS B 438 -49.79 4.96 -13.23
CA HIS B 438 -48.38 4.60 -13.17
C HIS B 438 -47.76 4.51 -14.57
N GLN B 439 -47.06 5.59 -14.94
CA GLN B 439 -46.21 5.63 -16.14
C GLN B 439 -44.85 5.07 -15.81
N ILE B 440 -44.63 3.82 -16.18
CA ILE B 440 -43.40 3.12 -15.80
C ILE B 440 -42.44 3.00 -16.97
N ASP B 441 -41.21 3.43 -16.74
CA ASP B 441 -40.14 3.17 -17.66
C ASP B 441 -39.17 2.29 -16.91
N PHE B 442 -38.50 1.43 -17.64
CA PHE B 442 -37.31 0.82 -17.10
C PHE B 442 -36.43 0.45 -18.24
N GLY B 443 -35.28 -0.11 -17.91
CA GLY B 443 -34.32 -0.49 -18.93
C GLY B 443 -32.95 -0.78 -18.37
N TRP B 444 -32.09 -1.32 -19.22
CA TRP B 444 -30.70 -1.62 -18.89
C TRP B 444 -29.82 -1.37 -20.09
N GLU B 445 -28.53 -1.31 -19.82
CA GLU B 445 -27.57 -1.33 -20.91
C GLU B 445 -26.23 -1.78 -20.45
N THR B 446 -25.43 -2.27 -21.39
CA THR B 446 -24.07 -2.70 -21.09
C THR B 446 -23.13 -2.33 -22.20
N ASP B 447 -21.92 -1.99 -21.81
CA ASP B 447 -20.91 -1.50 -22.73
C ASP B 447 -19.60 -2.19 -22.41
N PHE B 448 -19.05 -2.89 -23.38
CA PHE B 448 -17.79 -3.56 -23.24
C PHE B 448 -16.89 -2.68 -24.02
N TYR B 449 -15.83 -2.15 -23.43
CA TYR B 449 -14.93 -1.27 -24.16
C TYR B 449 -13.50 -1.64 -23.98
N THR B 450 -12.65 -1.23 -24.90
CA THR B 450 -11.24 -1.47 -24.71
C THR B 450 -10.39 -0.27 -25.18
N SER B 451 -9.71 0.36 -24.22
CA SER B 451 -8.94 1.59 -24.43
C SER B 451 -7.46 1.28 -24.62
N ARG B 452 -6.82 1.85 -25.64
CA ARG B 452 -5.36 1.74 -25.82
C ARG B 452 -4.61 3.09 -25.79
N TYR B 453 -3.30 3.01 -25.52
CA TYR B 453 -2.33 4.03 -25.91
C TYR B 453 -1.25 3.30 -26.69
N ARG B 454 -0.73 3.89 -27.74
CA ARG B 454 0.30 3.22 -28.48
C ARG B 454 1.23 4.22 -29.11
N ARG B 455 2.53 3.98 -28.96
CA ARG B 455 3.53 4.57 -29.86
C ARG B 455 3.72 3.51 -30.93
N PHE B 456 3.57 3.92 -32.20
CA PHE B 456 3.56 2.97 -33.32
C PHE B 456 4.95 2.43 -33.70
N SER B 457 6.00 3.15 -33.34
CA SER B 457 7.35 2.68 -33.62
C SER B 457 8.36 3.53 -32.90
N ASP B 458 9.60 3.02 -32.83
CA ASP B 458 10.67 3.69 -32.09
C ASP B 458 10.95 5.05 -32.70
N VAL B 459 11.08 6.07 -31.85
CA VAL B 459 11.52 7.40 -32.31
C VAL B 459 12.79 7.79 -31.56
N TYR B 460 13.78 8.25 -32.29
CA TYR B 460 15.06 8.60 -31.75
C TYR B 460 15.26 10.12 -31.79
N THR B 461 15.71 10.70 -30.68
CA THR B 461 16.05 12.11 -30.63
C THR B 461 17.55 12.29 -30.40
N GLY B 462 17.97 13.56 -30.38
CA GLY B 462 19.35 13.95 -30.51
C GLY B 462 20.35 13.63 -29.43
N GLY B 463 20.13 14.03 -28.19
CA GLY B 463 21.20 13.89 -27.17
C GLY B 463 22.29 14.93 -27.35
N VAL B 464 23.35 14.87 -26.56
CA VAL B 464 24.29 16.01 -26.57
C VAL B 464 25.10 16.03 -27.83
N LEU B 465 25.62 17.22 -28.10
CA LEU B 465 26.25 17.47 -29.35
C LEU B 465 27.73 17.45 -29.17
N VAL B 466 28.47 17.18 -30.24
CA VAL B 466 29.88 17.54 -30.27
C VAL B 466 30.17 18.20 -31.60
N VAL B 467 31.03 19.21 -31.54
CA VAL B 467 31.33 20.08 -32.65
C VAL B 467 32.81 20.33 -32.53
N PRO B 468 33.63 19.31 -32.84
CA PRO B 468 35.02 19.56 -32.57
C PRO B 468 35.50 20.66 -33.50
N THR B 469 36.30 21.57 -32.93
CA THR B 469 36.86 22.72 -33.62
C THR B 469 38.36 22.74 -33.35
N GLY B 470 39.02 23.85 -33.71
CA GLY B 470 40.43 24.07 -33.38
C GLY B 470 41.34 23.04 -34.02
N ALA B 471 42.25 22.50 -33.22
CA ALA B 471 43.21 21.46 -33.64
C ALA B 471 42.54 20.31 -34.42
N SER B 472 41.41 19.83 -33.89
CA SER B 472 40.67 18.72 -34.49
C SER B 472 39.39 19.24 -35.12
N ALA B 473 39.53 20.09 -36.13
CA ALA B 473 38.39 20.85 -36.71
C ALA B 473 37.59 20.11 -37.78
N GLY B 474 38.21 19.19 -38.51
CA GLY B 474 37.51 18.50 -39.58
C GLY B 474 37.16 17.05 -39.31
N SER B 475 37.40 16.58 -38.09
CA SER B 475 37.66 15.16 -37.84
C SER B 475 36.47 14.21 -37.58
N VAL B 476 35.22 14.65 -37.80
CA VAL B 476 34.07 13.75 -37.63
C VAL B 476 34.10 12.68 -38.74
N VAL B 477 34.16 11.40 -38.35
CA VAL B 477 34.20 10.27 -39.30
C VAL B 477 32.91 9.43 -39.17
N CYS B 478 31.96 9.60 -40.08
CA CYS B 478 30.61 9.04 -39.88
C CYS B 478 30.44 7.57 -40.23
N GLN B 479 29.35 6.98 -39.75
CA GLN B 479 28.99 5.62 -40.10
C GLN B 479 27.93 5.60 -41.21
N SER B 480 28.04 4.65 -42.13
CA SER B 480 27.08 4.51 -43.23
C SER B 480 25.67 4.58 -42.67
N GLY B 481 24.95 5.66 -43.01
CA GLY B 481 23.53 5.81 -42.63
C GLY B 481 23.22 6.24 -41.21
N ASP B 482 24.23 6.75 -40.51
CA ASP B 482 24.09 7.31 -39.15
C ASP B 482 23.30 8.62 -39.17
N GLU B 483 22.04 8.58 -38.77
CA GLU B 483 21.21 9.79 -38.74
C GLU B 483 21.74 10.92 -37.82
N LEU B 484 22.65 10.58 -36.91
CA LEU B 484 23.14 11.50 -35.88
C LEU B 484 24.63 11.74 -36.02
N CYS B 485 25.03 12.23 -37.19
CA CYS B 485 26.43 12.37 -37.52
C CYS B 485 26.51 13.04 -38.88
N ILE B 486 27.18 14.18 -38.97
CA ILE B 486 27.27 14.92 -40.23
C ILE B 486 28.72 14.95 -40.72
N PRO B 487 29.10 14.08 -41.69
CA PRO B 487 30.51 13.81 -41.96
C PRO B 487 31.31 15.09 -42.11
N GLY B 488 32.40 15.19 -41.37
CA GLY B 488 33.24 16.38 -41.40
C GLY B 488 32.93 17.43 -40.35
N GLU B 489 31.71 17.48 -39.85
CA GLU B 489 31.28 18.58 -38.98
C GLU B 489 30.96 18.27 -37.50
N GLN B 490 30.01 17.39 -37.23
CA GLN B 490 29.46 17.25 -35.89
C GLN B 490 28.72 15.94 -35.72
N TYR B 491 28.56 15.52 -34.48
CA TYR B 491 27.88 14.26 -34.15
C TYR B 491 27.25 14.30 -32.74
N SER B 492 26.51 13.25 -32.41
CA SER B 492 25.86 13.14 -31.10
C SER B 492 26.50 12.07 -30.24
N ARG B 493 26.76 12.46 -29.00
CA ARG B 493 27.40 11.61 -28.02
C ARG B 493 26.36 10.72 -27.39
N THR B 494 25.23 11.31 -27.03
CA THR B 494 24.12 10.58 -26.43
C THR B 494 23.01 10.60 -27.42
N ARG B 495 22.05 9.71 -27.21
CA ARG B 495 20.83 9.63 -28.02
C ARG B 495 19.72 9.02 -27.21
N ILE B 496 18.57 9.68 -27.24
CA ILE B 496 17.40 9.26 -26.48
C ILE B 496 16.34 8.57 -27.35
N LEU B 497 16.00 7.33 -27.00
CA LEU B 497 15.02 6.54 -27.74
C LEU B 497 13.70 6.48 -26.98
N TYR B 498 12.62 6.97 -27.60
CA TYR B 498 11.27 6.84 -27.08
C TYR B 498 10.59 5.63 -27.73
N PRO B 499 10.43 4.53 -26.98
CA PRO B 499 10.28 3.24 -27.64
C PRO B 499 8.88 2.94 -28.10
N GLU B 500 8.75 1.94 -28.95
CA GLU B 500 7.45 1.41 -29.34
C GLU B 500 6.82 0.74 -28.14
N ARG B 501 5.60 1.12 -27.87
CA ARG B 501 4.96 0.86 -26.60
C ARG B 501 3.49 0.69 -26.80
N ASN B 502 2.86 0.23 -25.74
CA ASN B 502 1.48 -0.12 -25.78
C ASN B 502 0.89 -0.37 -24.37
N VAL B 503 -0.13 0.39 -24.02
CA VAL B 503 -0.87 0.17 -22.78
C VAL B 503 -2.34 0.03 -23.12
N GLN B 504 -3.00 -0.89 -22.44
CA GLN B 504 -4.27 -1.39 -22.90
C GLN B 504 -5.20 -1.89 -21.80
N VAL B 505 -6.37 -1.24 -21.63
CA VAL B 505 -7.41 -1.66 -20.68
C VAL B 505 -8.58 -2.24 -21.44
N SER B 506 -9.19 -3.30 -20.90
CA SER B 506 -10.51 -3.77 -21.38
C SER B 506 -11.49 -3.92 -20.24
N ASN B 507 -12.59 -3.18 -20.31
CA ASN B 507 -13.60 -3.13 -19.26
C ASN B 507 -15.02 -3.34 -19.71
N VAL B 508 -15.92 -3.38 -18.75
CA VAL B 508 -17.34 -3.62 -18.99
C VAL B 508 -18.18 -2.89 -17.96
N ASN B 509 -18.95 -1.89 -18.37
CA ASN B 509 -19.87 -1.24 -17.44
C ASN B 509 -21.26 -1.78 -17.69
N TYR B 510 -22.11 -1.68 -16.67
CA TYR B 510 -23.46 -2.20 -16.68
C TYR B 510 -24.28 -1.11 -16.07
N ALA B 511 -25.55 -1.01 -16.47
CA ALA B 511 -26.47 -0.07 -15.83
C ALA B 511 -27.89 -0.48 -16.05
N ALA B 512 -28.73 -0.06 -15.12
CA ALA B 512 -30.15 -0.34 -15.19
C ALA B 512 -30.87 0.72 -14.44
N TYR B 513 -32.11 0.99 -14.81
CA TYR B 513 -32.89 2.08 -14.22
C TYR B 513 -34.35 1.73 -14.17
N LEU B 514 -35.05 2.31 -13.21
CA LEU B 514 -36.50 2.13 -13.10
C LEU B 514 -37.12 3.43 -12.67
N GLN B 515 -38.12 3.88 -13.40
CA GLN B 515 -38.81 5.12 -13.07
C GLN B 515 -40.28 4.84 -13.03
N ASN B 516 -40.98 5.54 -12.16
CA ASN B 516 -42.43 5.41 -12.09
C ASN B 516 -43.07 6.77 -11.86
N SER B 517 -43.47 7.40 -12.96
CA SER B 517 -44.16 8.67 -12.88
C SER B 517 -45.58 8.36 -12.49
N MET B 518 -45.95 8.73 -11.27
CA MET B 518 -47.32 8.52 -10.82
C MET B 518 -48.01 9.84 -10.63
N SER B 519 -49.32 9.83 -10.84
CA SER B 519 -50.15 11.02 -10.71
C SER B 519 -51.49 10.66 -10.09
N TYR B 520 -51.85 11.40 -9.04
CA TYR B 520 -53.21 11.52 -8.57
C TYR B 520 -53.67 12.77 -9.33
N GLY B 521 -54.95 13.04 -9.50
CA GLY B 521 -55.34 14.26 -10.19
C GLY B 521 -54.55 15.41 -9.59
N ARG B 522 -54.14 16.37 -10.43
CA ARG B 522 -53.43 17.62 -9.97
C ARG B 522 -51.99 17.40 -9.44
N LEU B 523 -51.75 16.30 -8.74
CA LEU B 523 -50.41 15.92 -8.31
C LEU B 523 -49.68 15.09 -9.38
N GLU B 524 -48.35 15.15 -9.36
CA GLU B 524 -47.51 14.31 -10.19
C GLU B 524 -46.20 14.13 -9.46
N VAL B 525 -45.73 12.90 -9.35
CA VAL B 525 -44.63 12.57 -8.45
C VAL B 525 -43.95 11.39 -9.06
N THR B 526 -42.68 11.56 -9.44
CA THR B 526 -41.98 10.52 -10.19
C THR B 526 -40.63 10.09 -9.54
N PRO B 527 -40.68 9.12 -8.61
CA PRO B 527 -39.45 8.53 -8.09
C PRO B 527 -38.81 7.59 -9.09
N GLY B 528 -37.49 7.66 -9.20
CA GLY B 528 -36.71 6.85 -10.14
C GLY B 528 -35.30 6.46 -9.64
N VAL B 529 -34.81 5.33 -10.12
CA VAL B 529 -33.54 4.81 -9.66
C VAL B 529 -32.69 4.46 -10.83
N ARG B 530 -31.44 4.90 -10.78
CA ARG B 530 -30.45 4.44 -11.71
C ARG B 530 -29.31 3.80 -10.98
N VAL B 531 -29.02 2.56 -11.36
CA VAL B 531 -27.95 1.76 -10.79
C VAL B 531 -26.93 1.45 -11.88
N SER B 532 -25.67 1.75 -11.55
CA SER B 532 -24.56 1.55 -12.46
C SER B 532 -23.39 0.90 -11.73
N TYR B 533 -22.55 0.19 -12.48
CA TYR B 533 -21.31 -0.33 -11.95
C TYR B 533 -20.17 -0.17 -12.97
N ASP B 534 -19.17 0.63 -12.67
CA ASP B 534 -18.05 0.73 -13.59
C ASP B 534 -16.89 -0.09 -13.13
N ASP B 535 -16.38 -0.92 -14.03
CA ASP B 535 -15.34 -1.87 -13.74
C ASP B 535 -14.12 -1.15 -13.30
N PHE B 536 -13.85 -0.03 -13.92
CA PHE B 536 -12.58 0.63 -13.76
C PHE B 536 -12.31 1.04 -12.33
N LEU B 537 -13.28 1.65 -11.66
CA LEU B 537 -13.10 1.92 -10.24
C LEU B 537 -13.74 0.85 -9.40
N GLU B 538 -14.53 0.00 -10.04
CA GLU B 538 -15.24 -1.11 -9.37
C GLU B 538 -16.11 -0.60 -8.27
N ASN B 539 -16.95 0.36 -8.58
CA ASN B 539 -17.92 0.89 -7.63
C ASN B 539 -19.26 0.61 -8.18
N LEU B 540 -20.19 0.26 -7.32
CA LEU B 540 -21.59 0.17 -7.74
C LEU B 540 -22.34 1.33 -7.16
N ASN B 541 -22.80 2.23 -8.02
CA ASN B 541 -23.41 3.45 -7.56
C ASN B 541 -24.92 3.40 -7.75
N ILE B 542 -25.64 3.88 -6.75
CA ILE B 542 -27.10 3.95 -6.80
C ILE B 542 -27.53 5.42 -6.75
N ALA B 543 -28.25 5.86 -7.77
CA ALA B 543 -28.64 7.24 -7.92
C ALA B 543 -30.15 7.34 -7.76
N PRO B 544 -30.60 7.90 -6.65
CA PRO B 544 -32.01 8.18 -6.57
C PRO B 544 -32.27 9.46 -7.31
N ARG B 545 -33.41 9.49 -7.98
CA ARG B 545 -33.90 10.65 -8.67
C ARG B 545 -35.32 10.84 -8.17
N PHE B 546 -35.70 12.06 -7.88
CA PHE B 546 -37.03 12.33 -7.40
C PHE B 546 -37.45 13.71 -7.85
N SER B 547 -38.65 13.78 -8.39
CA SER B 547 -39.13 14.94 -9.12
C SER B 547 -40.64 14.98 -8.93
N ALA B 548 -41.16 16.11 -8.42
CA ALA B 548 -42.62 16.27 -8.19
C ALA B 548 -43.22 17.49 -8.88
N SER B 549 -44.54 17.60 -8.87
CA SER B 549 -45.28 18.68 -9.53
C SER B 549 -46.72 18.72 -9.12
N TYR B 550 -47.28 19.91 -9.09
CA TYR B 550 -48.65 20.09 -8.65
C TYR B 550 -49.14 21.40 -9.22
N ASP B 551 -50.29 21.39 -9.91
CA ASP B 551 -50.90 22.67 -10.33
C ASP B 551 -52.08 23.06 -9.48
N VAL B 552 -52.00 24.25 -8.93
CA VAL B 552 -53.09 24.74 -8.12
C VAL B 552 -54.23 24.88 -9.12
N PHE B 553 -55.46 24.84 -8.59
CA PHE B 553 -56.71 25.13 -9.33
C PHE B 553 -57.22 23.99 -10.21
N GLY B 554 -56.37 23.04 -10.57
CA GLY B 554 -56.55 22.36 -11.86
C GLY B 554 -56.17 23.37 -12.93
N ASP B 555 -56.86 23.38 -14.07
CA ASP B 555 -56.67 24.37 -15.17
C ASP B 555 -55.23 24.64 -15.71
N ARG B 556 -54.21 24.33 -14.92
CA ARG B 556 -52.75 24.44 -15.23
C ARG B 556 -52.25 25.85 -15.61
N SER B 557 -52.93 26.85 -15.05
CA SER B 557 -52.47 28.23 -15.11
C SER B 557 -51.26 28.36 -14.22
N THR B 558 -51.27 27.63 -13.11
CA THR B 558 -50.29 27.83 -12.05
C THR B 558 -49.81 26.51 -11.50
N ARG B 559 -48.60 26.12 -11.91
CA ARG B 559 -47.97 24.83 -11.56
C ARG B 559 -46.64 25.08 -10.82
N LEU B 560 -46.46 24.41 -9.68
CA LEU B 560 -45.16 24.31 -9.00
C LEU B 560 -44.61 22.91 -9.11
N PHE B 561 -43.32 22.82 -8.88
CA PHE B 561 -42.60 21.61 -9.13
C PHE B 561 -41.27 21.76 -8.43
N GLY B 562 -40.66 20.62 -8.13
CA GLY B 562 -39.31 20.58 -7.56
C GLY B 562 -38.70 19.21 -7.72
N GLY B 563 -37.64 18.95 -6.96
CA GLY B 563 -37.03 17.65 -7.00
C GLY B 563 -35.64 17.64 -6.42
N ALA B 564 -35.16 16.45 -6.09
CA ALA B 564 -33.84 16.26 -5.51
C ALA B 564 -33.29 15.04 -6.16
N ASN B 565 -32.12 15.14 -6.75
CA ASN B 565 -31.55 14.03 -7.50
C ASN B 565 -30.07 13.88 -7.30
N ARG B 566 -29.52 12.77 -7.80
CA ARG B 566 -28.10 12.58 -7.79
C ARG B 566 -27.59 12.00 -9.09
N TYR B 567 -26.55 12.64 -9.63
CA TYR B 567 -25.98 12.27 -10.89
C TYR B 567 -24.53 11.86 -10.68
N TYR B 568 -24.23 10.62 -11.04
CA TYR B 568 -22.85 10.09 -11.00
C TYR B 568 -22.25 10.16 -12.41
N ALA B 569 -20.97 10.54 -12.48
CA ALA B 569 -20.26 10.71 -13.77
C ALA B 569 -19.60 9.45 -14.23
N GLY B 570 -19.23 9.52 -15.51
CA GLY B 570 -18.57 8.42 -16.20
C GLY B 570 -17.09 8.49 -15.94
N ASN B 571 -16.31 7.74 -16.69
CA ASN B 571 -14.93 7.57 -16.31
C ASN B 571 -14.00 8.61 -16.91
N ILE B 572 -12.90 8.90 -16.22
CA ILE B 572 -11.82 9.68 -16.81
C ILE B 572 -10.68 8.80 -17.27
N LEU B 573 -9.94 8.13 -16.41
CA LEU B 573 -9.10 7.07 -16.96
C LEU B 573 -7.84 7.55 -17.76
N ALA B 574 -7.51 8.85 -17.67
CA ALA B 574 -6.24 9.44 -18.25
C ALA B 574 -5.01 8.94 -17.55
N TYR B 575 -5.14 8.69 -16.25
CA TYR B 575 -4.03 8.21 -15.48
C TYR B 575 -3.70 6.78 -15.90
N LYS B 576 -4.70 6.01 -16.33
CA LYS B 576 -4.41 4.67 -16.83
C LYS B 576 -3.59 4.77 -18.09
N MET B 577 -4.00 5.61 -19.01
CA MET B 577 -3.41 5.60 -20.35
C MET B 577 -1.98 6.17 -20.32
N ARG B 578 -1.70 6.98 -19.30
CA ARG B 578 -0.38 7.56 -19.14
C ARG B 578 0.59 6.66 -18.39
N GLN B 579 0.22 5.40 -18.15
CA GLN B 579 1.02 4.57 -17.26
C GLN B 579 2.44 4.55 -17.71
N GLY B 580 2.70 3.83 -18.78
CA GLY B 580 4.07 3.70 -19.17
C GLY B 580 4.69 4.99 -19.69
N ILE B 581 3.82 5.95 -20.03
CA ILE B 581 4.17 7.08 -20.90
C ILE B 581 5.45 7.82 -20.55
N GLY B 582 6.17 8.23 -21.57
CA GLY B 582 7.40 8.98 -21.31
C GLY B 582 8.55 8.12 -20.84
N SER B 583 8.43 6.82 -21.08
CA SER B 583 9.56 5.94 -20.98
C SER B 583 10.49 6.33 -22.11
N ASN B 584 11.78 6.38 -21.80
CA ASN B 584 12.80 6.65 -22.78
C ASN B 584 14.08 5.96 -22.41
N ILE B 585 14.80 5.49 -23.41
CA ILE B 585 16.07 4.81 -23.19
C ILE B 585 17.17 5.63 -23.80
N GLN B 586 18.13 6.03 -22.97
CA GLN B 586 19.24 6.90 -23.37
C GLN B 586 20.54 6.13 -23.53
N GLU B 587 21.20 6.31 -24.67
CA GLU B 587 22.48 5.64 -24.91
C GLU B 587 23.59 6.66 -25.07
N SER B 588 24.84 6.17 -25.04
CA SER B 588 26.06 7.01 -25.21
C SER B 588 27.07 6.36 -26.14
N ARG B 589 28.06 7.13 -26.56
CA ARG B 589 29.16 6.57 -27.34
C ARG B 589 30.36 7.49 -27.27
N ILE B 590 31.56 6.89 -27.26
CA ILE B 590 32.78 7.70 -27.09
C ILE B 590 33.04 8.56 -28.32
N SER B 591 32.95 7.93 -29.49
CA SER B 591 33.29 8.56 -30.77
C SER B 591 32.15 8.28 -31.75
N PRO B 592 32.19 8.89 -32.95
CA PRO B 592 31.08 8.68 -33.84
C PRO B 592 31.09 7.32 -34.53
N THR B 593 32.20 6.58 -34.43
CA THR B 593 32.33 5.20 -34.96
C THR B 593 32.21 4.14 -33.88
N ALA B 594 32.06 4.58 -32.63
CA ALA B 594 31.83 3.67 -31.51
C ALA B 594 30.43 3.17 -31.60
N PRO B 595 30.19 1.95 -31.08
CA PRO B 595 28.84 1.46 -30.95
C PRO B 595 28.13 2.12 -29.78
N TRP B 596 26.81 2.17 -29.83
CA TRP B 596 26.03 2.76 -28.75
C TRP B 596 26.10 1.87 -27.53
N THR B 597 26.43 2.47 -26.40
CA THR B 597 26.76 1.76 -25.16
C THR B 597 25.71 2.14 -24.13
N THR B 598 25.73 1.45 -22.99
CA THR B 598 25.10 1.94 -21.75
C THR B 598 23.63 2.43 -21.89
N PRO B 599 22.73 1.52 -22.31
CA PRO B 599 21.33 1.93 -22.41
C PRO B 599 20.78 2.08 -21.01
N THR B 600 20.01 3.12 -20.75
CA THR B 600 19.43 3.28 -19.40
C THR B 600 18.03 3.89 -19.41
N LEU B 601 17.14 3.18 -18.73
CA LEU B 601 15.71 3.36 -18.85
C LEU B 601 15.24 4.39 -17.85
N ARG B 602 14.78 5.53 -18.34
CA ARG B 602 14.09 6.49 -17.51
C ARG B 602 12.60 6.42 -17.84
N THR B 603 11.79 6.48 -16.79
CA THR B 603 10.39 6.86 -16.91
C THR B 603 10.36 8.30 -16.41
N GLY B 604 9.63 9.19 -17.08
CA GLY B 604 9.61 10.60 -16.68
C GLY B 604 8.77 10.67 -15.42
N THR B 605 7.94 11.69 -15.29
CA THR B 605 6.87 11.63 -14.29
C THR B 605 6.07 10.35 -14.53
N ASN B 606 5.78 9.62 -13.45
CA ASN B 606 5.06 8.36 -13.58
C ASN B 606 3.65 8.60 -13.18
N TYR B 607 2.72 7.91 -13.84
CA TYR B 607 1.31 8.08 -13.52
C TYR B 607 0.67 6.75 -13.18
N ASN B 608 -0.39 6.81 -12.39
CA ASN B 608 -1.02 5.58 -11.96
C ASN B 608 -2.45 5.57 -11.41
N VAL B 609 -2.95 4.36 -11.29
CA VAL B 609 -4.29 4.11 -10.84
C VAL B 609 -4.34 4.17 -9.34
N SER B 610 -5.53 4.43 -8.82
CA SER B 610 -5.77 4.49 -7.38
C SER B 610 -7.19 4.01 -7.01
N ASP B 611 -7.47 3.87 -5.71
CA ASP B 611 -8.80 3.44 -5.19
C ASP B 611 -9.68 4.68 -5.05
N LEU B 612 -10.55 4.91 -6.02
CA LEU B 612 -11.30 6.17 -6.10
C LEU B 612 -12.82 6.04 -5.98
N ASN B 613 -13.46 7.03 -5.37
CA ASN B 613 -14.89 7.16 -5.44
C ASN B 613 -15.25 7.70 -6.79
N THR B 614 -16.48 7.42 -7.25
CA THR B 614 -17.01 8.01 -8.49
C THR B 614 -17.61 9.37 -8.18
N PRO B 615 -17.19 10.41 -8.90
CA PRO B 615 -17.68 11.72 -8.57
C PRO B 615 -19.13 11.89 -8.90
N TYR B 616 -19.89 12.42 -7.95
CA TYR B 616 -21.30 12.67 -8.11
C TYR B 616 -21.67 14.15 -7.86
N SER B 617 -22.92 14.49 -8.13
CA SER B 617 -23.44 15.83 -7.91
C SER B 617 -24.81 15.67 -7.36
N ASP B 618 -25.11 16.45 -6.32
CA ASP B 618 -26.38 16.35 -5.68
C ASP B 618 -27.14 17.62 -5.94
N GLU B 619 -28.44 17.47 -6.21
CA GLU B 619 -29.25 18.56 -6.71
C GLU B 619 -30.55 18.72 -5.97
N LEU B 620 -30.98 19.97 -5.95
CA LEU B 620 -32.23 20.37 -5.38
C LEU B 620 -32.81 21.41 -6.31
N SER B 621 -34.10 21.28 -6.60
CA SER B 621 -34.76 22.20 -7.51
C SER B 621 -36.11 22.56 -6.92
N LEU B 622 -36.56 23.76 -7.24
CA LEU B 622 -37.85 24.24 -6.78
C LEU B 622 -38.21 25.33 -7.76
N GLY B 623 -39.41 25.28 -8.31
CA GLY B 623 -39.79 26.21 -9.39
C GLY B 623 -41.28 26.51 -9.45
N LEU B 624 -41.65 27.32 -10.42
CA LEU B 624 -43.03 27.80 -10.55
C LEU B 624 -43.26 28.29 -11.97
N SER B 625 -44.35 27.84 -12.59
CA SER B 625 -44.69 28.21 -13.97
C SER B 625 -46.03 28.90 -13.97
N GLN B 626 -46.03 30.21 -14.22
CA GLN B 626 -47.25 31.01 -14.27
C GLN B 626 -47.63 31.29 -15.70
N ARG B 627 -48.93 31.43 -15.95
CA ARG B 627 -49.43 31.92 -17.22
C ARG B 627 -50.07 33.25 -16.95
N VAL B 628 -49.34 34.34 -17.13
CA VAL B 628 -49.84 35.66 -16.69
C VAL B 628 -50.97 36.20 -17.59
N MET B 629 -50.72 36.34 -18.88
CA MET B 629 -51.70 36.95 -19.80
C MET B 629 -51.95 35.96 -20.95
N SER B 630 -51.24 36.12 -22.05
CA SER B 630 -51.12 35.08 -23.06
C SER B 630 -49.62 34.82 -23.23
N THR B 631 -48.95 34.69 -22.09
CA THR B 631 -47.49 34.65 -21.98
C THR B 631 -47.11 33.84 -20.74
N VAL B 632 -46.20 32.88 -20.91
CA VAL B 632 -45.81 31.96 -19.82
C VAL B 632 -44.50 32.36 -19.13
N TRP B 633 -44.62 32.74 -17.87
CA TRP B 633 -43.49 33.12 -17.02
C TRP B 633 -43.13 31.90 -16.17
N THR B 634 -42.02 31.23 -16.49
CA THR B 634 -41.54 30.13 -15.62
C THR B 634 -40.19 30.50 -15.00
N ALA B 635 -40.14 30.42 -13.67
CA ALA B 635 -39.00 30.85 -12.88
C ALA B 635 -38.62 29.74 -11.93
N LYS B 636 -37.32 29.47 -11.81
CA LYS B 636 -36.83 28.31 -11.06
C LYS B 636 -35.44 28.50 -10.42
N TRP B 637 -35.22 27.71 -9.38
CA TRP B 637 -33.99 27.70 -8.60
C TRP B 637 -33.38 26.30 -8.66
N VAL B 638 -32.07 26.23 -8.82
CA VAL B 638 -31.34 24.96 -8.80
C VAL B 638 -30.05 25.10 -8.01
N ASN B 639 -29.78 24.11 -7.16
CA ASN B 639 -28.57 24.09 -6.37
C ASN B 639 -27.86 22.76 -6.52
N ARG B 640 -26.57 22.83 -6.83
CA ARG B 640 -25.77 21.64 -7.11
C ARG B 640 -24.48 21.58 -6.32
N GLN B 641 -24.45 20.70 -5.33
CA GLN B 641 -23.21 20.32 -4.66
C GLN B 641 -22.54 19.31 -5.56
N GLY B 642 -21.33 19.64 -6.02
CA GLY B 642 -20.55 18.72 -6.83
C GLY B 642 -19.47 18.09 -5.98
N LYS B 643 -19.46 16.77 -5.90
CA LYS B 643 -18.65 16.14 -4.90
C LYS B 643 -17.64 15.14 -5.42
N GLU B 644 -16.66 14.84 -4.58
CA GLU B 644 -15.66 13.84 -4.87
C GLU B 644 -15.04 13.98 -6.24
N GLN B 645 -14.79 15.21 -6.67
CA GLN B 645 -14.29 15.46 -8.05
C GLN B 645 -12.80 15.21 -8.17
N PHE B 646 -12.38 14.57 -9.26
CA PHE B 646 -10.99 14.15 -9.38
C PHE B 646 -10.00 15.32 -9.37
N GLY B 647 -8.81 15.07 -8.85
CA GLY B 647 -7.71 16.04 -8.87
C GLY B 647 -6.37 15.31 -8.82
N ARG B 648 -5.31 16.01 -8.46
CA ARG B 648 -4.02 15.34 -8.54
C ARG B 648 -3.33 15.20 -7.23
N GLU B 649 -2.68 14.04 -7.08
CA GLU B 649 -1.78 13.76 -5.96
C GLU B 649 -0.42 13.33 -6.44
N THR B 650 0.53 14.21 -6.15
CA THR B 650 1.91 14.00 -6.44
C THR B 650 2.44 13.52 -5.14
N THR B 651 3.22 12.47 -5.21
CA THR B 651 3.97 11.95 -4.09
C THR B 651 5.38 11.88 -4.63
N THR B 652 6.34 12.28 -3.83
CA THR B 652 7.65 12.47 -4.38
C THR B 652 8.68 11.56 -3.67
N ILE B 653 9.19 10.57 -4.39
CA ILE B 653 9.89 9.43 -3.78
C ILE B 653 11.32 9.31 -4.29
N ASP B 654 12.25 9.83 -3.50
CA ASP B 654 13.65 9.99 -3.92
C ASP B 654 13.70 10.95 -5.13
N GLY B 655 14.59 10.72 -6.08
CA GLY B 655 14.66 11.58 -7.24
C GLY B 655 13.27 11.84 -7.78
N GLN B 656 12.55 10.75 -8.03
CA GLN B 656 11.38 10.77 -8.92
C GLN B 656 10.05 11.15 -8.29
N SER B 657 9.05 11.32 -9.15
CA SER B 657 7.78 11.97 -8.82
C SER B 657 6.57 11.16 -9.38
N TYR B 658 5.55 10.93 -8.53
CA TYR B 658 4.53 9.91 -8.81
C TYR B 658 3.09 10.41 -8.73
N ARG B 659 2.38 10.35 -9.85
CA ARG B 659 1.08 10.98 -9.96
C ARG B 659 -0.10 10.05 -10.00
N VAL B 660 -1.13 10.51 -9.32
CA VAL B 660 -2.26 9.72 -9.04
C VAL B 660 -3.47 10.60 -8.85
N MET B 661 -4.65 10.04 -9.11
CA MET B 661 -5.87 10.80 -9.02
C MET B 661 -6.46 10.70 -7.60
N ASN B 662 -7.06 11.78 -7.14
CA ASN B 662 -7.70 11.80 -5.84
C ASN B 662 -9.16 12.14 -6.02
N ASN B 663 -9.88 12.32 -4.90
CA ASN B 663 -11.27 12.77 -4.94
C ASN B 663 -11.40 14.09 -4.17
N LYS B 664 -10.39 14.95 -4.27
CA LYS B 664 -10.32 16.15 -3.42
C LYS B 664 -10.92 17.43 -4.01
N GLY B 665 -11.41 17.38 -5.23
CA GLY B 665 -12.10 18.51 -5.82
C GLY B 665 -13.48 18.65 -5.20
N HIS B 666 -14.03 19.85 -5.27
CA HIS B 666 -15.45 20.03 -5.11
C HIS B 666 -15.92 21.36 -5.70
N THR B 667 -17.22 21.43 -6.01
CA THR B 667 -17.83 22.59 -6.64
C THR B 667 -19.19 22.85 -6.03
N GLU B 668 -19.67 24.08 -6.13
CA GLU B 668 -21.07 24.41 -5.90
C GLU B 668 -21.62 25.06 -7.15
N GLY B 669 -22.92 24.95 -7.33
CA GLY B 669 -23.63 25.70 -8.35
C GLY B 669 -24.95 26.20 -7.80
N ASN B 670 -25.26 27.45 -8.10
CA ASN B 670 -26.53 27.98 -7.68
C ASN B 670 -27.04 28.93 -8.73
N THR B 671 -28.24 28.65 -9.26
CA THR B 671 -28.78 29.47 -10.34
C THR B 671 -30.27 29.74 -10.16
N PHE B 672 -30.62 31.02 -10.22
CA PHE B 672 -32.01 31.47 -10.30
C PHE B 672 -32.22 31.87 -11.75
N SER B 673 -33.18 31.21 -12.42
CA SER B 673 -33.47 31.43 -13.84
C SER B 673 -34.93 31.84 -14.06
N LEU B 674 -35.14 32.86 -14.89
CA LEU B 674 -36.49 33.26 -15.29
C LEU B 674 -36.63 33.03 -16.81
N GLU B 675 -37.84 32.78 -17.27
CA GLU B 675 -38.09 32.56 -18.71
C GLU B 675 -39.52 32.97 -19.10
N VAL B 676 -39.63 33.96 -20.00
CA VAL B 676 -40.94 34.39 -20.50
C VAL B 676 -41.01 34.07 -21.97
N GLU B 677 -42.20 33.65 -22.41
CA GLU B 677 -42.46 33.24 -23.79
C GLU B 677 -43.95 33.35 -24.07
N PRO B 678 -44.33 34.02 -25.18
CA PRO B 678 -45.73 34.17 -25.50
C PRO B 678 -46.33 32.83 -25.94
N ILE B 679 -47.66 32.73 -25.85
CA ILE B 679 -48.42 31.51 -26.20
C ILE B 679 -48.28 31.19 -27.68
N SER B 680 -48.47 32.19 -28.53
CA SER B 680 -48.24 32.02 -29.95
C SER B 680 -47.79 33.33 -30.59
N PRO B 681 -47.21 33.25 -31.81
CA PRO B 681 -46.69 34.43 -32.51
C PRO B 681 -47.68 35.61 -32.64
N HIS B 682 -47.17 36.83 -32.78
CA HIS B 682 -48.01 38.02 -32.96
C HIS B 682 -48.07 38.41 -34.44
N ARG B 683 -49.21 38.96 -34.85
CA ARG B 683 -49.64 39.08 -36.26
C ARG B 683 -49.87 40.52 -36.74
N PHE B 684 -49.12 40.98 -37.74
CA PHE B 684 -49.32 42.34 -38.31
C PHE B 684 -49.83 42.36 -39.77
N SER B 685 -50.06 41.16 -40.32
CA SER B 685 -50.43 40.94 -41.75
C SER B 685 -49.20 40.95 -42.68
N PHE B 686 -48.53 42.10 -42.83
CA PHE B 686 -47.29 42.16 -43.65
C PHE B 686 -46.17 41.27 -43.09
N ALA B 687 -46.18 41.03 -41.77
CA ALA B 687 -45.25 40.10 -41.14
C ALA B 687 -45.87 39.31 -39.98
N GLU B 688 -45.10 38.33 -39.47
CA GLU B 688 -45.37 37.64 -38.19
C GLU B 688 -44.09 37.50 -37.33
N VAL B 689 -44.21 37.81 -36.04
CA VAL B 689 -43.05 37.78 -35.12
C VAL B 689 -43.33 36.94 -33.87
N ASN B 690 -42.30 36.17 -33.51
CA ASN B 690 -42.28 35.33 -32.31
C ASN B 690 -41.13 35.83 -31.46
N TRP B 691 -41.20 35.64 -30.15
CA TRP B 691 -40.13 36.11 -29.27
C TRP B 691 -40.00 35.28 -28.00
N LYS B 692 -38.78 35.19 -27.50
CA LYS B 692 -38.48 34.52 -26.23
C LYS B 692 -37.42 35.29 -25.44
N LEU B 693 -37.52 35.21 -24.12
CA LEU B 693 -36.62 35.95 -23.21
C LEU B 693 -36.12 35.05 -22.05
N GLY B 694 -34.80 34.92 -21.93
CA GLY B 694 -34.15 34.20 -20.82
C GLY B 694 -33.30 35.11 -19.96
N ALA B 695 -33.22 34.81 -18.66
CA ALA B 695 -32.39 35.57 -17.73
C ALA B 695 -31.94 34.68 -16.57
N SER B 696 -30.83 35.01 -15.95
CA SER B 696 -30.32 34.20 -14.85
C SER B 696 -29.39 34.94 -13.89
N VAL B 697 -29.44 34.55 -12.62
CA VAL B 697 -28.50 35.02 -11.62
C VAL B 697 -27.80 33.78 -11.08
N THR B 698 -26.46 33.81 -11.08
CA THR B 698 -25.63 32.60 -11.01
C THR B 698 -24.34 32.73 -10.15
N LYS B 699 -24.35 32.19 -8.94
CA LYS B 699 -23.16 32.12 -8.08
C LYS B 699 -22.53 30.72 -8.13
N ASN B 700 -21.31 30.62 -8.66
CA ASN B 700 -20.60 29.34 -8.75
C ASN B 700 -19.33 29.33 -7.94
N LYS B 701 -19.01 28.18 -7.36
CA LYS B 701 -17.87 28.04 -6.45
C LYS B 701 -17.01 26.85 -6.81
N SER B 702 -15.82 26.79 -6.22
CA SER B 702 -14.80 25.82 -6.61
C SER B 702 -13.63 25.76 -5.63
N ASN B 703 -12.97 24.61 -5.59
CA ASN B 703 -11.63 24.50 -5.01
C ASN B 703 -10.64 25.22 -5.89
N SER B 704 -9.36 25.08 -5.55
CA SER B 704 -8.27 25.34 -6.48
C SER B 704 -7.98 24.13 -7.37
N ILE B 705 -8.68 23.01 -7.16
CA ILE B 705 -8.56 21.83 -8.02
C ILE B 705 -9.43 21.96 -9.25
N TYR B 706 -8.92 22.67 -10.25
CA TYR B 706 -9.73 23.07 -11.41
C TYR B 706 -10.15 21.89 -12.24
N TYR B 707 -9.22 20.98 -12.49
CA TYR B 707 -9.53 19.75 -13.20
C TYR B 707 -8.71 18.55 -12.72
N TYR B 708 -8.88 17.41 -13.35
CA TYR B 708 -8.32 16.17 -12.79
C TYR B 708 -6.77 16.10 -12.79
N ASP B 709 -6.11 17.00 -13.50
CA ASP B 709 -4.63 17.19 -13.34
C ASP B 709 -4.16 18.45 -12.57
N SER B 710 -5.08 19.12 -11.91
CA SER B 710 -4.70 20.18 -11.03
C SER B 710 -4.22 19.59 -9.70
N ALA B 711 -3.08 20.09 -9.22
CA ALA B 711 -2.60 19.76 -7.87
C ALA B 711 -3.28 20.64 -6.79
N ASN B 712 -3.37 20.09 -5.57
CA ASN B 712 -4.16 20.69 -4.49
C ASN B 712 -3.53 21.89 -3.79
N GLN B 713 -3.66 23.05 -4.40
CA GLN B 713 -3.12 24.26 -3.83
C GLN B 713 -4.16 24.98 -3.03
N ASP B 714 -5.13 24.26 -2.47
CA ASP B 714 -5.97 24.87 -1.44
C ASP B 714 -4.92 25.12 -0.38
N GLU B 715 -5.30 25.74 0.72
CA GLU B 715 -4.39 25.79 1.89
C GLU B 715 -3.15 26.69 1.71
N GLN B 716 -2.73 26.93 0.47
CA GLN B 716 -1.84 28.06 0.18
C GLN B 716 -2.48 29.31 0.69
N ARG B 717 -1.69 30.33 0.93
CA ARG B 717 -2.25 31.55 1.46
C ARG B 717 -2.13 32.67 0.42
N VAL B 718 -3.16 33.51 0.41
CA VAL B 718 -3.47 34.34 -0.72
C VAL B 718 -4.11 35.62 -0.21
N ILE B 719 -3.79 36.77 -0.79
CA ILE B 719 -4.32 37.99 -0.23
C ILE B 719 -5.70 38.32 -0.74
N PHE B 720 -5.87 38.34 -2.05
CA PHE B 720 -7.24 38.52 -2.63
C PHE B 720 -7.94 39.85 -2.25
N ASP B 721 -9.25 39.89 -2.49
CA ASP B 721 -10.16 40.80 -1.81
C ASP B 721 -9.50 41.09 -0.47
N ASP B 722 -9.29 42.36 -0.15
CA ASP B 722 -8.19 42.73 0.76
C ASP B 722 -8.13 42.19 2.19
N LYS B 723 -8.76 41.04 2.43
CA LYS B 723 -8.46 40.20 3.60
C LYS B 723 -7.55 39.00 3.22
N LEU B 724 -6.62 38.64 4.11
CA LEU B 724 -5.70 37.51 3.92
C LEU B 724 -6.46 36.19 4.09
N MET B 725 -6.55 35.37 3.05
CA MET B 725 -7.29 34.09 3.15
C MET B 725 -6.68 32.93 2.38
N TYR B 726 -7.21 31.73 2.65
CA TYR B 726 -6.78 30.51 1.97
C TYR B 726 -7.29 30.47 0.52
N ARG B 727 -6.51 29.83 -0.34
CA ARG B 727 -6.78 29.88 -1.76
C ARG B 727 -7.98 29.06 -2.18
N GLY B 728 -8.23 27.99 -1.43
CA GLY B 728 -9.35 27.11 -1.70
C GLY B 728 -10.71 27.78 -1.53
N ASP B 729 -10.73 28.97 -0.94
CA ASP B 729 -11.97 29.66 -0.62
C ASP B 729 -12.21 30.94 -1.44
N ILE B 730 -11.39 31.20 -2.43
CA ILE B 730 -11.58 32.41 -3.22
C ILE B 730 -12.56 32.16 -4.33
N ASP B 731 -13.07 33.24 -4.93
CA ASP B 731 -14.07 33.13 -6.02
C ASP B 731 -13.55 32.30 -7.19
N ALA B 732 -14.48 31.55 -7.79
CA ALA B 732 -14.21 30.85 -9.04
C ALA B 732 -13.96 31.93 -10.06
N MET B 733 -13.04 31.68 -10.99
CA MET B 733 -12.76 32.66 -12.04
C MET B 733 -12.94 32.14 -13.47
N ASN B 734 -13.49 30.94 -13.60
CA ASN B 734 -13.97 30.44 -14.89
C ASN B 734 -15.39 29.95 -14.67
N PHE B 735 -16.26 30.15 -15.66
CA PHE B 735 -17.68 29.77 -15.55
C PHE B 735 -18.33 30.50 -14.37
N ASN B 736 -18.07 31.79 -14.24
CA ASN B 736 -18.68 32.53 -13.12
C ASN B 736 -19.05 33.97 -13.41
N THR B 737 -19.79 34.20 -14.49
CA THR B 737 -20.41 35.52 -14.73
C THR B 737 -21.70 35.60 -13.92
N PRO B 738 -21.80 36.60 -13.04
CA PRO B 738 -22.83 36.58 -12.00
C PRO B 738 -24.26 36.61 -12.50
N TRP B 739 -24.50 37.23 -13.67
CA TRP B 739 -25.84 37.24 -14.30
C TRP B 739 -25.78 37.55 -15.79
N ARG B 740 -26.86 37.22 -16.50
CA ARG B 740 -27.05 37.61 -17.89
C ARG B 740 -28.51 37.44 -18.27
N ALA B 741 -28.99 38.32 -19.15
CA ALA B 741 -30.31 38.22 -19.77
C ALA B 741 -30.19 38.29 -21.30
N PHE B 742 -31.09 37.62 -22.01
CA PHE B 742 -31.08 37.64 -23.47
C PHE B 742 -32.50 37.50 -24.06
N LEU B 743 -32.73 38.18 -25.18
CA LEU B 743 -34.01 38.11 -25.89
C LEU B 743 -33.77 37.70 -27.33
N ASN B 744 -34.62 36.80 -27.83
CA ASN B 744 -34.64 36.43 -29.25
C ASN B 744 -35.95 36.89 -29.94
N VAL B 745 -35.80 37.43 -31.16
CA VAL B 745 -36.92 37.90 -31.97
C VAL B 745 -36.80 37.35 -33.39
N ASN B 746 -37.71 36.43 -33.73
CA ASN B 746 -37.79 35.88 -35.08
C ASN B 746 -38.96 36.51 -35.81
N THR B 747 -38.65 37.14 -36.93
CA THR B 747 -39.59 37.91 -37.70
C THR B 747 -39.64 37.26 -39.07
N TYR B 748 -40.85 37.07 -39.59
CA TYR B 748 -40.99 36.56 -40.95
C TYR B 748 -41.86 37.50 -41.79
N PHE B 749 -41.31 37.93 -42.91
CA PHE B 749 -42.04 38.73 -43.91
C PHE B 749 -42.43 37.83 -45.09
N PRO B 750 -43.66 37.24 -45.07
CA PRO B 750 -43.99 36.25 -46.11
C PRO B 750 -44.11 36.94 -47.46
N ALA B 751 -44.48 38.22 -47.42
CA ALA B 751 -44.60 39.04 -48.61
C ALA B 751 -43.37 38.92 -49.51
N VAL B 752 -42.16 39.07 -48.94
CA VAL B 752 -40.90 38.97 -49.71
C VAL B 752 -40.03 37.78 -49.28
N ARG B 753 -40.68 36.74 -48.74
CA ARG B 753 -39.99 35.53 -48.24
C ARG B 753 -38.65 35.83 -47.52
N LEU B 754 -38.70 36.79 -46.60
CA LEU B 754 -37.52 37.22 -45.84
C LEU B 754 -37.69 36.91 -44.37
N SER B 755 -36.73 36.20 -43.79
CA SER B 755 -36.71 35.95 -42.34
C SER B 755 -35.64 36.83 -41.66
N TRP B 756 -35.99 37.43 -40.52
CA TRP B 756 -35.22 38.53 -39.87
C TRP B 756 -35.04 38.26 -38.39
N ASP B 757 -34.06 37.40 -38.09
CA ASP B 757 -33.86 36.85 -36.74
C ASP B 757 -32.81 37.64 -35.97
N GLN B 758 -33.15 38.07 -34.77
CA GLN B 758 -32.28 38.88 -33.96
C GLN B 758 -32.11 38.29 -32.59
N ARG B 759 -30.91 38.42 -32.03
CA ARG B 759 -30.66 38.06 -30.63
C ARG B 759 -29.97 39.22 -29.93
N VAL B 760 -30.62 39.73 -28.91
CA VAL B 760 -30.06 40.80 -28.08
C VAL B 760 -29.71 40.22 -26.72
N GLY B 761 -28.78 40.83 -26.00
CA GLY B 761 -28.40 40.31 -24.68
C GLY B 761 -27.58 41.25 -23.81
N TYR B 762 -28.04 41.45 -22.57
CA TYR B 762 -27.34 42.29 -21.59
C TYR B 762 -26.72 41.40 -20.54
N THR B 763 -25.43 41.60 -20.29
CA THR B 763 -24.62 40.64 -19.54
C THR B 763 -23.70 41.35 -18.54
N ALA B 764 -23.69 40.86 -17.31
CA ALA B 764 -22.74 41.31 -16.31
C ALA B 764 -21.33 41.25 -16.91
N GLY B 765 -20.55 42.29 -16.63
CA GLY B 765 -19.21 42.45 -17.21
C GLY B 765 -18.18 41.49 -16.63
N TYR B 766 -17.07 41.36 -17.33
CA TYR B 766 -15.99 40.50 -16.85
C TYR B 766 -15.27 41.17 -15.70
N LYS B 767 -14.68 40.36 -14.84
CA LYS B 767 -13.90 40.85 -13.72
C LYS B 767 -12.54 40.22 -13.78
N GLY B 768 -11.55 40.95 -14.26
CA GLY B 768 -10.22 40.38 -14.49
C GLY B 768 -9.36 40.38 -13.24
N TYR B 769 -8.49 39.37 -13.12
CA TYR B 769 -7.54 39.32 -12.02
C TYR B 769 -6.11 39.25 -12.52
N THR B 770 -5.24 39.87 -11.74
CA THR B 770 -3.82 39.99 -12.00
C THR B 770 -3.19 39.55 -10.69
N THR B 771 -2.01 38.96 -10.74
CA THR B 771 -1.37 38.47 -9.52
C THR B 771 -0.02 39.12 -9.27
N SER B 772 0.37 39.23 -8.01
CA SER B 772 1.67 39.78 -7.65
C SER B 772 2.79 38.81 -8.07
N SER B 773 3.69 39.29 -8.95
CA SER B 773 4.85 38.51 -9.45
C SER B 773 5.75 38.04 -8.33
N ILE B 774 5.76 38.84 -7.25
CA ILE B 774 6.55 38.60 -6.02
C ILE B 774 5.60 38.39 -4.83
N GLN B 775 5.85 37.34 -4.05
CA GLN B 775 4.97 37.04 -2.91
C GLN B 775 5.07 38.15 -1.86
N VAL B 776 3.92 38.58 -1.36
CA VAL B 776 3.89 39.57 -0.27
C VAL B 776 4.25 38.88 1.03
N GLN B 777 5.45 39.14 1.54
CA GLN B 777 5.91 38.50 2.77
C GLN B 777 5.21 39.01 4.03
N CYS B 778 4.93 38.09 4.93
CA CYS B 778 3.85 38.27 5.87
C CYS B 778 4.15 37.77 7.27
N PRO B 779 4.80 38.62 8.06
CA PRO B 779 4.48 38.96 9.44
C PRO B 779 4.12 40.47 9.48
N GLY B 780 5.00 41.33 8.97
CA GLY B 780 4.62 42.65 8.46
C GLY B 780 4.95 42.73 6.96
N GLY B 781 4.40 43.70 6.25
CA GLY B 781 4.52 43.78 4.78
C GLY B 781 3.21 43.91 4.00
N SER B 782 2.10 43.93 4.71
CA SER B 782 0.80 44.34 4.18
C SER B 782 -0.13 44.41 5.33
N SER B 783 -1.02 45.39 5.35
CA SER B 783 -1.91 45.54 6.50
C SER B 783 -2.99 44.45 6.54
N ALA B 784 -2.99 43.57 5.54
CA ALA B 784 -3.81 42.36 5.55
C ALA B 784 -3.19 41.19 6.33
N CYS B 785 -1.88 41.22 6.57
CA CYS B 785 -1.23 40.24 7.45
C CYS B 785 -1.86 40.13 8.84
N ASN B 786 -2.61 41.16 9.28
CA ASN B 786 -3.26 41.17 10.58
C ASN B 786 -4.50 40.32 10.64
N GLY B 787 -5.07 40.00 9.48
CA GLY B 787 -6.20 39.04 9.38
C GLY B 787 -5.88 37.68 9.97
N ASP B 788 -4.58 37.39 10.14
CA ASP B 788 -4.05 36.27 10.93
C ASP B 788 -2.69 36.69 11.49
N PRO B 789 -2.68 37.30 12.70
CA PRO B 789 -1.43 37.87 13.25
C PRO B 789 -0.33 36.83 13.38
N SER B 790 -0.72 35.61 13.72
CA SER B 790 0.19 34.49 13.87
C SER B 790 0.94 34.13 12.59
N PHE B 791 0.25 34.18 11.44
CA PHE B 791 0.80 33.65 10.18
C PHE B 791 2.18 34.19 9.90
N VAL B 792 3.05 33.32 9.38
CA VAL B 792 4.34 33.73 8.86
C VAL B 792 4.63 33.07 7.53
N GLY B 793 4.81 33.86 6.47
CA GLY B 793 5.42 33.29 5.27
C GLY B 793 5.03 33.70 3.86
N GLY B 794 4.37 34.82 3.66
CA GLY B 794 4.11 35.21 2.29
C GLY B 794 2.92 34.56 1.58
N ALA B 795 2.42 35.30 0.60
CA ALA B 795 1.07 35.16 0.09
C ALA B 795 1.00 36.01 -1.16
N THR B 796 0.33 35.50 -2.22
CA THR B 796 0.19 36.25 -3.46
C THR B 796 -1.15 37.01 -3.47
N GLU B 797 -1.09 38.26 -3.96
CA GLU B 797 -2.17 39.21 -3.84
C GLU B 797 -2.84 39.27 -5.16
N TYR B 798 -4.18 39.29 -5.18
CA TYR B 798 -4.95 39.32 -6.43
C TYR B 798 -5.49 40.74 -6.67
N PHE B 799 -5.30 41.27 -7.87
CA PHE B 799 -5.71 42.64 -8.21
C PHE B 799 -6.88 42.66 -9.20
N PRO B 800 -8.09 43.02 -8.72
CA PRO B 800 -9.24 43.03 -9.61
C PRO B 800 -9.30 44.25 -10.55
N THR B 801 -9.72 44.02 -11.79
CA THR B 801 -10.08 45.06 -12.75
C THR B 801 -11.50 44.75 -13.23
N GLN B 802 -12.45 45.53 -12.75
CA GLN B 802 -13.88 45.28 -13.00
C GLN B 802 -14.35 45.96 -14.29
N TYR B 803 -14.46 45.20 -15.38
CA TYR B 803 -14.90 45.72 -16.68
C TYR B 803 -16.43 45.87 -16.74
N ASP B 804 -16.92 46.67 -17.68
CA ASP B 804 -18.35 47.10 -17.68
C ASP B 804 -19.25 46.09 -18.32
N ASP B 805 -20.47 46.04 -17.82
CA ASP B 805 -21.51 45.20 -18.40
C ASP B 805 -21.72 45.60 -19.85
N PHE B 806 -22.08 44.61 -20.68
CA PHE B 806 -22.08 44.81 -22.11
C PHE B 806 -23.31 44.28 -22.81
N ILE B 807 -23.56 44.88 -23.97
CA ILE B 807 -24.69 44.54 -24.82
C ILE B 807 -24.19 43.72 -26.03
N SER B 808 -24.79 42.55 -26.21
CA SER B 808 -24.45 41.62 -27.29
C SER B 808 -25.59 41.73 -28.27
N TYR B 809 -25.31 41.61 -29.56
CA TYR B 809 -26.36 41.79 -30.57
C TYR B 809 -26.01 41.06 -31.85
N ASP B 810 -26.87 40.13 -32.23
CA ASP B 810 -26.63 39.28 -33.39
C ASP B 810 -27.79 39.35 -34.37
N TRP B 811 -27.48 39.28 -35.68
CA TRP B 811 -28.50 39.20 -36.74
C TRP B 811 -28.34 37.96 -37.64
N ARG B 812 -29.50 37.49 -38.13
CA ARG B 812 -29.61 36.48 -39.20
C ARG B 812 -30.73 36.79 -40.16
N PHE B 813 -30.36 36.99 -41.42
CA PHE B 813 -31.29 37.14 -42.52
C PHE B 813 -31.29 35.87 -43.32
N SER B 814 -32.47 35.46 -43.77
CA SER B 814 -32.53 34.38 -44.74
C SER B 814 -33.67 34.69 -45.71
N TYR B 815 -33.30 34.78 -46.98
CA TYR B 815 -34.25 35.02 -48.06
C TYR B 815 -34.31 33.78 -48.95
N SER B 816 -35.51 33.25 -49.14
CA SER B 816 -35.71 32.05 -49.96
C SER B 816 -36.23 32.50 -51.32
N GLN B 817 -36.04 31.65 -52.32
CA GLN B 817 -36.30 32.02 -53.71
C GLN B 817 -36.65 30.78 -54.55
N PRO B 818 -37.91 30.66 -55.01
CA PRO B 818 -38.18 29.48 -55.86
C PRO B 818 -37.41 29.52 -57.17
N VAL B 819 -37.18 28.34 -57.77
CA VAL B 819 -36.37 28.22 -58.99
C VAL B 819 -37.09 27.41 -60.06
N TYR B 820 -37.45 26.19 -59.67
CA TYR B 820 -38.48 25.43 -60.32
C TYR B 820 -39.61 25.57 -59.28
N LYS B 821 -40.65 24.76 -59.40
CA LYS B 821 -41.49 24.50 -58.23
C LYS B 821 -40.97 23.21 -57.62
N THR B 822 -41.37 22.94 -56.38
CA THR B 822 -40.72 21.96 -55.46
C THR B 822 -39.20 22.12 -55.25
N GLN B 823 -38.60 23.19 -55.78
CA GLN B 823 -37.22 23.59 -55.48
C GLN B 823 -37.12 25.04 -55.03
N THR B 824 -36.14 25.33 -54.17
CA THR B 824 -35.77 26.72 -53.85
C THR B 824 -34.26 26.93 -53.74
N LEU B 825 -33.88 28.20 -53.71
CA LEU B 825 -32.51 28.66 -53.54
C LEU B 825 -32.53 29.67 -52.39
N ASP B 826 -31.71 29.43 -51.36
CA ASP B 826 -31.76 30.21 -50.11
C ASP B 826 -30.48 30.99 -49.88
N ILE B 827 -30.63 32.26 -49.56
CA ILE B 827 -29.51 33.14 -49.23
C ILE B 827 -29.61 33.38 -47.73
N THR B 828 -28.49 33.24 -47.05
CA THR B 828 -28.42 33.34 -45.58
C THR B 828 -27.23 34.20 -45.15
N LEU B 829 -27.51 35.20 -44.32
CA LEU B 829 -26.49 36.14 -43.89
C LEU B 829 -26.50 36.34 -42.36
N ASP B 830 -25.32 36.24 -41.75
CA ASP B 830 -25.16 36.41 -40.32
C ASP B 830 -24.30 37.63 -40.07
N VAL B 831 -24.77 38.49 -39.20
CA VAL B 831 -23.94 39.56 -38.69
C VAL B 831 -23.87 39.28 -37.21
N LEU B 832 -22.65 39.02 -36.73
CA LEU B 832 -22.50 38.49 -35.39
C LEU B 832 -22.32 39.56 -34.31
N ASN B 833 -21.26 40.34 -34.32
CA ASN B 833 -21.21 41.41 -33.35
C ASN B 833 -21.69 42.68 -34.03
N VAL B 834 -22.99 42.90 -34.03
CA VAL B 834 -23.55 43.92 -34.90
C VAL B 834 -22.94 45.27 -34.63
N LEU B 835 -22.98 45.68 -33.37
CA LEU B 835 -22.45 46.99 -32.98
C LEU B 835 -20.92 47.02 -32.92
N ASP B 836 -20.28 45.88 -33.21
CA ASP B 836 -18.82 45.72 -33.15
C ASP B 836 -18.21 46.15 -31.83
N ASN B 837 -19.00 46.23 -30.76
CA ASN B 837 -18.50 46.82 -29.52
C ASN B 837 -17.50 45.88 -28.82
N VAL B 838 -16.57 46.47 -28.10
CA VAL B 838 -15.43 45.75 -27.56
C VAL B 838 -15.79 45.24 -26.18
N VAL B 839 -15.59 43.94 -25.94
CA VAL B 839 -15.80 43.41 -24.59
C VAL B 839 -14.67 42.51 -24.12
N GLU B 840 -14.29 42.68 -22.86
CA GLU B 840 -13.24 41.91 -22.25
C GLU B 840 -13.88 40.59 -21.87
N THR B 841 -13.25 39.49 -22.29
CA THR B 841 -13.69 38.13 -21.90
C THR B 841 -12.77 37.42 -20.91
N ASN B 842 -11.47 37.72 -20.94
CA ASN B 842 -10.52 36.99 -20.15
C ASN B 842 -9.26 37.79 -19.88
N GLN B 843 -8.71 37.65 -18.68
CA GLN B 843 -7.48 38.34 -18.31
C GLN B 843 -6.44 37.41 -17.71
N THR B 844 -5.19 37.55 -18.13
CA THR B 844 -4.16 36.67 -17.61
C THR B 844 -2.78 37.34 -17.57
N GLY B 845 -1.86 36.79 -16.76
CA GLY B 845 -0.54 37.40 -16.52
C GLY B 845 -0.43 37.91 -15.09
N THR B 846 0.79 38.30 -14.69
CA THR B 846 1.03 38.96 -13.40
C THR B 846 0.83 40.48 -13.57
N SER B 847 0.94 41.26 -12.50
CA SER B 847 0.78 42.75 -12.58
C SER B 847 1.94 43.38 -13.38
N ASN B 848 3.10 42.76 -13.24
CA ASN B 848 4.20 42.81 -14.19
C ASN B 848 3.75 43.07 -15.65
N LYS B 849 2.99 42.11 -16.21
CA LYS B 849 2.53 42.12 -17.61
C LYS B 849 1.11 41.56 -17.75
N PRO B 850 0.09 42.43 -17.65
CA PRO B 850 -1.29 41.99 -17.78
C PRO B 850 -1.71 41.92 -19.25
N ILE B 851 -2.46 40.88 -19.57
CA ILE B 851 -2.95 40.65 -20.94
C ILE B 851 -4.45 40.36 -20.93
N VAL B 852 -5.21 41.20 -21.65
CA VAL B 852 -6.64 41.07 -21.79
C VAL B 852 -7.01 40.57 -23.18
N ILE B 853 -8.05 39.73 -23.21
CA ILE B 853 -8.53 39.07 -24.40
C ILE B 853 -9.97 39.50 -24.60
N TYR B 854 -10.33 39.74 -25.86
CA TYR B 854 -11.62 40.33 -26.20
C TYR B 854 -12.54 39.39 -27.02
N LYS B 855 -13.85 39.65 -26.97
CA LYS B 855 -14.81 38.91 -27.79
C LYS B 855 -14.82 39.47 -29.19
N PRO B 856 -14.98 38.58 -30.19
CA PRO B 856 -14.86 38.92 -31.59
C PRO B 856 -15.66 40.14 -31.98
N GLY B 857 -15.06 41.03 -32.76
CA GLY B 857 -15.81 42.14 -33.31
C GLY B 857 -16.77 41.67 -34.40
N ARG B 858 -17.31 42.62 -35.16
CA ARG B 858 -18.34 42.31 -36.15
C ARG B 858 -17.84 41.26 -37.12
N GLN B 859 -18.68 40.24 -37.34
CA GLN B 859 -18.33 39.18 -38.26
C GLN B 859 -19.50 38.79 -39.15
N PHE B 860 -19.16 38.57 -40.42
CA PHE B 860 -20.11 38.25 -41.47
C PHE B 860 -19.96 36.79 -41.89
N TRP B 861 -21.08 36.07 -41.94
CA TRP B 861 -21.12 34.71 -42.48
C TRP B 861 -22.11 34.64 -43.62
N LEU B 862 -21.69 34.07 -44.75
CA LEU B 862 -22.55 34.03 -45.94
C LEU B 862 -22.88 32.60 -46.29
N GLY B 863 -24.17 32.31 -46.47
CA GLY B 863 -24.63 30.95 -46.86
C GLY B 863 -25.54 30.88 -48.08
N VAL B 864 -25.28 29.91 -48.97
CA VAL B 864 -26.11 29.65 -50.16
C VAL B 864 -26.59 28.19 -50.16
N ALA B 865 -27.91 28.00 -50.14
CA ALA B 865 -28.46 26.66 -50.13
C ALA B 865 -29.30 26.40 -51.36
N TYR B 866 -29.38 25.14 -51.77
CA TYR B 866 -30.24 24.75 -52.88
C TYR B 866 -31.02 23.50 -52.51
N THR B 867 -32.30 23.66 -52.19
CA THR B 867 -33.15 22.53 -51.77
C THR B 867 -34.00 21.92 -52.92
N TRP B 868 -34.58 20.72 -52.68
CA TRP B 868 -35.49 20.06 -53.65
C TRP B 868 -36.42 18.99 -53.03
N1 LDA C . 26.40 -18.72 6.17
N1 LDA C . 25.04 -22.47 3.57
O1 LDA C . 26.64 -17.81 6.99
O1 LDA C . 24.06 -22.35 4.33
CM1 LDA C . 25.61 -19.76 6.81
CM1 LDA C . 24.66 -23.23 2.37
CM2 LDA C . 27.67 -19.28 5.66
CM2 LDA C . 26.07 -23.19 4.31
C1 LDA C . 25.66 -18.11 5.06
C1 LDA C . 25.52 -21.15 3.17
C2 LDA C . 26.47 -18.10 3.77
C2 LDA C . 24.44 -20.33 2.48
C3 LDA C . 25.69 -17.35 2.69
C3 LDA C . 24.94 -18.90 2.20
C4 LDA C . 24.33 -18.00 2.44
C4 LDA C . 24.02 -17.82 2.76
C5 LDA C . 23.34 -17.04 1.77
C5 LDA C . 22.78 -17.60 1.89
C6 LDA C . 22.20 -16.65 2.71
C6 LDA C . 22.37 -16.12 1.84
C7 LDA C . 20.91 -16.34 1.94
C7 LDA C . 21.08 -15.83 2.59
C8 LDA C . 20.43 -14.93 2.23
C8 LDA C . 19.85 -15.89 1.67
C9 LDA C . 19.04 -14.68 1.68
C9 LDA C . 19.27 -14.52 1.41
C10 LDA C . 18.27 -13.78 2.65
C10 LDA C . 18.41 -14.06 2.59
C11 LDA C . 16.84 -13.54 2.21
C11 LDA C . 17.02 -13.61 2.17
C12 LDA C . 15.89 -14.11 3.23
C12 LDA C . 16.00 -14.05 3.18
N1 LDA D . 32.73 -15.56 7.57
O1 LDA D . 31.94 -14.68 7.96
CM1 LDA D . 33.55 -15.97 8.72
CM2 LDA D . 33.62 -15.00 6.54
C1 LDA D . 31.92 -16.74 7.14
C2 LDA D . 31.02 -16.56 5.89
C3 LDA D . 29.62 -16.05 6.21
C4 LDA D . 29.22 -14.89 5.29
C5 LDA D . 29.97 -13.62 5.68
C6 LDA D . 29.53 -12.38 4.89
C7 LDA D . 28.22 -11.81 5.39
C8 LDA D . 27.78 -10.67 4.48
C9 LDA D . 26.36 -10.21 4.81
C10 LDA D . 25.77 -9.31 3.73
C11 LDA D . 25.64 -7.85 4.19
C12 LDA D . 25.41 -6.87 3.06
C1 BOG E . 20.87 -24.73 4.96
O1 BOG E . 21.32 -23.50 4.32
C2 BOG E . 22.00 -25.74 5.26
O2 BOG E . 22.68 -26.08 4.06
C3 BOG E . 21.31 -26.97 5.81
O3 BOG E . 22.18 -28.08 5.99
C4 BOG E . 20.72 -26.52 7.13
O4 BOG E . 20.23 -27.70 7.75
C5 BOG E . 19.61 -25.49 6.97
O5 BOG E . 19.97 -24.40 6.09
C6 BOG E . 19.22 -24.81 8.27
O6 BOG E . 19.84 -23.52 8.32
C1' BOG E . 20.18 -22.70 3.97
C2' BOG E . 20.61 -21.57 3.05
C3' BOG E . 19.45 -21.05 2.21
C4' BOG E . 18.71 -19.93 2.91
C5' BOG E . 17.70 -19.28 1.98
C6' BOG E . 16.32 -19.32 2.61
C7' BOG E . 15.30 -18.61 1.74
C8' BOG E . 15.23 -17.16 2.08
C1 BOG F . -7.72 -37.32 11.33
O1 BOG F . -9.02 -36.72 11.43
C2 BOG F . -7.93 -38.65 10.56
O2 BOG F . -8.32 -39.69 11.46
C3 BOG F . -6.60 -39.01 9.82
O3 BOG F . -6.87 -39.86 8.71
C4 BOG F . -5.80 -37.77 9.35
O4 BOG F . -4.57 -38.16 8.71
C5 BOG F . -5.55 -36.85 10.55
O5 BOG F . -6.80 -36.26 10.99
C6 BOG F . -4.53 -35.73 10.35
O6 BOG F . -5.11 -34.64 9.65
C1' BOG F . -9.12 -35.68 12.43
C2' BOG F . -9.15 -34.29 11.81
C3' BOG F . -9.96 -33.31 12.69
C4' BOG F . -10.06 -31.89 12.11
C5' BOG F . -10.85 -30.97 13.04
C6' BOG F . -10.66 -29.47 12.71
C7' BOG F . -10.96 -28.55 13.90
C8' BOG F . -10.39 -27.15 13.73
C1 BOG G . -6.51 -15.60 46.21
O1 BOG G . -7.24 -14.64 45.42
C2 BOG G . -6.39 -17.07 45.72
O2 BOG G . -7.69 -17.69 45.67
C3 BOG G . -5.44 -17.92 46.55
O3 BOG G . -5.02 -19.06 45.76
C4 BOG G . -4.20 -17.19 47.04
O4 BOG G . -3.66 -17.96 48.11
C5 BOG G . -4.47 -15.76 47.52
O5 BOG G . -5.22 -15.03 46.54
C6 BOG G . -3.17 -15.01 47.87
O6 BOG G . -3.18 -14.56 49.23
C1' BOG G . -7.46 -13.32 45.92
C2' BOG G . -7.43 -12.36 44.73
C3' BOG G . -8.01 -11.00 45.07
C4' BOG G . -8.28 -10.16 43.81
C5' BOG G . -7.66 -8.76 43.88
C6' BOG G . -8.29 -7.77 42.87
C7' BOG G . -9.36 -6.89 43.51
C8' BOG G . -10.20 -6.10 42.51
C1 BOG H . -10.33 4.64 -40.04
O1 BOG H . -11.34 4.78 -41.12
C2 BOG H . -8.85 4.66 -40.35
O2 BOG H . -8.42 3.47 -41.02
C3 BOG H . -8.07 4.77 -39.04
O3 BOG H . -6.79 5.27 -39.41
C4 BOG H . -8.66 5.67 -37.95
O4 BOG H . -8.57 4.99 -36.70
C5 BOG H . -10.12 5.97 -38.15
O5 BOG H . -10.38 5.95 -39.54
C6 BOG H . -10.57 7.32 -37.61
O6 BOG H . -11.33 7.09 -36.44
C1' BOG H . -12.34 3.74 -41.01
C2' BOG H . -13.29 3.90 -42.20
C3' BOG H . -14.63 4.49 -41.81
C4' BOG H . -15.77 3.58 -42.21
C5' BOG H . -16.81 3.46 -41.10
C6' BOG H . -18.19 3.12 -41.68
C7' BOG H . -19.26 2.93 -40.60
C8' BOG H . -20.49 3.74 -40.90
#